data_6DLL
#
_entry.id   6DLL
#
_cell.length_a   65.041
_cell.length_b   152.300
_cell.length_c   88.636
_cell.angle_alpha   90.00
_cell.angle_beta   102.43
_cell.angle_gamma   90.00
#
_symmetry.space_group_name_H-M   'P 1 21 1'
#
loop_
_entity.id
_entity.type
_entity.pdbx_description
1 polymer 'p-hydroxybenzoate hydroxylase'
2 non-polymer 'FLAVIN-ADENINE DINUCLEOTIDE'
3 non-polymer 'CHLORIDE ION'
4 non-polymer 'FORMIC ACID'
5 water water
#
_entity_poly.entity_id   1
_entity_poly.type   'polypeptide(L)'
_entity_poly.pdbx_seq_one_letter_code
;SNAMKTQVAIIGAGPSGLLLGQLLHKAGIDNIIVERQTAEYVLGRIRAGVLEQGTVDLLREAGVAERMDREGLVHEGVEL
LVGGRRQRLDLKALTGGKTVMVYGQTEVTRDLMQAREASGAPIIYSAANVQPHELKGEKPYLTFEKDGRVQRIDCDYIAG
CDGFHGISRQSIPEGVLKQYERVYPFGWLGLLSDTPPVNHELIYAHHERGFALCSQRSQTRSRYYLQVPLQDRVEEWSDE
RFWDELKARLPAEVAADLVTGPALEKSIAPLRSLVVEPMQYGHLFLVGDAAHIVPPTGAKGLNLAASDVNYLYRILVKVY
HEGRVDLLAQYSPLALRRVWKGERFSWFMTQLLHDFGSHKDAWDQKMQEADREYFLTSPAGLVNIAENYVGLPFEEVA
;
_entity_poly.pdbx_strand_id   A,B,C,D
#
# COMPACT_ATOMS: atom_id res chain seq x y z
N ASN A 2 -26.64 -14.23 56.34
CA ASN A 2 -27.68 -13.70 55.41
C ASN A 2 -26.99 -12.80 54.37
N ALA A 3 -27.76 -12.31 53.39
CA ALA A 3 -27.18 -11.54 52.29
C ALA A 3 -27.08 -10.04 52.61
N MET A 4 -26.04 -9.41 52.06
CA MET A 4 -25.85 -7.97 52.19
CA MET A 4 -25.87 -7.98 52.21
C MET A 4 -26.79 -7.28 51.21
N LYS A 5 -27.37 -6.17 51.63
CA LYS A 5 -28.30 -5.45 50.80
C LYS A 5 -27.85 -3.99 50.62
N THR A 6 -27.91 -3.52 49.37
CA THR A 6 -27.55 -2.16 49.05
C THR A 6 -28.31 -1.73 47.78
N GLN A 7 -28.07 -0.49 47.34
CA GLN A 7 -28.73 0.05 46.16
C GLN A 7 -27.81 -0.16 44.95
N VAL A 8 -26.56 0.30 45.09
CA VAL A 8 -25.62 0.16 44.01
C VAL A 8 -24.42 -0.66 44.50
N ALA A 9 -24.18 -1.78 43.83
CA ALA A 9 -23.00 -2.58 44.11
C ALA A 9 -21.92 -2.13 43.14
N ILE A 10 -20.75 -1.83 43.67
CA ILE A 10 -19.61 -1.31 42.91
C ILE A 10 -18.46 -2.33 42.94
N ILE A 11 -18.02 -2.74 41.76
CA ILE A 11 -16.87 -3.67 41.61
C ILE A 11 -15.63 -2.83 41.29
N GLY A 12 -14.66 -2.83 42.22
CA GLY A 12 -13.40 -2.11 42.06
C GLY A 12 -13.30 -0.92 43.00
N ALA A 13 -12.18 -0.86 43.74
CA ALA A 13 -11.86 0.16 44.67
C ALA A 13 -10.70 1.01 44.15
N GLY A 14 -10.66 1.20 42.83
CA GLY A 14 -9.72 2.16 42.26
C GLY A 14 -10.39 3.54 42.27
N PRO A 15 -9.83 4.53 41.57
CA PRO A 15 -10.42 5.87 41.54
C PRO A 15 -11.89 5.92 41.10
N SER A 16 -12.25 5.18 40.04
CA SER A 16 -13.66 5.15 39.51
C SER A 16 -14.65 4.71 40.60
N GLY A 17 -14.40 3.51 41.16
CA GLY A 17 -15.28 2.94 42.16
C GLY A 17 -15.39 3.78 43.43
N LEU A 18 -14.27 4.31 43.91
CA LEU A 18 -14.28 5.10 45.15
C LEU A 18 -15.00 6.43 44.93
N LEU A 19 -14.72 7.08 43.80
CA LEU A 19 -15.31 8.39 43.55
C LEU A 19 -16.83 8.23 43.37
N LEU A 20 -17.25 7.19 42.64
CA LEU A 20 -18.68 6.95 42.42
C LEU A 20 -19.36 6.64 43.75
N GLY A 21 -18.70 5.81 44.57
CA GLY A 21 -19.23 5.42 45.88
C GLY A 21 -19.35 6.61 46.81
N GLN A 22 -18.33 7.48 46.81
CA GLN A 22 -18.31 8.67 47.66
C GLN A 22 -19.45 9.62 47.25
N LEU A 23 -19.55 9.89 45.95
CA LEU A 23 -20.59 10.78 45.48
C LEU A 23 -21.98 10.22 45.81
N LEU A 24 -22.21 8.93 45.49
CA LEU A 24 -23.50 8.30 45.74
C LEU A 24 -23.84 8.34 47.24
N HIS A 25 -22.89 7.94 48.10
CA HIS A 25 -23.12 7.93 49.54
C HIS A 25 -23.62 9.31 49.99
N LYS A 26 -22.92 10.37 49.55
CA LYS A 26 -23.27 11.74 49.93
C LYS A 26 -24.68 12.10 49.48
N ALA A 27 -25.10 11.58 48.32
CA ALA A 27 -26.44 11.88 47.80
C ALA A 27 -27.50 11.03 48.51
N GLY A 28 -27.08 10.20 49.47
CA GLY A 28 -28.00 9.31 50.21
C GLY A 28 -28.29 8.00 49.48
N ILE A 29 -27.47 7.65 48.49
CA ILE A 29 -27.66 6.38 47.75
C ILE A 29 -26.64 5.34 48.26
N ASP A 30 -27.15 4.29 48.91
CA ASP A 30 -26.32 3.24 49.54
C ASP A 30 -25.56 2.47 48.46
N ASN A 31 -24.33 2.10 48.81
CA ASN A 31 -23.49 1.39 47.90
C ASN A 31 -22.44 0.60 48.68
N ILE A 32 -22.09 -0.56 48.13
CA ILE A 32 -21.04 -1.41 48.68
C ILE A 32 -19.97 -1.57 47.58
N ILE A 33 -18.71 -1.45 47.96
CA ILE A 33 -17.61 -1.63 47.06
C ILE A 33 -16.92 -2.96 47.40
N VAL A 34 -16.62 -3.75 46.36
CA VAL A 34 -15.83 -4.99 46.52
C VAL A 34 -14.58 -4.86 45.66
N GLU A 35 -13.44 -5.23 46.26
CA GLU A 35 -12.12 -5.13 45.61
C GLU A 35 -11.38 -6.45 45.75
N ARG A 36 -10.78 -6.91 44.66
CA ARG A 36 -10.03 -8.17 44.62
C ARG A 36 -8.72 -8.04 45.41
N GLN A 37 -8.03 -6.90 45.28
CA GLN A 37 -6.72 -6.69 45.94
C GLN A 37 -6.93 -6.19 47.37
N THR A 38 -5.83 -6.10 48.13
CA THR A 38 -5.85 -5.50 49.50
C THR A 38 -5.79 -3.97 49.37
N ALA A 39 -6.11 -3.23 50.43
CA ALA A 39 -6.06 -1.75 50.33
C ALA A 39 -4.63 -1.25 50.04
N GLU A 40 -3.65 -1.87 50.71
N GLU A 40 -3.64 -1.88 50.69
CA GLU A 40 -2.23 -1.52 50.57
CA GLU A 40 -2.25 -1.44 50.54
C GLU A 40 -1.80 -1.64 49.10
C GLU A 40 -1.80 -1.64 49.09
N TYR A 41 -2.20 -2.75 48.47
CA TYR A 41 -1.78 -3.02 47.09
C TYR A 41 -2.32 -1.93 46.14
N VAL A 42 -3.57 -1.50 46.37
CA VAL A 42 -4.19 -0.47 45.51
C VAL A 42 -3.38 0.84 45.62
N LEU A 43 -2.93 1.15 46.83
CA LEU A 43 -2.15 2.37 47.11
C LEU A 43 -0.75 2.29 46.49
N GLY A 44 -0.27 1.07 46.24
CA GLY A 44 1.05 0.89 45.66
C GLY A 44 1.11 1.28 44.20
N ARG A 45 -0.04 1.49 43.56
CA ARG A 45 -0.01 1.79 42.12
C ARG A 45 0.37 3.28 41.89
N ILE A 46 1.33 3.48 40.95
CA ILE A 46 1.84 4.78 40.49
C ILE A 46 1.32 5.02 39.08
N ARG A 47 0.36 5.96 38.90
CA ARG A 47 -0.17 6.16 37.54
C ARG A 47 -0.29 7.65 37.20
N ALA A 48 -1.52 8.09 36.95
CA ALA A 48 -1.83 9.44 36.52
C ALA A 48 -1.27 10.50 37.49
N GLY A 49 -1.23 11.75 37.00
CA GLY A 49 -0.81 12.86 37.77
C GLY A 49 -1.52 14.14 37.35
N VAL A 50 -2.18 14.15 36.18
CA VAL A 50 -2.80 15.37 35.67
C VAL A 50 -4.34 15.28 35.69
N LEU A 51 -4.95 16.23 36.40
CA LEU A 51 -6.41 16.27 36.57
C LEU A 51 -7.03 17.48 35.86
N GLU A 52 -8.09 17.22 35.11
CA GLU A 52 -8.83 18.31 34.49
C GLU A 52 -9.74 18.94 35.56
N GLN A 53 -10.15 20.17 35.32
CA GLN A 53 -11.00 20.89 36.26
C GLN A 53 -12.29 20.10 36.52
N GLY A 54 -12.86 19.47 35.51
CA GLY A 54 -14.05 18.62 35.76
C GLY A 54 -13.78 17.59 36.85
N THR A 55 -12.60 16.97 36.83
CA THR A 55 -12.25 15.98 37.83
C THR A 55 -12.02 16.68 39.18
N VAL A 56 -11.37 17.84 39.15
CA VAL A 56 -11.13 18.62 40.39
C VAL A 56 -12.49 19.01 40.98
N ASP A 57 -13.41 19.46 40.13
CA ASP A 57 -14.74 19.91 40.62
C ASP A 57 -15.48 18.74 41.30
N LEU A 58 -15.35 17.56 40.70
CA LEU A 58 -16.03 16.38 41.16
C LEU A 58 -15.52 15.96 42.55
N LEU A 59 -14.20 16.06 42.76
CA LEU A 59 -13.60 15.69 44.02
C LEU A 59 -14.02 16.69 45.10
N ARG A 60 -14.15 17.98 44.75
CA ARG A 60 -14.62 19.01 45.70
C ARG A 60 -16.10 18.70 45.99
N GLU A 61 -16.87 18.32 44.98
CA GLU A 61 -18.28 18.01 45.21
C GLU A 61 -18.39 16.77 46.11
N ALA A 62 -17.42 15.86 46.01
CA ALA A 62 -17.48 14.62 46.80
C ALA A 62 -16.97 14.84 48.23
N GLY A 63 -16.48 16.04 48.53
CA GLY A 63 -15.95 16.42 49.88
C GLY A 63 -14.60 15.78 50.22
N VAL A 64 -13.83 15.47 49.17
N VAL A 64 -13.69 15.57 49.26
CA VAL A 64 -12.52 14.85 49.28
CA VAL A 64 -12.40 14.92 49.62
C VAL A 64 -11.52 15.68 48.46
C VAL A 64 -11.20 15.76 49.13
N ALA A 65 -11.47 16.99 48.73
CA ALA A 65 -10.52 17.84 48.04
C ALA A 65 -9.54 18.57 48.98
N GLU A 66 -9.75 18.46 50.29
CA GLU A 66 -8.92 19.22 51.23
C GLU A 66 -7.41 19.02 50.95
N ARG A 67 -6.95 17.77 50.86
CA ARG A 67 -5.49 17.55 50.74
C ARG A 67 -5.01 17.98 49.34
N MET A 68 -5.82 17.71 48.31
CA MET A 68 -5.49 18.12 46.95
C MET A 68 -5.33 19.64 46.87
N ASP A 69 -6.27 20.37 47.49
CA ASP A 69 -6.26 21.83 47.41
C ASP A 69 -5.03 22.37 48.15
N ARG A 70 -4.50 21.58 49.07
CA ARG A 70 -3.36 22.00 49.86
C ARG A 70 -2.04 21.59 49.18
N GLU A 71 -1.96 20.35 48.64
CA GLU A 71 -0.66 19.85 48.13
C GLU A 71 -0.60 19.83 46.59
N GLY A 72 -1.74 19.75 45.92
CA GLY A 72 -1.74 19.76 44.45
C GLY A 72 -1.19 21.07 43.89
N LEU A 73 -0.69 21.04 42.65
CA LEU A 73 -0.13 22.25 42.00
C LEU A 73 -0.89 22.56 40.72
N VAL A 74 -1.41 23.80 40.64
CA VAL A 74 -2.13 24.27 39.47
C VAL A 74 -1.10 24.65 38.41
N HIS A 75 -1.25 24.08 37.21
CA HIS A 75 -0.39 24.33 36.11
C HIS A 75 -1.17 25.16 35.08
N GLU A 76 -0.60 26.30 34.68
CA GLU A 76 -1.23 27.22 33.74
C GLU A 76 -0.79 26.92 32.30
N GLY A 77 0.23 26.07 32.15
CA GLY A 77 0.67 25.72 30.83
C GLY A 77 1.39 24.39 30.80
N VAL A 78 1.71 23.95 29.59
CA VAL A 78 2.40 22.75 29.28
C VAL A 78 3.29 23.07 28.07
N GLU A 79 4.43 22.38 27.94
CA GLU A 79 5.33 22.64 26.82
C GLU A 79 5.36 21.43 25.88
N LEU A 80 5.41 21.73 24.58
CA LEU A 80 5.59 20.75 23.53
C LEU A 80 6.93 21.09 22.88
N LEU A 81 7.74 20.06 22.67
CA LEU A 81 9.09 20.24 22.23
C LEU A 81 9.34 19.40 20.96
N VAL A 82 9.73 20.09 19.88
CA VAL A 82 9.99 19.49 18.55
C VAL A 82 11.29 20.08 17.97
N GLY A 83 12.26 19.22 17.67
N GLY A 83 12.25 19.22 17.67
CA GLY A 83 13.52 19.62 17.03
CA GLY A 83 13.53 19.66 17.19
C GLY A 83 14.18 20.83 17.67
C GLY A 83 14.18 20.57 18.23
N GLY A 84 14.30 20.80 19.01
N GLY A 84 14.38 21.84 17.86
CA GLY A 84 14.95 21.88 19.75
CA GLY A 84 14.97 22.80 18.76
C GLY A 84 14.00 22.99 20.13
C GLY A 84 13.99 23.91 19.12
N ARG A 85 12.96 23.20 19.31
N ARG A 85 12.70 23.58 19.12
CA ARG A 85 12.00 24.26 19.56
CA ARG A 85 11.69 24.58 19.47
C ARG A 85 11.18 23.96 20.81
C ARG A 85 10.91 24.10 20.71
N ARG A 86 10.93 24.99 21.62
N ARG A 86 10.79 25.00 21.69
CA ARG A 86 10.03 24.89 22.75
CA ARG A 86 9.99 24.78 22.89
C ARG A 86 8.79 25.74 22.45
C ARG A 86 8.77 25.70 22.80
N GLN A 87 7.62 25.12 22.44
CA GLN A 87 6.39 25.87 22.27
C GLN A 87 5.57 25.72 23.56
N ARG A 88 5.54 26.79 24.37
CA ARG A 88 4.73 26.77 25.56
C ARG A 88 3.27 26.99 25.16
N LEU A 89 2.37 26.18 25.69
CA LEU A 89 0.92 26.41 25.54
C LEU A 89 0.44 27.08 26.81
N ASP A 90 -0.01 28.33 26.70
CA ASP A 90 -0.57 29.02 27.85
C ASP A 90 -2.03 28.58 27.93
N LEU A 91 -2.28 27.49 28.66
CA LEU A 91 -3.62 26.89 28.71
C LEU A 91 -4.65 27.95 29.14
N LYS A 92 -4.27 28.72 30.16
CA LYS A 92 -5.17 29.71 30.74
C LYS A 92 -5.56 30.76 29.69
N ALA A 93 -4.57 31.32 28.99
CA ALA A 93 -4.78 32.35 27.97
C ALA A 93 -5.53 31.80 26.75
N LEU A 94 -5.23 30.54 26.38
CA LEU A 94 -5.80 29.95 25.15
C LEU A 94 -7.20 29.40 25.39
N THR A 95 -7.58 29.08 26.64
CA THR A 95 -8.87 28.43 26.84
C THR A 95 -9.85 29.33 27.60
N GLY A 96 -9.43 30.56 27.90
CA GLY A 96 -10.30 31.45 28.65
C GLY A 96 -10.30 31.16 30.14
N GLY A 97 -9.13 30.84 30.71
CA GLY A 97 -8.99 30.69 32.15
C GLY A 97 -8.88 29.26 32.68
N LYS A 98 -8.97 28.25 31.80
CA LYS A 98 -8.92 26.86 32.30
C LYS A 98 -7.46 26.47 32.57
N THR A 99 -7.28 25.65 33.60
CA THR A 99 -5.98 25.14 34.03
C THR A 99 -6.07 23.64 34.28
N VAL A 100 -4.95 23.03 34.67
CA VAL A 100 -4.95 21.63 35.04
C VAL A 100 -4.26 21.54 36.41
N MET A 101 -4.60 20.50 37.14
CA MET A 101 -4.10 20.24 38.46
C MET A 101 -3.18 19.00 38.43
N VAL A 102 -1.94 19.15 38.92
CA VAL A 102 -0.98 18.05 39.06
C VAL A 102 -1.03 17.57 40.51
N TYR A 103 -1.56 16.36 40.70
CA TYR A 103 -1.75 15.72 42.01
C TYR A 103 -1.90 14.24 41.69
N GLY A 104 -1.05 13.42 42.30
CA GLY A 104 -0.92 11.97 41.97
C GLY A 104 -2.21 11.18 42.09
N GLN A 105 -2.37 10.21 41.19
CA GLN A 105 -3.55 9.34 41.27
C GLN A 105 -3.53 8.58 42.60
N THR A 106 -2.34 8.21 43.04
CA THR A 106 -2.19 7.52 44.33
C THR A 106 -2.70 8.41 45.48
N GLU A 107 -2.37 9.71 45.44
CA GLU A 107 -2.82 10.65 46.48
C GLU A 107 -4.35 10.75 46.47
N VAL A 108 -4.94 10.93 45.28
CA VAL A 108 -6.41 10.99 45.10
C VAL A 108 -7.03 9.70 45.67
N THR A 109 -6.43 8.55 45.31
CA THR A 109 -6.95 7.25 45.74
C THR A 109 -6.89 7.17 47.28
N ARG A 110 -5.77 7.61 47.86
CA ARG A 110 -5.58 7.58 49.31
CA ARG A 110 -5.59 7.55 49.32
C ARG A 110 -6.65 8.44 50.00
N ASP A 111 -6.84 9.65 49.47
CA ASP A 111 -7.80 10.57 50.05
C ASP A 111 -9.20 9.96 50.01
N LEU A 112 -9.59 9.37 48.88
CA LEU A 112 -10.91 8.75 48.74
C LEU A 112 -11.07 7.60 49.75
N MET A 113 -10.03 6.78 49.88
CA MET A 113 -10.07 5.63 50.80
C MET A 113 -10.26 6.11 52.25
N GLN A 114 -9.59 7.21 52.62
CA GLN A 114 -9.70 7.75 53.99
C GLN A 114 -11.11 8.31 54.24
N ALA A 115 -11.69 8.91 53.20
CA ALA A 115 -13.02 9.51 53.32
C ALA A 115 -14.07 8.40 53.46
N ARG A 116 -13.87 7.27 52.78
CA ARG A 116 -14.88 6.21 52.88
C ARG A 116 -14.78 5.56 54.26
N GLU A 117 -13.54 5.44 54.76
CA GLU A 117 -13.32 4.88 56.09
C GLU A 117 -14.03 5.77 57.11
N ALA A 118 -13.89 7.10 56.97
CA ALA A 118 -14.50 8.01 57.94
C ALA A 118 -16.03 7.94 57.87
N SER A 119 -16.60 7.68 56.67
CA SER A 119 -18.07 7.66 56.50
C SER A 119 -18.67 6.31 56.91
N GLY A 120 -17.87 5.26 56.88
CA GLY A 120 -18.33 3.89 57.22
C GLY A 120 -19.10 3.22 56.09
N ALA A 121 -19.16 3.86 54.92
CA ALA A 121 -19.80 3.24 53.75
C ALA A 121 -19.07 1.92 53.47
N PRO A 122 -19.78 0.77 53.42
CA PRO A 122 -19.10 -0.53 53.34
C PRO A 122 -18.20 -0.73 52.12
N ILE A 123 -17.03 -1.32 52.38
CA ILE A 123 -16.04 -1.65 51.36
C ILE A 123 -15.37 -2.95 51.79
N ILE A 124 -15.23 -3.90 50.85
CA ILE A 124 -14.68 -5.20 51.14
C ILE A 124 -13.49 -5.46 50.23
N TYR A 125 -12.31 -5.57 50.87
CA TYR A 125 -11.08 -5.87 50.19
C TYR A 125 -10.88 -7.40 50.20
N SER A 126 -9.99 -7.86 49.32
CA SER A 126 -9.67 -9.28 49.19
C SER A 126 -10.95 -10.08 48.91
N ALA A 127 -11.81 -9.51 48.05
CA ALA A 127 -13.02 -10.18 47.56
C ALA A 127 -12.63 -10.97 46.31
N ALA A 128 -12.51 -12.30 46.47
CA ALA A 128 -12.10 -13.16 45.37
C ALA A 128 -13.31 -13.62 44.56
N ASN A 129 -13.03 -13.86 43.29
CA ASN A 129 -13.97 -14.42 42.35
C ASN A 129 -15.32 -13.69 42.42
N VAL A 130 -15.26 -12.36 42.43
CA VAL A 130 -16.46 -11.56 42.36
C VAL A 130 -17.10 -11.87 41.00
N GLN A 131 -18.43 -12.11 41.02
CA GLN A 131 -19.20 -12.44 39.83
C GLN A 131 -20.57 -11.75 39.92
N PRO A 132 -21.00 -11.04 38.86
CA PRO A 132 -22.35 -10.45 38.83
C PRO A 132 -23.34 -11.44 38.20
N HIS A 133 -24.62 -11.34 38.58
CA HIS A 133 -25.67 -12.25 38.13
C HIS A 133 -26.98 -11.49 37.91
N GLU A 134 -27.85 -12.06 37.07
CA GLU A 134 -29.18 -11.51 36.81
C GLU A 134 -29.05 -10.04 36.40
N LEU A 135 -28.24 -9.81 35.38
CA LEU A 135 -27.92 -8.48 34.91
C LEU A 135 -29.18 -7.72 34.44
N LYS A 136 -30.12 -8.42 33.79
CA LYS A 136 -31.32 -7.76 33.27
C LYS A 136 -32.49 -7.85 34.25
N GLY A 137 -32.41 -8.76 35.23
CA GLY A 137 -33.49 -8.89 36.21
C GLY A 137 -33.67 -7.61 37.01
N GLU A 138 -34.66 -7.60 37.90
CA GLU A 138 -34.91 -6.42 38.73
C GLU A 138 -34.10 -6.51 40.02
N LYS A 139 -33.58 -7.72 40.31
CA LYS A 139 -32.81 -7.98 41.52
C LYS A 139 -31.40 -8.48 41.19
N PRO A 140 -30.56 -7.70 40.49
CA PRO A 140 -29.19 -8.14 40.20
C PRO A 140 -28.42 -8.38 41.51
N TYR A 141 -27.33 -9.15 41.43
CA TYR A 141 -26.58 -9.42 42.64
C TYR A 141 -25.15 -9.83 42.29
N LEU A 142 -24.29 -9.76 43.31
CA LEU A 142 -22.91 -10.19 43.23
C LEU A 142 -22.70 -11.35 44.20
N THR A 143 -21.77 -12.24 43.84
CA THR A 143 -21.24 -13.24 44.76
C THR A 143 -19.73 -13.07 44.76
N PHE A 144 -19.11 -13.46 45.87
CA PHE A 144 -17.65 -13.40 46.00
C PHE A 144 -17.26 -14.31 47.16
N GLU A 145 -15.96 -14.63 47.25
CA GLU A 145 -15.47 -15.51 48.31
C GLU A 145 -14.48 -14.73 49.18
N LYS A 146 -14.65 -14.85 50.49
CA LYS A 146 -13.73 -14.24 51.42
C LYS A 146 -13.78 -14.96 52.77
N ASP A 147 -12.59 -15.20 53.34
CA ASP A 147 -12.44 -15.84 54.65
C ASP A 147 -13.15 -17.20 54.64
N GLY A 148 -12.96 -17.93 53.53
CA GLY A 148 -13.46 -19.29 53.35
C GLY A 148 -14.96 -19.41 53.11
N ARG A 149 -15.66 -18.28 52.91
CA ARG A 149 -17.11 -18.41 52.69
C ARG A 149 -17.56 -17.54 51.51
N VAL A 150 -18.62 -18.02 50.85
CA VAL A 150 -19.25 -17.34 49.74
C VAL A 150 -20.21 -16.31 50.34
N GLN A 151 -20.15 -15.07 49.83
CA GLN A 151 -21.00 -13.97 50.30
CA GLN A 151 -21.01 -13.99 50.30
C GLN A 151 -21.79 -13.44 49.11
N ARG A 152 -22.94 -12.83 49.40
CA ARG A 152 -23.78 -12.28 48.38
C ARG A 152 -24.18 -10.83 48.69
N ILE A 153 -24.28 -10.02 47.63
CA ILE A 153 -24.74 -8.64 47.73
C ILE A 153 -25.91 -8.45 46.76
N ASP A 154 -27.10 -8.20 47.32
CA ASP A 154 -28.28 -7.91 46.56
C ASP A 154 -28.30 -6.39 46.33
N CYS A 155 -28.59 -5.98 45.10
CA CYS A 155 -28.58 -4.58 44.75
C CYS A 155 -29.59 -4.29 43.64
N ASP A 156 -29.72 -2.99 43.30
CA ASP A 156 -30.59 -2.54 42.22
C ASP A 156 -29.76 -2.37 40.95
N TYR A 157 -28.52 -1.90 41.10
CA TYR A 157 -27.65 -1.67 39.95
C TYR A 157 -26.21 -2.05 40.31
N ILE A 158 -25.46 -2.51 39.30
CA ILE A 158 -24.06 -2.87 39.45
C ILE A 158 -23.22 -1.90 38.60
N ALA A 159 -22.18 -1.33 39.23
CA ALA A 159 -21.21 -0.47 38.57
C ALA A 159 -19.90 -1.24 38.45
N GLY A 160 -19.54 -1.56 37.21
CA GLY A 160 -18.28 -2.22 36.94
C GLY A 160 -17.17 -1.19 36.83
N CYS A 161 -16.45 -1.01 37.94
CA CYS A 161 -15.33 -0.05 37.99
C CYS A 161 -14.06 -0.86 38.24
N ASP A 162 -13.94 -1.99 37.51
CA ASP A 162 -12.94 -2.97 37.79
C ASP A 162 -11.79 -2.96 36.76
N GLY A 163 -11.67 -1.89 35.98
CA GLY A 163 -10.47 -1.71 35.16
C GLY A 163 -10.35 -2.63 33.95
N PHE A 164 -9.17 -2.57 33.32
CA PHE A 164 -8.89 -3.24 32.04
C PHE A 164 -9.05 -4.77 32.16
N HIS A 165 -8.70 -5.32 33.33
CA HIS A 165 -8.73 -6.77 33.59
C HIS A 165 -9.90 -7.17 34.50
N GLY A 166 -10.95 -6.35 34.51
CA GLY A 166 -12.10 -6.61 35.35
C GLY A 166 -12.92 -7.81 34.90
N ILE A 167 -13.93 -8.13 35.69
CA ILE A 167 -14.86 -9.21 35.39
C ILE A 167 -16.15 -8.68 34.74
N SER A 168 -16.50 -7.42 35.03
N SER A 168 -16.51 -7.42 35.02
CA SER A 168 -17.77 -6.84 34.57
CA SER A 168 -17.79 -6.84 34.58
C SER A 168 -17.96 -6.97 33.06
C SER A 168 -17.97 -6.94 33.06
N ARG A 169 -16.98 -6.49 32.29
CA ARG A 169 -17.01 -6.50 30.84
C ARG A 169 -17.23 -7.92 30.29
N GLN A 170 -16.54 -8.90 30.90
CA GLN A 170 -16.61 -10.31 30.48
C GLN A 170 -17.94 -10.97 30.93
N SER A 171 -18.73 -10.27 31.75
CA SER A 171 -19.97 -10.90 32.27
C SER A 171 -21.17 -10.68 31.34
N ILE A 172 -21.04 -9.75 30.40
CA ILE A 172 -22.10 -9.39 29.50
C ILE A 172 -22.17 -10.44 28.39
N PRO A 173 -23.39 -10.89 28.00
CA PRO A 173 -23.53 -11.93 26.99
C PRO A 173 -22.79 -11.64 25.67
N GLU A 174 -22.28 -12.72 25.07
CA GLU A 174 -21.51 -12.76 23.82
C GLU A 174 -22.17 -11.94 22.71
N GLY A 175 -21.35 -11.06 22.11
CA GLY A 175 -21.72 -10.28 20.98
C GLY A 175 -22.36 -8.95 21.30
N VAL A 176 -22.80 -8.73 22.54
CA VAL A 176 -23.46 -7.46 22.87
C VAL A 176 -22.43 -6.33 22.73
N LEU A 177 -21.23 -6.56 23.27
CA LEU A 177 -20.22 -5.53 23.25
C LEU A 177 -19.38 -5.60 21.97
N LYS A 178 -19.06 -4.42 21.45
CA LYS A 178 -18.15 -4.28 20.32
C LYS A 178 -16.92 -3.51 20.82
N GLN A 179 -15.75 -4.02 20.45
CA GLN A 179 -14.49 -3.50 20.87
C GLN A 179 -13.78 -2.83 19.69
N TYR A 180 -13.45 -1.55 19.85
CA TYR A 180 -12.66 -0.73 18.91
C TYR A 180 -11.27 -0.57 19.51
N GLU A 181 -10.21 -0.90 18.75
CA GLU A 181 -8.88 -0.90 19.36
C GLU A 181 -7.77 -0.56 18.36
N ARG A 182 -6.76 0.13 18.89
CA ARG A 182 -5.54 0.45 18.24
C ARG A 182 -4.43 0.17 19.26
N VAL A 183 -3.59 -0.82 18.94
CA VAL A 183 -2.47 -1.25 19.76
C VAL A 183 -1.23 -0.54 19.22
N TYR A 184 -0.56 0.24 20.06
CA TYR A 184 0.63 0.99 19.64
C TYR A 184 1.85 0.09 19.73
N PRO A 185 2.82 0.25 18.80
CA PRO A 185 4.03 -0.57 18.80
C PRO A 185 5.04 -0.09 19.84
N PHE A 186 4.54 0.47 20.95
CA PHE A 186 5.46 0.92 21.97
C PHE A 186 4.74 1.00 23.31
N GLY A 187 5.54 1.09 24.37
CA GLY A 187 5.09 1.34 25.73
C GLY A 187 5.81 2.55 26.31
N TRP A 188 5.45 2.94 27.53
CA TRP A 188 6.09 4.01 28.26
C TRP A 188 6.81 3.42 29.46
N LEU A 189 8.14 3.63 29.47
CA LEU A 189 8.95 3.28 30.58
C LEU A 189 8.95 4.52 31.48
N GLY A 190 8.37 4.40 32.68
CA GLY A 190 8.27 5.48 33.62
C GLY A 190 9.23 5.32 34.77
N LEU A 191 9.77 6.45 35.23
CA LEU A 191 10.63 6.44 36.37
C LEU A 191 10.26 7.60 37.29
N LEU A 192 9.90 7.24 38.53
CA LEU A 192 9.57 8.17 39.59
C LEU A 192 10.86 8.39 40.41
N SER A 193 11.25 9.66 40.56
N SER A 193 11.29 9.67 40.54
CA SER A 193 12.49 10.01 41.25
CA SER A 193 12.52 9.99 41.26
C SER A 193 12.26 11.11 42.30
C SER A 193 12.28 11.12 42.27
N ASP A 194 13.08 11.06 43.35
CA ASP A 194 13.03 12.04 44.42
C ASP A 194 14.09 13.11 44.06
N THR A 195 13.75 13.90 43.05
CA THR A 195 14.61 14.94 42.47
C THR A 195 13.74 16.10 41.99
N PRO A 196 14.26 17.34 41.84
CA PRO A 196 13.43 18.43 41.35
C PRO A 196 13.15 18.21 39.87
N PRO A 197 11.90 18.44 39.41
CA PRO A 197 11.59 18.32 37.99
C PRO A 197 12.50 19.28 37.21
N VAL A 198 12.79 18.92 35.96
CA VAL A 198 13.68 19.72 35.13
C VAL A 198 12.98 21.03 34.73
N ASN A 199 11.66 21.09 34.89
CA ASN A 199 10.85 22.24 34.51
C ASN A 199 9.61 22.25 35.42
N HIS A 200 9.05 23.45 35.63
CA HIS A 200 7.90 23.63 36.54
C HIS A 200 6.61 23.20 35.85
N GLU A 201 6.68 23.01 34.53
CA GLU A 201 5.55 22.58 33.73
C GLU A 201 5.96 21.31 32.97
N LEU A 202 4.98 20.50 32.60
CA LEU A 202 5.26 19.29 31.83
C LEU A 202 5.86 19.65 30.48
N ILE A 203 6.76 18.77 30.01
CA ILE A 203 7.39 18.89 28.75
C ILE A 203 7.17 17.57 27.98
N TYR A 204 6.42 17.67 26.88
CA TYR A 204 6.18 16.60 25.94
C TYR A 204 7.18 16.80 24.81
N ALA A 205 8.17 15.89 24.72
CA ALA A 205 9.25 16.01 23.78
C ALA A 205 9.20 14.92 22.70
N HIS A 206 9.14 15.38 21.46
CA HIS A 206 9.35 14.53 20.32
C HIS A 206 10.83 14.60 20.00
N HIS A 207 11.44 13.45 19.68
CA HIS A 207 12.85 13.40 19.31
C HIS A 207 13.04 12.29 18.29
N GLU A 208 14.04 12.46 17.42
CA GLU A 208 14.34 11.46 16.39
C GLU A 208 14.41 10.08 17.07
N ARG A 209 15.00 10.03 18.28
CA ARG A 209 15.21 8.78 19.04
C ARG A 209 13.92 8.28 19.70
N GLY A 210 12.89 9.13 19.76
CA GLY A 210 11.63 8.71 20.37
C GLY A 210 11.11 9.75 21.35
N PHE A 211 9.87 9.53 21.79
CA PHE A 211 9.15 10.40 22.67
C PHE A 211 9.69 10.34 24.12
N ALA A 212 9.67 11.50 24.76
CA ALA A 212 9.96 11.60 26.19
C ALA A 212 8.98 12.59 26.81
N LEU A 213 8.60 12.34 28.07
CA LEU A 213 7.73 13.22 28.82
C LEU A 213 8.40 13.56 30.15
N CYS A 214 8.64 14.86 30.36
CA CYS A 214 9.17 15.36 31.63
C CYS A 214 7.97 15.82 32.46
N SER A 215 7.65 15.04 33.49
CA SER A 215 6.49 15.31 34.32
C SER A 215 6.90 15.33 35.80
N GLN A 216 5.91 15.26 36.67
CA GLN A 216 6.16 15.37 38.10
C GLN A 216 4.90 15.03 38.90
N ARG A 217 5.11 14.79 40.19
N ARG A 217 5.09 14.76 40.19
CA ARG A 217 4.04 14.49 41.13
CA ARG A 217 3.96 14.53 41.12
C ARG A 217 3.96 15.61 42.17
C ARG A 217 3.94 15.65 42.18
N SER A 218 5.08 16.32 42.35
CA SER A 218 5.20 17.47 43.28
C SER A 218 6.43 18.28 42.87
N GLN A 219 6.86 19.20 43.75
CA GLN A 219 8.06 20.01 43.49
C GLN A 219 9.31 19.23 43.91
N THR A 220 9.10 18.16 44.68
CA THR A 220 10.24 17.34 45.15
C THR A 220 10.21 15.93 44.51
N ARG A 221 9.25 15.66 43.63
CA ARG A 221 9.15 14.32 43.04
C ARG A 221 8.89 14.39 41.53
N SER A 222 9.84 13.82 40.77
CA SER A 222 9.74 13.86 39.34
C SER A 222 9.26 12.52 38.80
N ARG A 223 8.59 12.58 37.65
CA ARG A 223 8.13 11.43 36.92
C ARG A 223 8.51 11.64 35.46
N TYR A 224 9.40 10.78 34.93
CA TYR A 224 9.83 10.85 33.54
C TYR A 224 9.39 9.59 32.81
N TYR A 225 9.10 9.75 31.52
CA TYR A 225 8.70 8.64 30.67
C TYR A 225 9.47 8.66 29.36
N LEU A 226 9.75 7.46 28.84
CA LEU A 226 10.42 7.25 27.54
C LEU A 226 9.61 6.23 26.75
N GLN A 227 9.36 6.48 25.45
CA GLN A 227 8.70 5.45 24.70
C GLN A 227 9.74 4.33 24.54
N VAL A 228 9.30 3.07 24.59
CA VAL A 228 10.19 1.91 24.37
C VAL A 228 9.44 0.85 23.57
N PRO A 229 10.14 -0.01 22.77
CA PRO A 229 9.47 -1.05 22.00
C PRO A 229 8.74 -2.04 22.92
N LEU A 230 7.75 -2.74 22.37
CA LEU A 230 6.95 -3.69 23.14
C LEU A 230 7.82 -4.85 23.67
N GLN A 231 8.91 -5.20 23.00
CA GLN A 231 9.77 -6.31 23.48
C GLN A 231 10.44 -5.99 24.81
N ASP A 232 10.69 -4.69 25.07
CA ASP A 232 11.49 -4.29 26.19
C ASP A 232 10.88 -4.73 27.52
N ARG A 233 11.80 -5.07 28.43
CA ARG A 233 11.48 -5.45 29.78
C ARG A 233 12.17 -4.45 30.69
N VAL A 234 11.56 -4.16 31.84
CA VAL A 234 12.08 -3.14 32.72
C VAL A 234 13.47 -3.56 33.22
N GLU A 235 13.69 -4.88 33.36
CA GLU A 235 14.98 -5.34 33.86
C GLU A 235 16.10 -5.04 32.87
N GLU A 236 15.73 -4.62 31.65
CA GLU A 236 16.75 -4.29 30.65
C GLU A 236 17.13 -2.81 30.76
N TRP A 237 16.48 -2.10 31.68
CA TRP A 237 16.65 -0.64 31.80
C TRP A 237 17.13 -0.24 33.19
N SER A 238 18.43 -0.18 33.35
CA SER A 238 19.04 0.30 34.58
C SER A 238 18.68 1.78 34.72
N ASP A 239 18.76 2.32 35.94
CA ASP A 239 18.50 3.74 36.13
C ASP A 239 19.43 4.55 35.21
N GLU A 240 20.71 4.15 35.17
CA GLU A 240 21.73 4.81 34.35
C GLU A 240 21.30 4.88 32.88
N ARG A 241 20.84 3.76 32.34
CA ARG A 241 20.45 3.72 30.94
C ARG A 241 19.28 4.68 30.73
N PHE A 242 18.33 4.65 31.68
CA PHE A 242 17.16 5.49 31.59
C PHE A 242 17.59 6.95 31.53
N TRP A 243 18.39 7.39 32.51
CA TRP A 243 18.82 8.83 32.55
C TRP A 243 19.57 9.26 31.27
N ASP A 244 20.50 8.43 30.80
CA ASP A 244 21.25 8.75 29.61
C ASP A 244 20.31 8.88 28.41
N GLU A 245 19.31 8.00 28.32
CA GLU A 245 18.43 8.00 27.14
C GLU A 245 17.51 9.23 27.20
N LEU A 246 17.04 9.58 28.40
CA LEU A 246 16.20 10.76 28.60
C LEU A 246 16.97 12.00 28.12
N LYS A 247 18.21 12.14 28.58
CA LYS A 247 19.04 13.27 28.20
C LYS A 247 19.23 13.29 26.68
N ALA A 248 19.41 12.12 26.06
CA ALA A 248 19.64 12.04 24.59
C ALA A 248 18.39 12.49 23.81
N ARG A 249 17.21 12.47 24.45
CA ARG A 249 16.02 12.84 23.76
C ARG A 249 15.61 14.28 24.08
N LEU A 250 16.45 15.01 24.81
CA LEU A 250 16.16 16.41 25.16
C LEU A 250 17.23 17.30 24.53
N PRO A 251 16.92 18.57 24.23
CA PRO A 251 17.94 19.50 23.75
C PRO A 251 19.03 19.55 24.83
N ALA A 252 20.27 19.58 24.39
CA ALA A 252 21.44 19.58 25.27
C ALA A 252 21.30 20.62 26.37
N GLU A 253 20.77 21.80 26.01
CA GLU A 253 20.65 22.91 26.96
C GLU A 253 19.65 22.55 28.07
N VAL A 254 18.68 21.68 27.77
CA VAL A 254 17.71 21.23 28.79
C VAL A 254 18.34 20.10 29.60
N ALA A 255 19.00 19.19 28.89
CA ALA A 255 19.58 18.02 29.56
C ALA A 255 20.62 18.45 30.60
N ALA A 256 21.36 19.52 30.28
CA ALA A 256 22.49 20.01 31.09
C ALA A 256 22.17 20.17 32.58
N ASP A 257 20.98 20.65 32.94
CA ASP A 257 20.68 20.91 34.37
C ASP A 257 19.74 19.85 34.98
N LEU A 258 19.43 18.80 34.21
CA LEU A 258 18.57 17.73 34.70
C LEU A 258 19.21 17.08 35.93
N VAL A 259 18.44 16.96 37.01
CA VAL A 259 18.97 16.30 38.20
C VAL A 259 18.48 14.85 38.19
N THR A 260 19.43 13.92 38.17
CA THR A 260 19.13 12.51 38.17
C THR A 260 19.17 11.98 39.60
N GLY A 261 18.65 10.77 39.77
CA GLY A 261 18.63 10.12 41.05
C GLY A 261 18.11 8.68 40.93
N PRO A 262 18.26 7.85 41.98
CA PRO A 262 17.75 6.47 41.95
C PRO A 262 16.22 6.45 41.81
N ALA A 263 15.71 5.39 41.16
CA ALA A 263 14.28 5.25 40.95
C ALA A 263 13.57 4.82 42.25
N LEU A 264 12.38 5.40 42.50
CA LEU A 264 11.50 4.99 43.60
C LEU A 264 10.53 3.94 43.03
N GLU A 265 10.25 4.08 41.73
CA GLU A 265 9.40 3.19 40.97
C GLU A 265 9.85 3.27 39.51
N LYS A 266 9.73 2.14 38.81
CA LYS A 266 10.14 2.04 37.45
C LYS A 266 9.43 0.84 36.81
N SER A 267 8.64 1.11 35.76
CA SER A 267 7.87 0.07 35.08
C SER A 267 7.46 0.51 33.67
N ILE A 268 7.08 -0.45 32.85
CA ILE A 268 6.67 -0.20 31.48
C ILE A 268 5.17 -0.45 31.33
N ALA A 269 4.45 0.53 30.80
CA ALA A 269 3.04 0.40 30.51
C ALA A 269 2.84 0.40 28.99
N PRO A 270 2.21 -0.64 28.41
CA PRO A 270 1.97 -0.64 26.97
C PRO A 270 0.88 0.38 26.65
N LEU A 271 0.94 0.96 25.46
CA LEU A 271 -0.01 1.95 25.05
C LEU A 271 -1.08 1.34 24.16
N ARG A 272 -2.35 1.69 24.44
CA ARG A 272 -3.42 1.27 23.59
C ARG A 272 -4.60 2.24 23.66
N SER A 273 -5.31 2.35 22.53
CA SER A 273 -6.59 3.05 22.42
C SER A 273 -7.65 1.96 22.33
N LEU A 274 -8.63 1.99 23.24
CA LEU A 274 -9.65 0.96 23.28
C LEU A 274 -10.97 1.56 23.75
N VAL A 275 -12.02 1.35 22.97
CA VAL A 275 -13.37 1.76 23.33
C VAL A 275 -14.32 0.57 23.13
N VAL A 276 -15.13 0.33 24.16
CA VAL A 276 -16.17 -0.67 24.13
C VAL A 276 -17.52 0.05 24.03
N GLU A 277 -18.41 -0.48 23.18
CA GLU A 277 -19.77 0.01 22.97
C GLU A 277 -20.75 -1.16 22.96
N PRO A 278 -21.89 -1.02 23.64
CA PRO A 278 -22.23 0.12 24.49
C PRO A 278 -21.44 -0.02 25.79
N MET A 279 -21.76 0.83 26.77
CA MET A 279 -21.05 0.81 28.03
C MET A 279 -21.97 0.33 29.16
N GLN A 280 -23.03 -0.41 28.79
CA GLN A 280 -23.94 -0.94 29.79
C GLN A 280 -24.72 -2.11 29.20
N TYR A 281 -25.25 -2.95 30.09
CA TYR A 281 -26.09 -4.07 29.73
C TYR A 281 -27.02 -4.32 30.91
N GLY A 282 -28.32 -4.12 30.68
CA GLY A 282 -29.27 -4.28 31.76
C GLY A 282 -28.98 -3.30 32.88
N HIS A 283 -28.78 -3.82 34.09
CA HIS A 283 -28.55 -3.03 35.27
C HIS A 283 -27.05 -2.96 35.62
N LEU A 284 -26.22 -3.36 34.66
CA LEU A 284 -24.78 -3.30 34.80
C LEU A 284 -24.24 -2.14 33.97
N PHE A 285 -23.44 -1.25 34.59
CA PHE A 285 -22.83 -0.10 33.89
C PHE A 285 -21.29 -0.21 33.96
N LEU A 286 -20.62 -0.08 32.80
CA LEU A 286 -19.13 -0.11 32.76
C LEU A 286 -18.61 1.32 32.95
N VAL A 287 -17.62 1.47 33.84
CA VAL A 287 -17.06 2.79 34.20
C VAL A 287 -15.53 2.76 34.07
N GLY A 288 -14.99 3.82 33.50
CA GLY A 288 -13.55 3.99 33.46
C GLY A 288 -12.83 2.96 32.59
N ASP A 289 -11.72 2.44 33.12
CA ASP A 289 -10.86 1.55 32.37
C ASP A 289 -11.57 0.21 32.07
N ALA A 290 -12.68 -0.08 32.75
CA ALA A 290 -13.40 -1.30 32.44
C ALA A 290 -14.04 -1.19 31.04
N ALA A 291 -14.25 0.06 30.59
CA ALA A 291 -14.93 0.34 29.34
C ALA A 291 -13.98 0.84 28.27
N HIS A 292 -12.95 1.59 28.64
CA HIS A 292 -12.13 2.20 27.62
C HIS A 292 -10.72 2.48 28.13
N ILE A 293 -9.75 2.48 27.21
CA ILE A 293 -8.36 2.79 27.53
C ILE A 293 -7.87 3.87 26.56
N VAL A 294 -6.98 4.74 27.03
CA VAL A 294 -6.32 5.71 26.15
C VAL A 294 -4.83 5.64 26.39
N PRO A 295 -4.01 5.99 25.39
CA PRO A 295 -2.59 6.18 25.60
C PRO A 295 -2.52 7.46 26.42
N PRO A 296 -1.61 7.56 27.41
CA PRO A 296 -1.58 8.72 28.31
C PRO A 296 -1.03 10.04 27.75
N THR A 297 -0.79 10.08 26.44
CA THR A 297 -0.17 11.23 25.82
C THR A 297 -1.06 12.48 25.98
N GLY A 298 -2.37 12.28 26.18
CA GLY A 298 -3.30 13.43 26.34
C GLY A 298 -3.75 13.65 27.78
N ALA A 299 -3.21 12.84 28.71
CA ALA A 299 -3.60 12.89 30.13
C ALA A 299 -5.13 12.76 30.25
N LYS A 300 -5.73 11.76 29.59
CA LYS A 300 -7.19 11.68 29.58
C LYS A 300 -7.76 10.52 30.42
N GLY A 301 -6.98 9.46 30.67
CA GLY A 301 -7.46 8.22 31.35
C GLY A 301 -8.36 8.42 32.56
N LEU A 302 -7.75 8.89 33.65
CA LEU A 302 -8.44 9.11 34.90
C LEU A 302 -9.59 10.13 34.73
N ASN A 303 -9.39 11.08 33.82
CA ASN A 303 -10.31 12.18 33.60
C ASN A 303 -11.56 11.65 32.86
N LEU A 304 -11.40 10.63 32.01
CA LEU A 304 -12.53 10.05 31.33
C LEU A 304 -13.31 9.17 32.32
N ALA A 305 -12.55 8.49 33.19
CA ALA A 305 -13.16 7.72 34.24
C ALA A 305 -14.02 8.65 35.10
N ALA A 306 -13.50 9.84 35.40
CA ALA A 306 -14.23 10.77 36.25
C ALA A 306 -15.54 11.19 35.57
N SER A 307 -15.48 11.44 34.25
CA SER A 307 -16.69 11.88 33.54
C SER A 307 -17.70 10.72 33.44
N ASP A 308 -17.22 9.49 33.27
CA ASP A 308 -18.12 8.34 33.31
C ASP A 308 -18.85 8.35 34.65
N VAL A 309 -18.07 8.50 35.73
CA VAL A 309 -18.63 8.52 37.09
C VAL A 309 -19.66 9.64 37.22
N ASN A 310 -19.31 10.81 36.68
CA ASN A 310 -20.18 11.97 36.77
C ASN A 310 -21.55 11.65 36.15
N TYR A 311 -21.53 11.02 34.97
CA TYR A 311 -22.78 10.76 34.27
C TYR A 311 -23.60 9.70 35.02
N LEU A 312 -22.97 8.59 35.40
CA LEU A 312 -23.70 7.53 36.10
C LEU A 312 -24.28 8.07 37.42
N TYR A 313 -23.50 8.92 38.11
CA TYR A 313 -23.89 9.49 39.39
C TYR A 313 -25.08 10.43 39.23
N ARG A 314 -25.04 11.31 38.22
CA ARG A 314 -26.16 12.28 38.06
C ARG A 314 -27.42 11.55 37.60
N ILE A 315 -27.24 10.47 36.83
CA ILE A 315 -28.38 9.70 36.40
C ILE A 315 -29.03 9.01 37.60
N LEU A 316 -28.20 8.36 38.42
CA LEU A 316 -28.74 7.59 39.55
C LEU A 316 -29.46 8.53 40.54
N VAL A 317 -28.89 9.71 40.79
CA VAL A 317 -29.55 10.69 41.68
C VAL A 317 -30.99 10.90 41.16
N LYS A 318 -31.13 11.09 39.84
CA LYS A 318 -32.44 11.38 39.23
C LYS A 318 -33.32 10.14 39.21
N VAL A 319 -32.69 8.96 39.14
CA VAL A 319 -33.43 7.72 39.13
C VAL A 319 -34.10 7.57 40.48
N TYR A 320 -33.33 7.77 41.54
CA TYR A 320 -33.84 7.53 42.87
C TYR A 320 -34.68 8.69 43.41
N HIS A 321 -34.34 9.93 43.10
CA HIS A 321 -35.06 11.05 43.74
C HIS A 321 -36.21 11.59 42.88
N GLU A 322 -36.20 11.28 41.57
CA GLU A 322 -37.19 11.80 40.65
C GLU A 322 -37.84 10.69 39.80
N GLY A 323 -37.60 9.43 40.16
CA GLY A 323 -38.13 8.26 39.42
C GLY A 323 -37.78 8.27 37.93
N ARG A 324 -36.69 8.96 37.54
CA ARG A 324 -36.27 9.08 36.11
C ARG A 324 -35.53 7.81 35.62
N VAL A 325 -36.25 6.69 35.55
N VAL A 325 -36.26 6.69 35.55
CA VAL A 325 -35.67 5.40 35.12
CA VAL A 325 -35.71 5.39 35.12
C VAL A 325 -35.34 5.44 33.62
C VAL A 325 -35.37 5.43 33.63
N ASP A 326 -35.99 6.35 32.89
CA ASP A 326 -35.72 6.52 31.46
C ASP A 326 -34.26 6.92 31.24
N LEU A 327 -33.67 7.62 32.22
CA LEU A 327 -32.35 8.21 32.06
C LEU A 327 -31.22 7.17 32.10
N LEU A 328 -31.48 5.96 32.61
CA LEU A 328 -30.44 4.96 32.65
C LEU A 328 -29.99 4.63 31.21
N ALA A 329 -30.93 4.68 30.27
CA ALA A 329 -30.62 4.38 28.86
C ALA A 329 -29.68 5.44 28.27
N GLN A 330 -29.52 6.56 28.97
CA GLN A 330 -28.65 7.66 28.50
C GLN A 330 -27.19 7.54 28.99
N TYR A 331 -26.88 6.55 29.84
CA TYR A 331 -25.53 6.52 30.35
C TYR A 331 -24.52 6.32 29.19
N SER A 332 -24.70 5.27 28.37
CA SER A 332 -23.73 4.98 27.29
C SER A 332 -23.63 6.13 26.29
N PRO A 333 -24.75 6.66 25.76
CA PRO A 333 -24.70 7.79 24.83
C PRO A 333 -23.90 8.98 25.39
N LEU A 334 -24.18 9.38 26.62
CA LEU A 334 -23.51 10.50 27.26
C LEU A 334 -22.03 10.20 27.44
N ALA A 335 -21.72 9.04 28.03
CA ALA A 335 -20.33 8.72 28.35
C ALA A 335 -19.51 8.57 27.06
N LEU A 336 -20.09 7.90 26.06
CA LEU A 336 -19.35 7.63 24.80
C LEU A 336 -19.09 8.93 24.04
N ARG A 337 -20.03 9.88 24.08
CA ARG A 337 -19.78 11.16 23.39
C ARG A 337 -18.48 11.77 23.93
N ARG A 338 -18.28 11.76 25.24
CA ARG A 338 -17.07 12.37 25.75
C ARG A 338 -15.88 11.41 25.60
N VAL A 339 -16.14 10.11 25.73
CA VAL A 339 -15.03 9.16 25.58
C VAL A 339 -14.43 9.28 24.18
N TRP A 340 -15.26 9.33 23.14
CA TRP A 340 -14.72 9.40 21.79
C TRP A 340 -13.89 10.68 21.58
N LYS A 341 -14.33 11.80 22.16
CA LYS A 341 -13.58 13.02 22.03
C LYS A 341 -12.20 12.86 22.70
N GLY A 342 -12.17 12.28 23.90
CA GLY A 342 -10.88 12.08 24.57
C GLY A 342 -9.99 11.09 23.83
N GLU A 343 -10.62 10.07 23.24
CA GLU A 343 -9.90 9.03 22.52
C GLU A 343 -9.25 9.66 21.29
N ARG A 344 -10.03 10.52 20.61
CA ARG A 344 -9.54 11.19 19.42
C ARG A 344 -8.30 12.02 19.78
N PHE A 345 -8.42 12.78 20.87
CA PHE A 345 -7.32 13.65 21.25
C PHE A 345 -6.09 12.83 21.66
N SER A 346 -6.31 11.77 22.44
CA SER A 346 -5.19 10.94 22.91
C SER A 346 -4.46 10.29 21.70
N TRP A 347 -5.25 9.89 20.71
CA TRP A 347 -4.71 9.28 19.49
C TRP A 347 -3.90 10.33 18.72
N PHE A 348 -4.50 11.52 18.57
CA PHE A 348 -3.88 12.65 17.90
C PHE A 348 -2.49 12.95 18.48
N MET A 349 -2.44 13.15 19.80
CA MET A 349 -1.22 13.48 20.51
C MET A 349 -0.19 12.35 20.37
N THR A 350 -0.64 11.10 20.40
CA THR A 350 0.27 9.98 20.31
C THR A 350 0.93 9.97 18.92
N GLN A 351 0.09 10.13 17.89
CA GLN A 351 0.55 10.15 16.49
C GLN A 351 1.55 11.29 16.27
N LEU A 352 1.28 12.44 16.90
CA LEU A 352 2.04 13.68 16.71
C LEU A 352 3.45 13.59 17.31
N LEU A 353 3.59 12.88 18.43
CA LEU A 353 4.78 13.00 19.25
C LEU A 353 5.68 11.76 19.33
N HIS A 354 5.23 10.60 18.83
CA HIS A 354 5.99 9.36 18.96
C HIS A 354 6.71 8.97 17.66
N ASP A 355 7.72 8.11 17.81
CA ASP A 355 8.43 7.48 16.70
C ASP A 355 7.76 6.12 16.47
N PHE A 356 7.27 5.89 15.25
CA PHE A 356 6.60 4.63 14.92
C PHE A 356 7.55 3.65 14.22
N GLY A 357 8.83 3.98 14.10
CA GLY A 357 9.78 3.05 13.45
C GLY A 357 9.32 2.71 12.04
N SER A 358 9.10 1.41 11.79
CA SER A 358 8.66 1.00 10.46
C SER A 358 7.18 0.60 10.50
N HIS A 359 6.48 0.94 11.60
CA HIS A 359 5.05 0.70 11.72
C HIS A 359 4.28 1.78 10.95
N LYS A 360 4.98 2.77 10.41
CA LYS A 360 4.36 3.83 9.61
C LYS A 360 5.19 3.98 8.34
N ASP A 361 4.51 4.06 7.19
CA ASP A 361 5.18 4.24 5.93
C ASP A 361 5.74 5.68 5.83
N ALA A 362 6.54 5.93 4.80
CA ALA A 362 7.18 7.24 4.63
C ALA A 362 6.14 8.35 4.53
N TRP A 363 4.97 8.06 3.94
CA TRP A 363 4.00 9.13 3.78
C TRP A 363 3.45 9.58 5.15
N ASP A 364 3.07 8.61 5.98
CA ASP A 364 2.52 8.95 7.29
C ASP A 364 3.57 9.64 8.16
N GLN A 365 4.86 9.33 7.99
CA GLN A 365 5.91 9.99 8.79
C GLN A 365 5.98 11.47 8.37
N LYS A 366 5.79 11.70 7.08
CA LYS A 366 5.82 13.03 6.49
C LYS A 366 4.61 13.85 6.99
N MET A 367 3.45 13.19 7.16
CA MET A 367 2.25 13.88 7.67
C MET A 367 2.43 14.18 9.18
N GLN A 368 3.14 13.31 9.93
CA GLN A 368 3.47 13.59 11.33
C GLN A 368 4.33 14.88 11.39
N GLU A 369 5.40 14.90 10.59
CA GLU A 369 6.30 16.05 10.54
CA GLU A 369 6.28 16.05 10.56
C GLU A 369 5.48 17.31 10.21
N ALA A 370 4.57 17.20 9.23
CA ALA A 370 3.76 18.37 8.82
C ALA A 370 2.76 18.74 9.93
N ASP A 371 2.21 17.76 10.65
CA ASP A 371 1.27 18.07 11.71
C ASP A 371 1.99 18.82 12.85
N ARG A 372 3.22 18.40 13.16
CA ARG A 372 4.02 19.04 14.20
C ARG A 372 4.29 20.48 13.79
N GLU A 373 4.57 20.72 12.51
CA GLU A 373 4.79 22.08 12.01
CA GLU A 373 4.80 22.08 12.02
C GLU A 373 3.50 22.89 12.13
N TYR A 374 2.38 22.30 11.68
CA TYR A 374 1.12 23.05 11.66
C TYR A 374 0.56 23.33 13.08
N PHE A 375 0.30 22.29 13.86
CA PHE A 375 -0.36 22.50 15.15
C PHE A 375 0.48 23.33 16.14
N LEU A 376 1.82 23.37 15.98
CA LEU A 376 2.65 24.08 16.96
C LEU A 376 3.07 25.49 16.49
N THR A 377 2.63 25.92 15.31
CA THR A 377 2.98 27.26 14.86
C THR A 377 1.71 28.07 14.55
N SER A 378 0.58 27.40 14.34
CA SER A 378 -0.68 28.06 14.04
C SER A 378 -1.39 28.45 15.32
N PRO A 379 -1.74 29.74 15.55
CA PRO A 379 -2.44 30.12 16.77
C PRO A 379 -3.68 29.23 16.96
N ALA A 380 -4.39 28.93 15.87
CA ALA A 380 -5.59 28.08 15.96
C ALA A 380 -5.21 26.63 16.32
N GLY A 381 -4.04 26.20 15.84
CA GLY A 381 -3.55 24.86 16.15
C GLY A 381 -3.35 24.66 17.64
N LEU A 382 -2.68 25.63 18.26
CA LEU A 382 -2.42 25.64 19.70
C LEU A 382 -3.73 25.71 20.49
N VAL A 383 -4.66 26.56 20.03
CA VAL A 383 -5.97 26.66 20.73
C VAL A 383 -6.59 25.26 20.75
N ASN A 384 -6.54 24.61 19.58
CA ASN A 384 -7.09 23.27 19.40
C ASN A 384 -6.50 22.31 20.45
N ILE A 385 -5.17 22.29 20.55
CA ILE A 385 -4.54 21.39 21.51
C ILE A 385 -4.91 21.78 22.94
N ALA A 386 -4.82 23.08 23.25
CA ALA A 386 -5.04 23.53 24.63
C ALA A 386 -6.47 23.21 25.10
N GLU A 387 -7.47 23.46 24.24
CA GLU A 387 -8.86 23.24 24.69
C GLU A 387 -9.12 21.73 24.86
N ASN A 388 -8.44 20.89 24.07
CA ASN A 388 -8.59 19.46 24.25
C ASN A 388 -7.87 19.03 25.53
N TYR A 389 -6.67 19.60 25.77
CA TYR A 389 -5.83 19.20 26.94
C TYR A 389 -6.54 19.50 28.26
N VAL A 390 -7.16 20.69 28.40
CA VAL A 390 -7.81 21.04 29.68
C VAL A 390 -9.12 20.26 29.87
N GLY A 391 -9.54 19.52 28.84
CA GLY A 391 -10.77 18.68 28.95
C GLY A 391 -12.02 19.44 28.55
N LEU A 392 -12.81 18.84 27.65
CA LEU A 392 -14.03 19.44 27.12
C LEU A 392 -15.13 19.30 28.17
N PRO A 393 -16.11 20.24 28.21
CA PRO A 393 -17.10 20.27 29.28
C PRO A 393 -17.97 19.01 29.48
N PHE A 394 -18.50 18.82 30.69
CA PHE A 394 -19.44 17.72 30.91
C PHE A 394 -20.80 18.18 30.38
N GLU A 395 -21.50 17.33 29.62
CA GLU A 395 -22.83 17.80 29.25
C GLU A 395 -23.76 17.59 30.44
N GLU A 396 -24.86 18.35 30.43
CA GLU A 396 -25.85 18.31 31.47
C GLU A 396 -26.72 17.06 31.34
N VAL A 397 -27.03 16.46 32.48
CA VAL A 397 -27.96 15.37 32.56
C VAL A 397 -29.28 15.98 33.07
N ALA A 398 -30.17 16.33 32.14
CA ALA A 398 -31.45 16.99 32.51
C ALA A 398 -32.63 16.08 32.16
N SER B 1 18.27 24.19 -38.91
CA SER B 1 18.45 25.67 -38.81
C SER B 1 19.27 26.03 -37.56
N ASN B 2 19.41 27.33 -37.31
CA ASN B 2 20.17 27.84 -36.16
C ASN B 2 19.30 27.80 -34.89
N ALA B 3 19.99 27.70 -33.76
CA ALA B 3 19.34 27.57 -32.49
C ALA B 3 18.65 28.89 -32.09
N MET B 4 17.47 28.76 -31.48
CA MET B 4 16.79 29.90 -30.91
C MET B 4 17.52 30.19 -29.59
N LYS B 5 17.46 31.43 -29.12
CA LYS B 5 18.16 31.82 -27.90
C LYS B 5 17.21 32.60 -26.99
N THR B 6 17.26 32.31 -25.68
CA THR B 6 16.44 32.97 -24.68
C THR B 6 17.12 32.83 -23.31
N GLN B 7 16.46 33.34 -22.28
CA GLN B 7 17.03 33.27 -20.94
C GLN B 7 16.42 32.07 -20.21
N VAL B 8 15.09 31.96 -20.22
CA VAL B 8 14.44 30.87 -19.51
C VAL B 8 13.58 30.08 -20.49
N ALA B 9 13.90 28.78 -20.63
CA ALA B 9 13.14 27.88 -21.46
C ALA B 9 12.09 27.24 -20.57
N ILE B 10 10.82 27.36 -20.97
CA ILE B 10 9.72 26.80 -20.19
C ILE B 10 9.11 25.61 -20.93
N ILE B 11 9.04 24.48 -20.23
CA ILE B 11 8.45 23.26 -20.80
C ILE B 11 7.03 23.14 -20.24
N GLY B 12 6.03 23.30 -21.12
CA GLY B 12 4.63 23.18 -20.73
C GLY B 12 3.91 24.51 -20.82
N ALA B 13 2.78 24.53 -21.55
CA ALA B 13 1.96 25.73 -21.70
C ALA B 13 0.63 25.56 -20.93
N GLY B 14 0.74 24.97 -19.75
CA GLY B 14 -0.39 24.90 -18.85
C GLY B 14 -0.40 26.17 -17.99
N PRO B 15 -1.21 26.26 -16.92
CA PRO B 15 -1.21 27.47 -16.09
C PRO B 15 0.16 27.85 -15.52
N SER B 16 0.93 26.86 -15.06
CA SER B 16 2.28 27.08 -14.49
C SER B 16 3.20 27.78 -15.49
N GLY B 17 3.41 27.11 -16.64
CA GLY B 17 4.28 27.62 -17.69
C GLY B 17 3.87 28.99 -18.18
N LEU B 18 2.57 29.17 -18.42
CA LEU B 18 2.06 30.43 -18.95
C LEU B 18 2.22 31.56 -17.92
N LEU B 19 1.82 31.33 -16.67
CA LEU B 19 1.90 32.38 -15.62
C LEU B 19 3.37 32.77 -15.40
N LEU B 20 4.25 31.75 -15.31
CA LEU B 20 5.67 32.01 -15.10
C LEU B 20 6.19 32.89 -16.22
N GLY B 21 5.94 32.44 -17.46
CA GLY B 21 6.37 33.14 -18.68
C GLY B 21 5.86 34.58 -18.72
N GLN B 22 4.59 34.77 -18.35
CA GLN B 22 3.94 36.09 -18.37
C GLN B 22 4.64 37.01 -17.34
N LEU B 23 4.88 36.48 -16.13
CA LEU B 23 5.53 37.27 -15.08
C LEU B 23 6.96 37.61 -15.50
N LEU B 24 7.68 36.62 -16.05
CA LEU B 24 9.06 36.84 -16.46
C LEU B 24 9.12 37.90 -17.56
N HIS B 25 8.27 37.75 -18.58
CA HIS B 25 8.30 38.69 -19.70
C HIS B 25 8.04 40.12 -19.22
N LYS B 26 7.04 40.31 -18.33
CA LYS B 26 6.72 41.65 -17.84
C LYS B 26 7.91 42.23 -17.06
N ALA B 27 8.74 41.36 -16.48
CA ALA B 27 9.89 41.80 -15.70
C ALA B 27 11.15 41.94 -16.58
N GLY B 28 11.00 41.78 -17.91
CA GLY B 28 12.10 41.94 -18.88
C GLY B 28 13.02 40.72 -19.01
N ILE B 29 12.55 39.56 -18.53
CA ILE B 29 13.32 38.31 -18.63
C ILE B 29 12.75 37.47 -19.80
N ASP B 30 13.54 37.35 -20.87
CA ASP B 30 13.16 36.61 -22.08
C ASP B 30 12.91 35.13 -21.77
N ASN B 31 11.83 34.60 -22.34
CA ASN B 31 11.51 33.18 -22.16
C ASN B 31 10.76 32.64 -23.39
N ILE B 32 10.91 31.34 -23.62
CA ILE B 32 10.17 30.65 -24.66
C ILE B 32 9.46 29.45 -24.00
N ILE B 33 8.19 29.26 -24.37
CA ILE B 33 7.41 28.15 -23.88
C ILE B 33 7.26 27.13 -25.01
N VAL B 34 7.53 25.85 -24.71
N VAL B 34 7.44 25.86 -24.68
CA VAL B 34 7.31 24.76 -25.65
CA VAL B 34 7.33 24.76 -25.64
C VAL B 34 6.28 23.85 -25.00
C VAL B 34 6.35 23.75 -25.05
N GLU B 35 5.26 23.48 -25.80
CA GLU B 35 4.15 22.62 -25.36
C GLU B 35 4.01 21.47 -26.35
N ARG B 36 3.79 20.27 -25.79
CA ARG B 36 3.62 19.02 -26.56
C ARG B 36 2.31 19.03 -27.37
N GLN B 37 1.20 19.52 -26.78
CA GLN B 37 -0.12 19.43 -27.44
C GLN B 37 -0.43 20.72 -28.19
N THR B 38 -1.62 20.76 -28.80
CA THR B 38 -2.10 21.95 -29.51
C THR B 38 -2.72 22.89 -28.48
N ALA B 39 -2.84 24.17 -28.86
CA ALA B 39 -3.47 25.20 -28.02
C ALA B 39 -4.89 24.79 -27.65
N GLU B 40 -5.63 24.28 -28.67
N GLU B 40 -5.65 24.25 -28.62
CA GLU B 40 -7.01 23.81 -28.50
CA GLU B 40 -7.05 23.90 -28.36
C GLU B 40 -7.07 22.73 -27.42
C GLU B 40 -7.15 22.66 -27.46
N TYR B 41 -6.16 21.77 -27.53
CA TYR B 41 -6.16 20.61 -26.66
C TYR B 41 -5.96 21.07 -25.20
N VAL B 42 -5.01 21.99 -24.98
CA VAL B 42 -4.79 22.50 -23.60
C VAL B 42 -6.08 23.16 -23.08
N LEU B 43 -6.76 23.90 -23.94
CA LEU B 43 -7.97 24.61 -23.53
C LEU B 43 -9.13 23.64 -23.27
N GLY B 44 -9.08 22.44 -23.85
CA GLY B 44 -10.17 21.45 -23.65
C GLY B 44 -10.16 20.84 -22.26
N ARG B 45 -9.08 21.04 -21.48
CA ARG B 45 -9.00 20.43 -20.16
C ARG B 45 -9.88 21.16 -19.15
N ILE B 46 -10.83 20.44 -18.54
CA ILE B 46 -11.62 21.01 -17.44
C ILE B 46 -10.94 20.59 -16.13
N ARG B 47 -10.47 21.55 -15.34
CA ARG B 47 -9.79 21.08 -14.13
C ARG B 47 -10.22 21.90 -12.92
N ALA B 48 -9.27 22.69 -12.38
CA ALA B 48 -9.50 23.43 -11.13
C ALA B 48 -10.43 24.63 -11.34
N GLY B 49 -11.00 25.11 -10.23
CA GLY B 49 -11.91 26.28 -10.28
C GLY B 49 -11.71 27.23 -9.11
N VAL B 50 -11.05 26.76 -8.04
CA VAL B 50 -10.91 27.54 -6.81
C VAL B 50 -9.49 28.11 -6.71
N LEU B 51 -9.42 29.45 -6.73
CA LEU B 51 -8.20 30.22 -6.72
C LEU B 51 -8.04 30.93 -5.36
N GLU B 52 -6.92 30.65 -4.71
CA GLU B 52 -6.57 31.34 -3.46
C GLU B 52 -6.14 32.76 -3.84
N GLN B 53 -6.11 33.64 -2.84
CA GLN B 53 -5.77 35.04 -3.00
C GLN B 53 -4.34 35.18 -3.57
N GLY B 54 -3.43 34.31 -3.12
CA GLY B 54 -2.06 34.36 -3.64
C GLY B 54 -2.04 34.17 -5.15
N THR B 55 -2.88 33.28 -5.65
CA THR B 55 -2.95 33.01 -7.08
C THR B 55 -3.58 34.23 -7.76
N VAL B 56 -4.64 34.77 -7.16
CA VAL B 56 -5.35 35.93 -7.73
C VAL B 56 -4.36 37.10 -7.85
N ASP B 57 -3.62 37.36 -6.75
CA ASP B 57 -2.62 38.45 -6.71
C ASP B 57 -1.56 38.25 -7.82
N LEU B 58 -1.05 37.02 -7.95
CA LEU B 58 -0.06 36.75 -9.00
C LEU B 58 -0.66 37.08 -10.37
N LEU B 59 -1.89 36.63 -10.63
CA LEU B 59 -2.55 36.90 -11.93
C LEU B 59 -2.70 38.42 -12.15
N ARG B 60 -3.04 39.17 -11.08
CA ARG B 60 -3.17 40.63 -11.17
CA ARG B 60 -3.18 40.63 -11.19
C ARG B 60 -1.82 41.25 -11.51
N GLU B 61 -0.77 40.77 -10.83
CA GLU B 61 0.60 41.25 -11.03
C GLU B 61 1.00 40.97 -12.49
N ALA B 62 0.60 39.81 -13.02
CA ALA B 62 0.94 39.43 -14.41
C ALA B 62 0.16 40.27 -15.42
N GLY B 63 -0.83 41.03 -14.94
CA GLY B 63 -1.66 41.90 -15.81
C GLY B 63 -2.72 41.13 -16.58
N VAL B 64 -3.16 39.99 -16.04
CA VAL B 64 -4.20 39.17 -16.69
C VAL B 64 -5.30 38.86 -15.68
N ALA B 65 -5.97 39.90 -15.20
CA ALA B 65 -6.99 39.71 -14.17
C ALA B 65 -8.27 40.46 -14.51
N GLU B 66 -8.28 41.26 -15.58
CA GLU B 66 -9.50 42.03 -15.93
C GLU B 66 -10.71 41.07 -16.03
N ARG B 67 -10.57 39.99 -16.82
CA ARG B 67 -11.72 39.10 -17.02
C ARG B 67 -12.02 38.33 -15.74
N MET B 68 -10.98 37.83 -15.07
CA MET B 68 -11.19 37.11 -13.81
C MET B 68 -12.05 37.95 -12.85
N ASP B 69 -11.70 39.22 -12.69
CA ASP B 69 -12.42 40.10 -11.73
C ASP B 69 -13.88 40.34 -12.16
N ARG B 70 -14.13 40.41 -13.47
CA ARG B 70 -15.46 40.74 -13.99
C ARG B 70 -16.37 39.49 -14.02
N GLU B 71 -15.85 38.35 -14.51
CA GLU B 71 -16.65 37.12 -14.72
C GLU B 71 -16.46 36.09 -13.59
N GLY B 72 -15.41 36.23 -12.81
CA GLY B 72 -15.18 35.32 -11.68
C GLY B 72 -16.13 35.66 -10.54
N LEU B 73 -16.21 34.76 -9.55
CA LEU B 73 -17.10 34.99 -8.41
C LEU B 73 -16.30 34.85 -7.11
N VAL B 74 -16.27 35.91 -6.29
CA VAL B 74 -15.63 35.80 -4.99
C VAL B 74 -16.55 34.96 -4.11
N HIS B 75 -16.00 33.92 -3.48
CA HIS B 75 -16.75 33.11 -2.55
C HIS B 75 -16.25 33.41 -1.14
N GLU B 76 -17.16 33.86 -0.27
CA GLU B 76 -16.85 34.17 1.09
C GLU B 76 -17.00 32.93 1.98
N GLY B 77 -17.56 31.85 1.43
CA GLY B 77 -17.73 30.64 2.26
C GLY B 77 -17.85 29.34 1.48
N VAL B 78 -17.80 28.24 2.24
CA VAL B 78 -17.91 26.88 1.73
CA VAL B 78 -17.96 26.88 1.71
C VAL B 78 -18.72 26.07 2.75
N GLU B 79 -19.36 25.00 2.30
CA GLU B 79 -20.11 24.16 3.23
C GLU B 79 -19.52 22.74 3.26
N LEU B 80 -19.46 22.19 4.48
CA LEU B 80 -19.12 20.80 4.69
C LEU B 80 -20.38 20.11 5.21
N LEU B 81 -20.77 19.04 4.52
CA LEU B 81 -21.98 18.35 4.83
C LEU B 81 -21.65 16.95 5.36
N VAL B 82 -21.97 16.74 6.65
CA VAL B 82 -21.76 15.47 7.30
C VAL B 82 -23.07 15.04 7.93
N GLY B 83 -23.41 13.76 7.78
N GLY B 83 -23.38 13.75 7.77
CA GLY B 83 -24.62 13.22 8.37
CA GLY B 83 -24.64 13.20 8.22
C GLY B 83 -25.88 13.96 7.92
C GLY B 83 -25.75 13.71 7.32
N GLY B 84 -25.84 14.51 6.71
N GLY B 84 -26.53 14.64 7.88
CA GLY B 84 -27.00 15.21 6.13
CA GLY B 84 -27.60 15.28 7.14
C GLY B 84 -27.11 16.66 6.58
C GLY B 84 -27.63 16.75 7.48
N ARG B 85 -26.34 17.03 7.61
N ARG B 85 -26.53 17.24 8.04
CA ARG B 85 -26.37 18.39 8.16
CA ARG B 85 -26.41 18.61 8.46
C ARG B 85 -25.46 19.31 7.33
C ARG B 85 -25.44 19.38 7.55
N ARG B 86 -25.90 20.55 7.10
CA ARG B 86 -25.13 21.50 6.31
CA ARG B 86 -25.13 21.50 6.31
C ARG B 86 -24.43 22.47 7.26
N GLN B 87 -23.10 22.45 7.26
CA GLN B 87 -22.29 23.32 8.08
C GLN B 87 -21.58 24.31 7.15
N ARG B 88 -21.88 25.60 7.29
CA ARG B 88 -21.21 26.61 6.46
C ARG B 88 -19.98 27.12 7.22
N LEU B 89 -18.87 27.22 6.49
CA LEU B 89 -17.64 27.79 6.98
C LEU B 89 -17.56 29.20 6.39
N ASP B 90 -17.70 30.22 7.25
CA ASP B 90 -17.62 31.60 6.79
C ASP B 90 -16.14 31.96 6.76
N LEU B 91 -15.49 31.64 5.64
CA LEU B 91 -14.05 31.82 5.47
C LEU B 91 -13.65 33.26 5.79
N LYS B 92 -14.47 34.20 5.30
CA LYS B 92 -14.23 35.61 5.49
C LYS B 92 -14.18 35.98 6.99
N ALA B 93 -15.23 35.62 7.73
CA ALA B 93 -15.23 35.95 9.16
C ALA B 93 -14.19 35.10 9.93
N LEU B 94 -14.09 33.81 9.58
CA LEU B 94 -13.15 32.95 10.32
C LEU B 94 -11.70 33.39 10.09
N THR B 95 -11.38 33.99 8.94
CA THR B 95 -9.98 34.36 8.65
C THR B 95 -9.73 35.87 8.78
N GLY B 96 -10.73 36.60 9.25
CA GLY B 96 -10.59 38.04 9.39
C GLY B 96 -10.52 38.79 8.06
N GLY B 97 -11.09 38.23 6.97
CA GLY B 97 -11.16 39.00 5.70
C GLY B 97 -10.83 38.22 4.44
N LYS B 98 -10.26 37.01 4.56
CA LYS B 98 -9.86 36.30 3.33
C LYS B 98 -11.04 35.58 2.68
N THR B 99 -10.94 35.45 1.35
CA THR B 99 -11.92 34.80 0.52
C THR B 99 -11.20 33.97 -0.54
N VAL B 100 -11.98 33.24 -1.35
CA VAL B 100 -11.47 32.53 -2.48
C VAL B 100 -12.23 33.06 -3.70
N MET B 101 -11.64 32.84 -4.87
CA MET B 101 -12.21 33.25 -6.13
C MET B 101 -12.53 32.01 -6.97
N VAL B 102 -13.79 31.88 -7.39
CA VAL B 102 -14.17 30.75 -8.26
C VAL B 102 -14.12 31.24 -9.72
N TYR B 103 -13.12 30.74 -10.45
CA TYR B 103 -12.92 31.08 -11.86
C TYR B 103 -12.15 29.91 -12.47
N GLY B 104 -12.65 29.40 -13.60
CA GLY B 104 -12.12 28.15 -14.19
C GLY B 104 -10.66 28.22 -14.60
N GLN B 105 -9.94 27.11 -14.39
CA GLN B 105 -8.56 27.02 -14.81
C GLN B 105 -8.49 27.25 -16.32
N THR B 106 -9.48 26.72 -17.04
CA THR B 106 -9.57 26.85 -18.48
C THR B 106 -9.59 28.35 -18.86
N GLU B 107 -10.36 29.12 -18.10
CA GLU B 107 -10.48 30.58 -18.31
C GLU B 107 -9.15 31.25 -18.03
N VAL B 108 -8.53 30.91 -16.90
CA VAL B 108 -7.27 31.48 -16.50
C VAL B 108 -6.24 31.23 -17.60
N THR B 109 -6.23 29.98 -18.08
CA THR B 109 -5.33 29.50 -19.12
C THR B 109 -5.56 30.30 -20.41
N ARG B 110 -6.85 30.46 -20.79
CA ARG B 110 -7.24 31.20 -22.00
CA ARG B 110 -7.22 31.20 -22.00
C ARG B 110 -6.77 32.66 -21.89
N ASP B 111 -6.93 33.26 -20.72
CA ASP B 111 -6.51 34.64 -20.49
C ASP B 111 -5.00 34.77 -20.64
N LEU B 112 -4.26 33.82 -20.07
CA LEU B 112 -2.80 33.86 -20.13
C LEU B 112 -2.34 33.68 -21.58
N MET B 113 -3.07 32.85 -22.33
CA MET B 113 -2.70 32.57 -23.72
C MET B 113 -2.94 33.82 -24.58
N GLN B 114 -4.03 34.55 -24.29
CA GLN B 114 -4.35 35.76 -25.07
C GLN B 114 -3.36 36.88 -24.70
N ALA B 115 -2.95 36.91 -23.43
CA ALA B 115 -2.01 37.92 -23.01
C ALA B 115 -0.64 37.67 -23.65
N ARG B 116 -0.24 36.39 -23.79
CA ARG B 116 1.06 36.07 -24.38
C ARG B 116 1.00 36.39 -25.88
N GLU B 117 -0.16 36.14 -26.49
CA GLU B 117 -0.37 36.51 -27.89
C GLU B 117 -0.08 38.00 -28.11
N ALA B 118 -0.65 38.83 -27.21
CA ALA B 118 -0.55 40.29 -27.31
C ALA B 118 0.90 40.79 -27.14
N SER B 119 1.66 40.12 -26.27
CA SER B 119 3.05 40.51 -25.95
C SER B 119 4.02 40.06 -27.06
N GLY B 120 3.72 38.93 -27.70
CA GLY B 120 4.58 38.38 -28.74
C GLY B 120 5.68 37.50 -28.17
N ALA B 121 5.65 37.25 -26.86
CA ALA B 121 6.63 36.36 -26.23
C ALA B 121 6.53 34.99 -26.90
N PRO B 122 7.62 34.45 -27.47
CA PRO B 122 7.53 33.21 -28.25
C PRO B 122 6.97 32.01 -27.48
N ILE B 123 6.06 31.30 -28.13
CA ILE B 123 5.46 30.09 -27.63
C ILE B 123 5.28 29.14 -28.81
N ILE B 124 5.64 27.87 -28.60
CA ILE B 124 5.61 26.86 -29.65
C ILE B 124 4.74 25.69 -29.22
N TYR B 125 3.69 25.40 -29.99
CA TYR B 125 2.81 24.30 -29.69
C TYR B 125 3.16 23.08 -30.53
N SER B 126 2.57 21.93 -30.18
CA SER B 126 2.71 20.67 -30.90
C SER B 126 4.19 20.35 -31.09
N ALA B 127 4.98 20.53 -30.03
CA ALA B 127 6.40 20.23 -30.06
C ALA B 127 6.62 18.81 -29.54
N ALA B 128 7.15 17.93 -30.38
CA ALA B 128 7.32 16.52 -30.03
C ALA B 128 8.71 16.26 -29.45
N ASN B 129 8.76 15.35 -28.49
CA ASN B 129 9.99 14.85 -27.90
C ASN B 129 10.89 15.99 -27.40
N VAL B 130 10.29 16.91 -26.64
CA VAL B 130 11.08 17.94 -25.99
C VAL B 130 12.01 17.22 -25.01
N GLN B 131 13.32 17.47 -25.15
CA GLN B 131 14.34 16.87 -24.26
C GLN B 131 15.24 17.97 -23.73
N PRO B 132 15.51 18.04 -22.41
CA PRO B 132 16.43 19.04 -21.85
C PRO B 132 17.84 18.45 -21.84
N HIS B 133 18.86 19.30 -21.96
CA HIS B 133 20.25 18.84 -22.05
C HIS B 133 21.20 19.76 -21.27
N GLU B 134 22.31 19.17 -20.79
CA GLU B 134 23.35 19.90 -20.08
C GLU B 134 22.74 20.69 -18.92
N LEU B 135 22.08 19.95 -18.02
CA LEU B 135 21.42 20.54 -16.86
C LEU B 135 22.45 21.12 -15.87
N LYS B 136 23.65 20.54 -15.86
CA LYS B 136 24.74 20.98 -14.97
C LYS B 136 25.66 21.97 -15.71
N GLY B 137 25.80 21.78 -17.03
CA GLY B 137 26.60 22.69 -17.85
C GLY B 137 26.16 24.14 -17.67
N GLU B 138 26.97 25.08 -18.16
CA GLU B 138 26.65 26.51 -18.01
C GLU B 138 25.67 26.92 -19.11
N LYS B 139 25.57 26.09 -20.15
CA LYS B 139 24.78 26.39 -21.35
C LYS B 139 23.74 25.30 -21.60
N PRO B 140 22.74 25.10 -20.72
CA PRO B 140 21.69 24.11 -20.97
C PRO B 140 20.87 24.44 -22.21
N TYR B 141 20.18 23.43 -22.76
CA TYR B 141 19.38 23.64 -23.95
C TYR B 141 18.27 22.60 -24.06
N LEU B 142 17.30 22.90 -24.93
CA LEU B 142 16.21 22.03 -25.26
C LEU B 142 16.32 21.68 -26.73
N THR B 143 15.90 20.44 -27.04
CA THR B 143 15.73 20.01 -28.42
C THR B 143 14.30 19.46 -28.53
N PHE B 144 13.74 19.58 -29.73
CA PHE B 144 12.42 19.05 -30.00
C PHE B 144 12.25 18.90 -31.51
N GLU B 145 11.18 18.21 -31.92
CA GLU B 145 10.83 18.02 -33.32
C GLU B 145 9.47 18.64 -33.59
N LYS B 146 9.38 19.35 -34.72
CA LYS B 146 8.15 19.96 -35.19
C LYS B 146 8.34 20.26 -36.68
N ASP B 147 7.27 20.05 -37.46
CA ASP B 147 7.29 20.27 -38.91
C ASP B 147 8.49 19.49 -39.49
N GLY B 148 8.63 18.24 -39.00
CA GLY B 148 9.68 17.28 -39.43
C GLY B 148 11.09 17.85 -39.41
N ARG B 149 11.43 18.58 -38.36
CA ARG B 149 12.76 19.17 -38.23
CA ARG B 149 12.77 19.15 -38.23
C ARG B 149 13.15 19.23 -36.75
N VAL B 150 14.43 18.98 -36.46
CA VAL B 150 14.91 19.06 -35.10
C VAL B 150 15.26 20.53 -34.85
N GLN B 151 14.72 21.09 -33.75
N GLN B 151 14.68 21.11 -33.79
CA GLN B 151 14.92 22.49 -33.37
CA GLN B 151 14.95 22.48 -33.36
C GLN B 151 15.56 22.55 -31.98
C GLN B 151 15.72 22.46 -32.05
N ARG B 152 16.37 23.58 -31.75
CA ARG B 152 17.13 23.73 -30.55
C ARG B 152 16.84 25.11 -29.92
N ILE B 153 16.80 25.12 -28.58
CA ILE B 153 16.64 26.33 -27.78
C ILE B 153 17.78 26.38 -26.76
N ASP B 154 18.61 27.42 -26.84
CA ASP B 154 19.68 27.68 -25.88
C ASP B 154 19.12 28.67 -24.86
N CYS B 155 19.44 28.44 -23.58
CA CYS B 155 18.93 29.21 -22.49
C CYS B 155 19.89 29.13 -21.31
N ASP B 156 19.53 29.82 -20.23
CA ASP B 156 20.29 29.83 -19.00
C ASP B 156 19.69 28.84 -18.01
N TYR B 157 18.35 28.82 -17.97
CA TYR B 157 17.61 28.03 -17.01
C TYR B 157 16.42 27.37 -17.70
N ILE B 158 16.04 26.20 -17.17
CA ILE B 158 14.90 25.49 -17.69
C ILE B 158 13.87 25.34 -16.57
N ALA B 159 12.63 25.71 -16.88
CA ALA B 159 11.53 25.57 -15.94
C ALA B 159 10.63 24.43 -16.44
N GLY B 160 10.62 23.33 -15.69
CA GLY B 160 9.81 22.18 -15.98
C GLY B 160 8.40 22.38 -15.44
N CYS B 161 7.51 22.85 -16.32
CA CYS B 161 6.10 23.10 -16.02
C CYS B 161 5.24 22.13 -16.85
N ASP B 162 5.72 20.87 -16.96
CA ASP B 162 5.12 19.91 -17.89
C ASP B 162 4.19 18.89 -17.21
N GLY B 163 3.78 19.14 -15.97
CA GLY B 163 2.73 18.32 -15.38
C GLY B 163 3.13 16.92 -14.98
N PHE B 164 2.10 16.17 -14.55
CA PHE B 164 2.25 14.82 -13.99
C PHE B 164 2.97 13.85 -14.93
N HIS B 165 2.72 13.98 -16.24
CA HIS B 165 3.34 13.07 -17.23
C HIS B 165 4.47 13.77 -18.01
N GLY B 166 5.05 14.84 -17.44
CA GLY B 166 6.09 15.62 -18.12
C GLY B 166 7.37 14.84 -18.38
N ILE B 167 8.29 15.47 -19.11
CA ILE B 167 9.59 14.88 -19.40
C ILE B 167 10.65 15.37 -18.39
N SER B 168 10.40 16.55 -17.80
N SER B 168 10.42 16.55 -17.80
CA SER B 168 11.33 17.23 -16.88
CA SER B 168 11.41 17.22 -16.92
C SER B 168 11.78 16.33 -15.73
C SER B 168 11.80 16.35 -15.71
N ARG B 169 10.82 15.92 -14.90
CA ARG B 169 11.10 15.11 -13.74
C ARG B 169 11.93 13.88 -14.14
N GLN B 170 11.56 13.23 -15.25
CA GLN B 170 12.21 11.99 -15.75
C GLN B 170 13.63 12.26 -16.31
N SER B 171 13.94 13.53 -16.58
CA SER B 171 15.26 13.86 -17.16
C SER B 171 16.36 13.94 -16.09
N ILE B 172 15.99 13.98 -14.82
CA ILE B 172 16.96 14.07 -13.73
C ILE B 172 17.53 12.69 -13.46
N PRO B 173 18.86 12.54 -13.26
CA PRO B 173 19.46 11.21 -13.04
C PRO B 173 18.91 10.49 -11.80
N GLU B 174 19.05 9.15 -11.78
CA GLU B 174 18.62 8.30 -10.68
C GLU B 174 19.40 8.66 -9.41
N GLY B 175 18.75 8.50 -8.26
CA GLY B 175 19.35 8.77 -6.95
C GLY B 175 19.05 10.18 -6.43
N VAL B 176 19.03 11.16 -7.34
CA VAL B 176 18.89 12.56 -7.00
C VAL B 176 17.54 12.84 -6.30
N LEU B 177 16.44 12.48 -6.96
CA LEU B 177 15.13 12.74 -6.42
C LEU B 177 14.68 11.61 -5.50
N LYS B 178 13.95 12.01 -4.45
CA LYS B 178 13.30 11.08 -3.60
C LYS B 178 11.81 11.41 -3.70
N GLN B 179 11.00 10.34 -3.74
CA GLN B 179 9.56 10.43 -3.94
C GLN B 179 8.80 9.93 -2.70
N TYR B 180 7.78 10.71 -2.30
CA TYR B 180 6.86 10.43 -1.18
C TYR B 180 5.47 10.39 -1.78
N GLU B 181 4.77 9.26 -1.60
CA GLU B 181 3.51 9.11 -2.28
C GLU B 181 2.49 8.34 -1.44
N ARG B 182 1.23 8.76 -1.57
CA ARG B 182 0.07 8.06 -1.04
C ARG B 182 -0.96 7.95 -2.18
N VAL B 183 -1.25 6.72 -2.60
CA VAL B 183 -2.23 6.42 -3.64
C VAL B 183 -3.56 6.09 -2.95
N TYR B 184 -4.61 6.87 -3.23
CA TYR B 184 -5.92 6.68 -2.62
C TYR B 184 -6.72 5.65 -3.42
N PRO B 185 -7.59 4.85 -2.76
CA PRO B 185 -8.35 3.80 -3.45
C PRO B 185 -9.67 4.29 -4.09
N PHE B 186 -9.60 5.45 -4.73
CA PHE B 186 -10.74 5.99 -5.39
C PHE B 186 -10.30 7.15 -6.27
N GLY B 187 -11.19 7.53 -7.19
CA GLY B 187 -11.03 8.68 -8.03
C GLY B 187 -12.25 9.56 -7.93
N TRP B 188 -12.20 10.71 -8.58
CA TRP B 188 -13.30 11.64 -8.67
C TRP B 188 -13.85 11.58 -10.11
N LEU B 189 -15.15 11.29 -10.21
CA LEU B 189 -15.88 11.34 -11.46
C LEU B 189 -16.50 12.73 -11.55
N GLY B 190 -16.06 13.50 -12.54
CA GLY B 190 -16.49 14.89 -12.67
C GLY B 190 -17.42 15.09 -13.84
N LEU B 191 -18.41 15.95 -13.66
CA LEU B 191 -19.39 16.25 -14.70
C LEU B 191 -19.66 17.75 -14.71
N LEU B 192 -19.33 18.39 -15.82
CA LEU B 192 -19.53 19.81 -16.09
C LEU B 192 -20.82 19.92 -16.91
N SER B 193 -21.73 20.80 -16.47
CA SER B 193 -23.03 20.97 -17.14
C SER B 193 -23.38 22.45 -17.29
N ASP B 194 -24.15 22.73 -18.34
CA ASP B 194 -24.65 24.06 -18.67
C ASP B 194 -25.98 24.25 -17.91
N THR B 195 -25.87 24.23 -16.58
CA THR B 195 -27.01 24.33 -15.65
C THR B 195 -26.67 25.22 -14.45
N PRO B 196 -27.68 25.81 -13.78
CA PRO B 196 -27.44 26.62 -12.59
C PRO B 196 -26.92 25.78 -11.43
N PRO B 197 -25.88 26.25 -10.71
CA PRO B 197 -25.37 25.53 -9.54
C PRO B 197 -26.45 25.43 -8.45
N VAL B 198 -26.48 24.31 -7.72
CA VAL B 198 -27.51 24.05 -6.70
C VAL B 198 -27.38 25.02 -5.51
N ASN B 199 -26.15 25.52 -5.27
CA ASN B 199 -25.88 26.47 -4.18
C ASN B 199 -24.85 27.51 -4.66
N HIS B 200 -24.88 28.70 -4.09
CA HIS B 200 -23.99 29.78 -4.49
C HIS B 200 -22.56 29.52 -3.96
N GLU B 201 -22.40 28.49 -3.12
CA GLU B 201 -21.08 28.13 -2.58
C GLU B 201 -20.85 26.64 -2.74
N LEU B 202 -19.58 26.24 -2.70
CA LEU B 202 -19.26 24.85 -2.82
C LEU B 202 -19.82 24.08 -1.63
N ILE B 203 -20.26 22.86 -1.89
CA ILE B 203 -20.74 21.92 -0.88
C ILE B 203 -19.93 20.62 -0.99
N TYR B 204 -19.05 20.39 -0.01
CA TYR B 204 -18.25 19.19 0.13
C TYR B 204 -19.08 18.23 0.98
N ALA B 205 -19.51 17.10 0.40
CA ALA B 205 -20.42 16.23 1.15
C ALA B 205 -19.83 14.84 1.38
N HIS B 206 -19.85 14.45 2.65
CA HIS B 206 -19.55 13.12 3.07
C HIS B 206 -20.88 12.41 3.27
N HIS B 207 -21.07 11.26 2.64
CA HIS B 207 -22.29 10.49 2.76
C HIS B 207 -21.89 9.01 2.85
N GLU B 208 -22.72 8.21 3.52
CA GLU B 208 -22.46 6.79 3.74
C GLU B 208 -22.12 6.10 2.41
N ARG B 209 -22.72 6.55 1.32
CA ARG B 209 -22.49 5.95 -0.02
C ARG B 209 -21.15 6.44 -0.59
N GLY B 210 -20.64 7.56 -0.06
CA GLY B 210 -19.37 8.11 -0.51
C GLY B 210 -19.39 9.62 -0.64
N PHE B 211 -18.25 10.17 -1.05
CA PHE B 211 -18.05 11.59 -1.19
C PHE B 211 -18.73 12.13 -2.47
N ALA B 212 -19.13 13.40 -2.38
CA ALA B 212 -19.70 14.18 -3.45
C ALA B 212 -19.34 15.66 -3.25
N LEU B 213 -19.04 16.34 -4.35
CA LEU B 213 -18.76 17.77 -4.31
C LEU B 213 -19.67 18.49 -5.31
N CYS B 214 -20.38 19.49 -4.80
CA CYS B 214 -21.22 20.36 -5.62
C CYS B 214 -20.42 21.62 -5.88
N SER B 215 -20.01 21.84 -7.13
CA SER B 215 -19.18 23.00 -7.44
C SER B 215 -19.72 23.70 -8.70
N GLN B 216 -18.92 24.61 -9.23
CA GLN B 216 -19.33 25.42 -10.37
C GLN B 216 -18.15 26.19 -10.96
N ARG B 217 -18.42 26.85 -12.09
CA ARG B 217 -17.45 27.68 -12.79
C ARG B 217 -18.05 29.08 -13.05
N SER B 218 -19.38 29.19 -12.97
CA SER B 218 -20.05 30.49 -13.12
C SER B 218 -21.50 30.35 -12.63
N GLN B 219 -22.32 31.38 -12.91
CA GLN B 219 -23.72 31.38 -12.53
C GLN B 219 -24.52 30.47 -13.48
N THR B 220 -23.89 30.01 -14.57
CA THR B 220 -24.60 29.18 -15.53
C THR B 220 -23.78 27.95 -15.90
N ARG B 221 -22.74 27.65 -15.11
CA ARG B 221 -21.88 26.51 -15.42
C ARG B 221 -21.56 25.79 -14.11
N SER B 222 -22.04 24.55 -13.99
CA SER B 222 -21.89 23.71 -12.78
C SER B 222 -20.87 22.60 -12.98
N ARG B 223 -20.26 22.16 -11.87
CA ARG B 223 -19.27 21.09 -11.86
C ARG B 223 -19.50 20.24 -10.60
N TYR B 224 -19.87 18.98 -10.82
CA TYR B 224 -20.17 18.03 -9.77
C TYR B 224 -19.18 16.86 -9.81
N TYR B 225 -18.85 16.33 -8.64
CA TYR B 225 -17.97 15.18 -8.54
C TYR B 225 -18.53 14.15 -7.57
N LEU B 226 -18.18 12.89 -7.85
CA LEU B 226 -18.48 11.72 -7.05
C LEU B 226 -17.18 10.90 -6.88
N GLN B 227 -16.91 10.42 -5.65
CA GLN B 227 -15.79 9.51 -5.50
C GLN B 227 -16.25 8.18 -6.17
N VAL B 228 -15.32 7.47 -6.81
CA VAL B 228 -15.66 6.21 -7.44
C VAL B 228 -14.49 5.24 -7.29
N PRO B 229 -14.74 3.92 -7.23
CA PRO B 229 -13.66 2.93 -7.19
C PRO B 229 -12.70 3.12 -8.37
N LEU B 230 -11.43 2.77 -8.16
CA LEU B 230 -10.38 2.94 -9.18
C LEU B 230 -10.71 2.16 -10.47
N GLN B 231 -11.36 0.99 -10.35
CA GLN B 231 -11.65 0.13 -11.54
C GLN B 231 -12.59 0.85 -12.51
N ASP B 232 -13.61 1.53 -11.96
CA ASP B 232 -14.65 2.18 -12.73
C ASP B 232 -14.06 3.01 -13.89
N ARG B 233 -14.75 2.95 -15.04
CA ARG B 233 -14.42 3.71 -16.25
C ARG B 233 -15.58 4.67 -16.55
N VAL B 234 -15.29 5.77 -17.27
CA VAL B 234 -16.30 6.81 -17.53
C VAL B 234 -17.42 6.30 -18.45
N GLU B 235 -17.16 5.22 -19.22
CA GLU B 235 -18.16 4.61 -20.11
C GLU B 235 -19.27 3.94 -19.28
N GLU B 236 -18.91 3.49 -18.07
CA GLU B 236 -19.83 2.80 -17.15
C GLU B 236 -20.77 3.79 -16.45
N TRP B 237 -20.53 5.09 -16.66
CA TRP B 237 -21.32 6.13 -15.98
C TRP B 237 -22.02 7.04 -16.99
N SER B 238 -23.30 6.76 -17.24
CA SER B 238 -24.10 7.62 -18.10
C SER B 238 -24.48 8.87 -17.30
N ASP B 239 -24.85 9.95 -18.00
CA ASP B 239 -25.24 11.19 -17.35
C ASP B 239 -26.29 10.91 -16.27
N GLU B 240 -27.29 10.06 -16.59
CA GLU B 240 -28.39 9.76 -15.63
C GLU B 240 -27.88 9.04 -14.37
N ARG B 241 -26.95 8.08 -14.54
CA ARG B 241 -26.43 7.33 -13.39
C ARG B 241 -25.71 8.28 -12.42
N PHE B 242 -25.00 9.25 -12.99
CA PHE B 242 -24.28 10.24 -12.21
C PHE B 242 -25.26 11.13 -11.45
N TRP B 243 -26.32 11.60 -12.13
CA TRP B 243 -27.29 12.49 -11.48
C TRP B 243 -28.01 11.76 -10.34
N ASP B 244 -28.45 10.52 -10.59
CA ASP B 244 -29.13 9.74 -9.56
C ASP B 244 -28.22 9.55 -8.34
N GLU B 245 -26.94 9.22 -8.57
CA GLU B 245 -26.02 8.94 -7.47
C GLU B 245 -25.72 10.23 -6.70
N LEU B 246 -25.55 11.33 -7.42
CA LEU B 246 -25.29 12.61 -6.74
C LEU B 246 -26.49 12.93 -5.83
N LYS B 247 -27.70 12.69 -6.35
CA LYS B 247 -28.93 12.96 -5.61
C LYS B 247 -28.98 12.08 -4.35
N ALA B 248 -28.52 10.82 -4.45
CA ALA B 248 -28.57 9.89 -3.30
C ALA B 248 -27.55 10.28 -2.20
N ARG B 249 -26.56 11.11 -2.52
CA ARG B 249 -25.54 11.49 -1.53
C ARG B 249 -25.81 12.90 -0.99
N LEU B 250 -26.93 13.53 -1.41
CA LEU B 250 -27.28 14.87 -0.94
C LEU B 250 -28.57 14.78 -0.13
N PRO B 251 -28.82 15.74 0.80
CA PRO B 251 -30.08 15.76 1.53
C PRO B 251 -31.23 15.96 0.53
N ALA B 252 -32.42 15.44 0.86
CA ALA B 252 -33.63 15.54 0.03
C ALA B 252 -33.89 17.00 -0.42
N GLU B 253 -33.72 17.95 0.51
CA GLU B 253 -33.95 19.38 0.23
C GLU B 253 -33.12 19.86 -0.98
N VAL B 254 -31.82 19.51 -1.00
CA VAL B 254 -30.87 19.90 -2.06
C VAL B 254 -31.14 19.07 -3.32
N ALA B 255 -31.47 17.79 -3.13
CA ALA B 255 -31.71 16.88 -4.24
C ALA B 255 -32.83 17.42 -5.13
N ALA B 256 -33.88 17.97 -4.50
CA ALA B 256 -35.06 18.48 -5.22
C ALA B 256 -34.73 19.76 -6.02
N ASP B 257 -33.88 20.63 -5.44
CA ASP B 257 -33.50 21.91 -6.08
C ASP B 257 -32.45 21.72 -7.17
N LEU B 258 -31.87 20.52 -7.26
CA LEU B 258 -30.82 20.23 -8.26
C LEU B 258 -31.41 20.21 -9.67
N VAL B 259 -30.86 21.07 -10.53
CA VAL B 259 -31.21 21.09 -11.93
C VAL B 259 -30.13 20.28 -12.68
N THR B 260 -30.57 19.19 -13.32
CA THR B 260 -29.70 18.28 -14.06
C THR B 260 -29.66 18.73 -15.53
N GLY B 261 -28.73 18.16 -16.30
CA GLY B 261 -28.58 18.50 -17.72
C GLY B 261 -27.43 17.73 -18.37
N PRO B 262 -27.35 17.70 -19.73
CA PRO B 262 -26.28 17.00 -20.43
C PRO B 262 -24.87 17.50 -20.09
N ALA B 263 -23.92 16.55 -20.00
CA ALA B 263 -22.55 16.85 -19.64
C ALA B 263 -21.76 17.43 -20.83
N LEU B 264 -21.23 18.64 -20.62
CA LEU B 264 -20.33 19.28 -21.58
C LEU B 264 -18.98 18.55 -21.51
N GLU B 265 -18.71 17.97 -20.34
CA GLU B 265 -17.46 17.23 -20.11
C GLU B 265 -17.68 16.33 -18.89
N LYS B 266 -17.14 15.12 -18.99
CA LYS B 266 -17.24 14.14 -17.95
C LYS B 266 -16.00 13.25 -18.02
N SER B 267 -15.33 13.07 -16.86
CA SER B 267 -14.14 12.23 -16.81
C SER B 267 -13.79 11.91 -15.34
N ILE B 268 -12.98 10.87 -15.18
CA ILE B 268 -12.53 10.39 -13.89
C ILE B 268 -11.05 10.70 -13.70
N ALA B 269 -10.72 11.26 -12.53
CA ALA B 269 -9.36 11.58 -12.13
C ALA B 269 -8.98 10.78 -10.88
N PRO B 270 -7.99 9.87 -10.96
CA PRO B 270 -7.53 9.12 -9.78
C PRO B 270 -6.91 10.09 -8.77
N LEU B 271 -7.10 9.83 -7.48
CA LEU B 271 -6.57 10.70 -6.45
C LEU B 271 -5.21 10.22 -5.95
N ARG B 272 -4.26 11.15 -5.83
CA ARG B 272 -2.97 10.81 -5.27
C ARG B 272 -2.33 12.04 -4.63
N SER B 273 -1.52 11.75 -3.61
CA SER B 273 -0.65 12.70 -2.94
C SER B 273 0.76 12.30 -3.37
N LEU B 274 1.50 13.25 -3.94
CA LEU B 274 2.84 12.96 -4.39
C LEU B 274 3.74 14.19 -4.23
N VAL B 275 4.97 13.94 -3.82
CA VAL B 275 5.96 14.97 -3.61
C VAL B 275 7.35 14.44 -3.91
N VAL B 276 8.11 15.20 -4.71
CA VAL B 276 9.50 14.86 -4.88
C VAL B 276 10.36 15.94 -4.21
N GLU B 277 11.52 15.49 -3.70
CA GLU B 277 12.54 16.26 -3.08
C GLU B 277 13.91 15.82 -3.63
N PRO B 278 14.73 16.78 -4.11
CA PRO B 278 14.38 18.19 -4.21
C PRO B 278 13.48 18.45 -5.44
N MET B 279 13.23 19.72 -5.74
CA MET B 279 12.37 20.10 -6.87
C MET B 279 13.23 20.79 -7.94
N GLN B 280 14.53 20.48 -7.94
CA GLN B 280 15.43 21.03 -8.92
C GLN B 280 16.68 20.16 -9.02
N TYR B 281 17.40 20.38 -10.12
CA TYR B 281 18.67 19.69 -10.40
C TYR B 281 19.44 20.58 -11.39
N GLY B 282 20.57 21.14 -10.93
CA GLY B 282 21.34 22.02 -11.81
C GLY B 282 20.50 23.21 -12.27
N HIS B 283 20.36 23.39 -13.59
CA HIS B 283 19.67 24.54 -14.13
C HIS B 283 18.21 24.24 -14.49
N LEU B 284 17.70 23.10 -14.04
CA LEU B 284 16.31 22.69 -14.26
C LEU B 284 15.53 22.82 -12.94
N PHE B 285 14.39 23.49 -13.00
CA PHE B 285 13.53 23.69 -11.83
C PHE B 285 12.15 23.12 -12.14
N LEU B 286 11.71 22.17 -11.31
CA LEU B 286 10.38 21.57 -11.49
C LEU B 286 9.35 22.46 -10.79
N VAL B 287 8.27 22.73 -11.52
CA VAL B 287 7.18 23.59 -11.09
C VAL B 287 5.84 22.87 -11.22
N GLY B 288 4.98 23.03 -10.21
CA GLY B 288 3.62 22.52 -10.23
C GLY B 288 3.52 21.02 -10.23
N ASP B 289 2.59 20.49 -11.05
CA ASP B 289 2.31 19.06 -11.17
C ASP B 289 3.55 18.26 -11.63
N ALA B 290 4.58 18.92 -12.14
CA ALA B 290 5.75 18.17 -12.55
C ALA B 290 6.51 17.71 -11.31
N ALA B 291 6.27 18.40 -10.18
CA ALA B 291 6.96 18.14 -8.94
C ALA B 291 6.06 17.50 -7.87
N HIS B 292 4.79 17.89 -7.79
CA HIS B 292 3.94 17.35 -6.77
C HIS B 292 2.47 17.32 -7.23
N ILE B 293 1.72 16.41 -6.59
CA ILE B 293 0.31 16.20 -6.84
C ILE B 293 -0.39 16.13 -5.48
N VAL B 294 -1.62 16.66 -5.45
CA VAL B 294 -2.48 16.57 -4.29
C VAL B 294 -3.83 16.05 -4.75
N PRO B 295 -4.60 15.40 -3.86
CA PRO B 295 -5.98 15.08 -4.14
C PRO B 295 -6.70 16.42 -4.12
N PRO B 296 -7.70 16.67 -5.00
CA PRO B 296 -8.34 17.99 -5.05
C PRO B 296 -9.30 18.37 -3.91
N THR B 297 -9.37 17.55 -2.84
CA THR B 297 -10.33 17.81 -1.79
C THR B 297 -10.08 19.16 -1.09
N GLY B 298 -8.84 19.67 -1.16
CA GLY B 298 -8.52 20.95 -0.52
C GLY B 298 -8.37 22.10 -1.50
N ALA B 299 -8.62 21.84 -2.79
CA ALA B 299 -8.47 22.83 -3.86
C ALA B 299 -7.08 23.47 -3.83
N LYS B 300 -6.02 22.65 -3.69
CA LYS B 300 -4.65 23.14 -3.54
C LYS B 300 -3.77 22.95 -4.79
N GLY B 301 -4.16 22.10 -5.73
CA GLY B 301 -3.32 21.79 -6.89
C GLY B 301 -2.80 23.03 -7.63
N LEU B 302 -3.71 23.75 -8.27
CA LEU B 302 -3.33 24.93 -9.05
C LEU B 302 -2.70 26.00 -8.14
N ASN B 303 -3.15 26.04 -6.90
CA ASN B 303 -2.67 27.06 -5.95
C ASN B 303 -1.21 26.77 -5.54
N LEU B 304 -0.82 25.49 -5.51
CA LEU B 304 0.56 25.15 -5.15
C LEU B 304 1.44 25.40 -6.38
N ALA B 305 0.90 25.12 -7.56
CA ALA B 305 1.61 25.42 -8.77
C ALA B 305 1.95 26.92 -8.78
N ALA B 306 0.96 27.73 -8.37
CA ALA B 306 1.13 29.17 -8.40
C ALA B 306 2.18 29.61 -7.38
N SER B 307 2.24 28.93 -6.23
CA SER B 307 3.22 29.36 -5.25
C SER B 307 4.61 28.96 -5.74
N ASP B 308 4.72 27.81 -6.43
CA ASP B 308 6.00 27.40 -7.02
C ASP B 308 6.44 28.48 -8.02
N VAL B 309 5.50 28.95 -8.84
CA VAL B 309 5.78 29.98 -9.82
C VAL B 309 6.25 31.24 -9.08
N ASN B 310 5.53 31.55 -8.00
CA ASN B 310 5.86 32.74 -7.21
C ASN B 310 7.34 32.74 -6.84
N TYR B 311 7.79 31.64 -6.21
CA TYR B 311 9.15 31.55 -5.69
C TYR B 311 10.18 31.58 -6.82
N LEU B 312 9.98 30.79 -7.86
CA LEU B 312 10.94 30.77 -8.95
C LEU B 312 10.99 32.15 -9.62
N TYR B 313 9.82 32.76 -9.81
CA TYR B 313 9.77 34.07 -10.47
C TYR B 313 10.53 35.10 -9.63
N ARG B 314 10.27 35.14 -8.32
CA ARG B 314 10.92 36.18 -7.50
C ARG B 314 12.41 35.88 -7.35
N ILE B 315 12.81 34.62 -7.43
CA ILE B 315 14.24 34.38 -7.35
C ILE B 315 14.89 34.88 -8.65
N LEU B 316 14.33 34.47 -9.80
CA LEU B 316 14.88 34.82 -11.11
C LEU B 316 15.00 36.34 -11.31
N VAL B 317 14.00 37.09 -10.83
CA VAL B 317 14.06 38.55 -10.94
C VAL B 317 15.36 39.04 -10.29
N LYS B 318 15.69 38.48 -9.11
CA LYS B 318 16.89 38.85 -8.38
C LYS B 318 18.14 38.28 -9.04
N VAL B 319 18.02 37.14 -9.73
CA VAL B 319 19.17 36.55 -10.44
C VAL B 319 19.60 37.50 -11.57
N TYR B 320 18.63 38.04 -12.31
CA TYR B 320 18.98 38.82 -13.50
C TYR B 320 19.12 40.32 -13.20
N HIS B 321 18.38 40.85 -12.23
CA HIS B 321 18.39 42.29 -11.92
C HIS B 321 19.48 42.63 -10.90
N GLU B 322 19.79 41.68 -10.00
CA GLU B 322 20.78 41.91 -8.94
C GLU B 322 21.95 40.92 -9.04
N GLY B 323 21.98 40.11 -10.11
CA GLY B 323 23.06 39.13 -10.36
C GLY B 323 23.22 38.08 -9.27
N ARG B 324 22.13 37.73 -8.55
CA ARG B 324 22.19 36.76 -7.44
C ARG B 324 21.88 35.33 -7.93
N VAL B 325 22.76 34.83 -8.80
CA VAL B 325 22.70 33.53 -9.48
C VAL B 325 22.52 32.36 -8.51
N ASP B 326 23.19 32.42 -7.35
CA ASP B 326 23.15 31.31 -6.43
C ASP B 326 21.87 31.29 -5.57
N LEU B 327 21.04 32.35 -5.65
CA LEU B 327 19.79 32.36 -4.86
C LEU B 327 18.86 31.21 -5.29
N LEU B 328 19.02 30.72 -6.52
CA LEU B 328 18.18 29.61 -7.01
C LEU B 328 18.32 28.37 -6.13
N ALA B 329 19.36 28.30 -5.30
CA ALA B 329 19.48 27.13 -4.41
C ALA B 329 18.35 27.12 -3.36
N GLN B 330 17.67 28.26 -3.14
CA GLN B 330 16.57 28.35 -2.14
C GLN B 330 15.19 28.10 -2.78
N TYR B 331 15.16 27.81 -4.09
CA TYR B 331 13.89 27.51 -4.72
C TYR B 331 13.24 26.27 -4.06
N SER B 332 13.93 25.13 -4.06
CA SER B 332 13.33 23.91 -3.51
C SER B 332 12.97 24.10 -2.05
N PRO B 333 13.88 24.60 -1.19
CA PRO B 333 13.55 24.82 0.21
C PRO B 333 12.26 25.65 0.41
N LEU B 334 12.12 26.72 -0.35
CA LEU B 334 10.94 27.62 -0.26
C LEU B 334 9.66 26.91 -0.73
N ALA B 335 9.74 26.36 -1.94
CA ALA B 335 8.63 25.69 -2.58
C ALA B 335 8.14 24.53 -1.70
N LEU B 336 9.07 23.71 -1.23
CA LEU B 336 8.72 22.53 -0.46
C LEU B 336 8.07 22.88 0.88
N ARG B 337 8.52 23.96 1.51
CA ARG B 337 7.91 24.32 2.78
C ARG B 337 6.41 24.56 2.57
N ARG B 338 6.03 25.16 1.45
CA ARG B 338 4.61 25.45 1.23
C ARG B 338 3.91 24.22 0.64
N VAL B 339 4.64 23.41 -0.14
CA VAL B 339 4.05 22.23 -0.73
C VAL B 339 3.57 21.28 0.37
N TRP B 340 4.41 21.05 1.37
CA TRP B 340 4.09 20.13 2.46
C TRP B 340 2.88 20.60 3.26
N LYS B 341 2.75 21.92 3.42
CA LYS B 341 1.61 22.47 4.13
C LYS B 341 0.32 22.17 3.35
N GLY B 342 0.33 22.42 2.04
CA GLY B 342 -0.83 22.11 1.19
C GLY B 342 -1.08 20.62 1.08
N GLU B 343 -0.01 19.83 1.05
CA GLU B 343 -0.13 18.38 0.96
C GLU B 343 -0.79 17.88 2.25
N ARG B 344 -0.36 18.43 3.40
CA ARG B 344 -0.92 18.02 4.68
C ARG B 344 -2.43 18.25 4.67
N PHE B 345 -2.82 19.47 4.31
CA PHE B 345 -4.22 19.84 4.35
C PHE B 345 -5.06 19.00 3.36
N SER B 346 -4.52 18.79 2.15
CA SER B 346 -5.21 18.01 1.12
C SER B 346 -5.44 16.56 1.60
N TRP B 347 -4.43 16.01 2.27
CA TRP B 347 -4.49 14.68 2.87
C TRP B 347 -5.56 14.66 3.97
N PHE B 348 -5.53 15.69 4.82
CA PHE B 348 -6.47 15.79 5.94
C PHE B 348 -7.92 15.81 5.43
N MET B 349 -8.18 16.66 4.43
CA MET B 349 -9.54 16.81 3.92
C MET B 349 -9.99 15.52 3.23
N THR B 350 -9.07 14.84 2.53
CA THR B 350 -9.42 13.57 1.84
C THR B 350 -9.83 12.53 2.88
N GLN B 351 -9.03 12.37 3.93
CA GLN B 351 -9.30 11.42 5.00
C GLN B 351 -10.63 11.76 5.67
N LEU B 352 -10.91 13.07 5.81
CA LEU B 352 -12.07 13.54 6.54
C LEU B 352 -13.37 13.23 5.78
N LEU B 353 -13.37 13.33 4.45
CA LEU B 353 -14.67 13.34 3.75
C LEU B 353 -14.92 12.16 2.81
N HIS B 354 -13.99 11.22 2.71
CA HIS B 354 -14.15 10.10 1.78
C HIS B 354 -14.49 8.80 2.49
N ASP B 355 -15.10 7.89 1.72
CA ASP B 355 -15.42 6.52 2.10
C ASP B 355 -14.23 5.65 1.70
N PHE B 356 -13.52 5.09 2.69
CA PHE B 356 -12.32 4.27 2.41
C PHE B 356 -12.64 2.76 2.42
N GLY B 357 -13.90 2.40 2.71
CA GLY B 357 -14.32 1.01 2.74
C GLY B 357 -13.40 0.16 3.60
N SER B 358 -12.91 -0.95 3.02
CA SER B 358 -12.07 -1.90 3.75
C SER B 358 -10.61 -1.42 3.80
N HIS B 359 -10.31 -0.32 3.11
CA HIS B 359 -8.93 0.22 3.05
C HIS B 359 -8.52 0.90 4.36
N LYS B 360 -9.48 1.14 5.26
CA LYS B 360 -9.20 1.67 6.62
C LYS B 360 -9.81 0.70 7.63
N ASP B 361 -9.08 0.41 8.71
CA ASP B 361 -9.62 -0.46 9.73
C ASP B 361 -10.66 0.30 10.57
N ALA B 362 -11.33 -0.42 11.46
CA ALA B 362 -12.41 0.08 12.29
C ALA B 362 -11.96 1.28 13.14
N TRP B 363 -10.71 1.27 13.62
CA TRP B 363 -10.22 2.33 14.46
C TRP B 363 -10.15 3.65 13.67
N ASP B 364 -9.56 3.56 12.47
CA ASP B 364 -9.38 4.71 11.61
C ASP B 364 -10.74 5.27 11.17
N GLN B 365 -11.74 4.40 10.97
CA GLN B 365 -13.09 4.88 10.60
C GLN B 365 -13.65 5.70 11.78
N LYS B 366 -13.49 5.20 13.00
CA LYS B 366 -13.96 5.92 14.19
C LYS B 366 -13.27 7.27 14.31
N MET B 367 -11.97 7.31 14.00
CA MET B 367 -11.22 8.56 14.10
C MET B 367 -11.69 9.53 13.02
N GLN B 368 -12.05 9.03 11.84
CA GLN B 368 -12.63 9.89 10.80
C GLN B 368 -13.92 10.54 11.31
N GLU B 369 -14.74 9.74 12.01
CA GLU B 369 -16.01 10.22 12.51
C GLU B 369 -15.80 11.21 13.64
N ALA B 370 -14.84 10.94 14.53
CA ALA B 370 -14.63 11.85 15.66
C ALA B 370 -13.99 13.16 15.13
N ASP B 371 -13.18 13.07 14.07
CA ASP B 371 -12.63 14.29 13.48
C ASP B 371 -13.75 15.13 12.85
N ARG B 372 -14.69 14.46 12.15
CA ARG B 372 -15.84 15.17 11.53
C ARG B 372 -16.62 15.90 12.62
N GLU B 373 -16.83 15.24 13.77
CA GLU B 373 -17.47 15.87 14.92
C GLU B 373 -16.66 17.09 15.38
N TYR B 374 -15.41 16.85 15.79
CA TYR B 374 -14.59 17.93 16.36
C TYR B 374 -14.38 19.12 15.41
N PHE B 375 -13.94 18.87 14.18
CA PHE B 375 -13.58 19.97 13.29
C PHE B 375 -14.79 20.83 12.86
N LEU B 376 -16.00 20.25 12.82
CA LEU B 376 -17.18 21.03 12.37
C LEU B 376 -18.01 21.54 13.55
N THR B 377 -17.51 21.37 14.77
N THR B 377 -17.51 21.35 14.78
CA THR B 377 -18.22 21.79 15.98
CA THR B 377 -18.22 21.78 15.98
C THR B 377 -17.36 22.79 16.76
C THR B 377 -17.37 22.77 16.80
N SER B 378 -16.07 22.48 16.91
CA SER B 378 -15.15 23.37 17.64
C SER B 378 -14.85 24.64 16.85
N PRO B 379 -15.09 25.84 17.41
CA PRO B 379 -14.72 27.08 16.73
C PRO B 379 -13.27 27.11 16.27
N ALA B 380 -12.37 26.46 17.02
CA ALA B 380 -10.97 26.43 16.68
C ALA B 380 -10.73 25.47 15.51
N GLY B 381 -11.58 24.44 15.42
CA GLY B 381 -11.49 23.47 14.34
C GLY B 381 -11.92 24.09 13.03
N LEU B 382 -13.05 24.80 13.05
CA LEU B 382 -13.52 25.50 11.90
C LEU B 382 -12.42 26.47 11.45
N VAL B 383 -11.77 27.14 12.42
CA VAL B 383 -10.71 28.08 12.06
C VAL B 383 -9.54 27.30 11.44
N ASN B 384 -9.27 26.08 11.94
CA ASN B 384 -8.17 25.30 11.35
C ASN B 384 -8.43 25.09 9.85
N ILE B 385 -9.65 24.64 9.52
CA ILE B 385 -10.03 24.33 8.12
C ILE B 385 -10.05 25.60 7.27
N ALA B 386 -10.71 26.66 7.76
CA ALA B 386 -10.85 27.90 7.00
C ALA B 386 -9.50 28.51 6.64
N GLU B 387 -8.58 28.59 7.61
CA GLU B 387 -7.31 29.29 7.33
C GLU B 387 -6.49 28.45 6.34
N ASN B 388 -6.65 27.12 6.38
CA ASN B 388 -5.95 26.30 5.41
C ASN B 388 -6.60 26.41 4.04
N TYR B 389 -7.94 26.48 4.02
CA TYR B 389 -8.64 26.45 2.75
C TYR B 389 -8.31 27.70 1.92
N VAL B 390 -8.27 28.88 2.55
CA VAL B 390 -8.03 30.13 1.80
C VAL B 390 -6.56 30.22 1.35
N GLY B 391 -5.69 29.34 1.89
CA GLY B 391 -4.30 29.31 1.46
C GLY B 391 -3.39 30.00 2.45
N LEU B 392 -2.38 29.27 2.91
CA LEU B 392 -1.41 29.83 3.83
C LEU B 392 -0.52 30.81 3.08
N PRO B 393 0.16 31.74 3.79
CA PRO B 393 0.91 32.79 3.14
C PRO B 393 2.12 32.32 2.32
N PHE B 394 2.56 33.20 1.41
CA PHE B 394 3.78 32.99 0.70
C PHE B 394 4.91 33.55 1.55
N GLU B 395 6.07 32.87 1.66
CA GLU B 395 7.12 33.53 2.44
C GLU B 395 7.89 34.45 1.47
N GLU B 396 8.52 35.44 2.09
CA GLU B 396 9.31 36.41 1.41
C GLU B 396 10.64 35.78 0.99
N VAL B 397 11.16 36.26 -0.13
CA VAL B 397 12.43 35.83 -0.62
C VAL B 397 13.46 36.81 -0.06
N ALA B 398 14.57 36.27 0.47
CA ALA B 398 15.63 37.07 1.12
C ALA B 398 16.54 37.76 0.09
N ASN C 2 -35.45 -12.38 -52.02
CA ASN C 2 -35.01 -11.16 -51.28
C ASN C 2 -34.10 -11.57 -50.11
N ALA C 3 -34.65 -12.40 -49.20
CA ALA C 3 -33.90 -12.88 -48.04
C ALA C 3 -32.97 -14.02 -48.46
N MET C 4 -31.71 -13.94 -48.00
CA MET C 4 -30.71 -14.94 -48.27
C MET C 4 -30.84 -16.04 -47.21
N LYS C 5 -30.45 -17.26 -47.56
CA LYS C 5 -30.54 -18.37 -46.62
C LYS C 5 -29.19 -19.10 -46.58
N THR C 6 -28.79 -19.52 -45.38
CA THR C 6 -27.57 -20.28 -45.18
C THR C 6 -27.67 -21.03 -43.85
N GLN C 7 -26.62 -21.80 -43.53
CA GLN C 7 -26.58 -22.56 -42.30
C GLN C 7 -25.83 -21.74 -41.23
N VAL C 8 -24.67 -21.21 -41.61
CA VAL C 8 -23.87 -20.45 -40.65
C VAL C 8 -23.64 -19.03 -41.18
N ALA C 9 -24.15 -18.05 -40.43
CA ALA C 9 -23.91 -16.64 -40.72
C ALA C 9 -22.68 -16.20 -39.92
N ILE C 10 -21.69 -15.64 -40.62
CA ILE C 10 -20.41 -15.20 -40.03
C ILE C 10 -20.29 -13.68 -40.15
N ILE C 11 -20.14 -13.00 -39.00
CA ILE C 11 -19.92 -11.54 -38.98
C ILE C 11 -18.41 -11.30 -38.83
N GLY C 12 -17.80 -10.73 -39.86
CA GLY C 12 -16.37 -10.43 -39.85
C GLY C 12 -15.62 -11.18 -40.94
N ALA C 13 -14.86 -10.43 -41.75
CA ALA C 13 -14.05 -10.98 -42.82
C ALA C 13 -12.57 -10.80 -42.47
N GLY C 14 -12.28 -10.85 -41.18
CA GLY C 14 -10.90 -10.90 -40.74
C GLY C 14 -10.43 -12.35 -40.84
N PRO C 15 -9.24 -12.73 -40.34
CA PRO C 15 -8.77 -14.11 -40.44
C PRO C 15 -9.70 -15.11 -39.74
N SER C 16 -10.33 -14.72 -38.63
CA SER C 16 -11.23 -15.65 -37.91
C SER C 16 -12.42 -16.07 -38.78
N GLY C 17 -13.20 -15.08 -39.26
CA GLY C 17 -14.39 -15.41 -40.07
C GLY C 17 -14.04 -16.12 -41.38
N LEU C 18 -12.94 -15.71 -42.00
CA LEU C 18 -12.52 -16.25 -43.27
C LEU C 18 -12.05 -17.69 -43.09
N LEU C 19 -11.22 -17.92 -42.06
CA LEU C 19 -10.69 -19.26 -41.85
C LEU C 19 -11.87 -20.18 -41.51
N LEU C 20 -12.73 -19.75 -40.59
CA LEU C 20 -13.92 -20.53 -40.24
C LEU C 20 -14.72 -20.81 -41.53
N GLY C 21 -15.02 -19.73 -42.26
CA GLY C 21 -15.79 -19.81 -43.50
C GLY C 21 -15.25 -20.82 -44.50
N GLN C 22 -13.92 -20.87 -44.67
CA GLN C 22 -13.28 -21.73 -45.65
C GLN C 22 -13.36 -23.20 -45.21
N LEU C 23 -13.15 -23.44 -43.91
CA LEU C 23 -13.19 -24.80 -43.36
C LEU C 23 -14.62 -25.32 -43.44
N LEU C 24 -15.58 -24.44 -43.11
CA LEU C 24 -16.99 -24.83 -43.18
C LEU C 24 -17.37 -25.18 -44.64
N HIS C 25 -16.93 -24.35 -45.59
CA HIS C 25 -17.24 -24.58 -47.00
C HIS C 25 -16.70 -25.96 -47.42
N LYS C 26 -15.43 -26.25 -47.09
CA LYS C 26 -14.80 -27.53 -47.49
C LYS C 26 -15.54 -28.73 -46.88
N ALA C 27 -16.14 -28.53 -45.70
CA ALA C 27 -16.86 -29.59 -44.99
C ALA C 27 -18.33 -29.69 -45.45
N GLY C 28 -18.75 -28.85 -46.41
CA GLY C 28 -20.14 -28.90 -46.92
C GLY C 28 -21.13 -28.14 -46.03
N ILE C 29 -20.63 -27.12 -45.32
CA ILE C 29 -21.54 -26.34 -44.49
C ILE C 29 -21.61 -24.92 -45.05
N ASP C 30 -22.77 -24.59 -45.59
CA ASP C 30 -23.01 -23.31 -46.20
C ASP C 30 -22.80 -22.20 -45.17
N ASN C 31 -22.17 -21.12 -45.62
CA ASN C 31 -21.92 -19.99 -44.79
C ASN C 31 -21.84 -18.73 -45.66
N ILE C 32 -22.27 -17.62 -45.07
CA ILE C 32 -22.20 -16.28 -45.67
C ILE C 32 -21.45 -15.38 -44.67
N ILE C 33 -20.45 -14.65 -45.18
CA ILE C 33 -19.69 -13.73 -44.39
C ILE C 33 -20.18 -12.31 -44.73
N VAL C 34 -20.35 -11.51 -43.69
CA VAL C 34 -20.70 -10.12 -43.84
C VAL C 34 -19.60 -9.31 -43.16
N GLU C 35 -19.10 -8.28 -43.86
CA GLU C 35 -18.03 -7.43 -43.37
C GLU C 35 -18.39 -5.95 -43.55
N ARG C 36 -18.14 -5.19 -42.47
CA ARG C 36 -18.44 -3.76 -42.42
C ARG C 36 -17.54 -2.96 -43.37
N GLN C 37 -16.24 -3.28 -43.42
CA GLN C 37 -15.28 -2.49 -44.20
C GLN C 37 -15.20 -3.01 -45.65
N THR C 38 -14.28 -2.43 -46.42
CA THR C 38 -14.04 -2.95 -47.78
C THR C 38 -13.00 -4.06 -47.66
N ALA C 39 -12.89 -4.87 -48.73
CA ALA C 39 -11.91 -5.94 -48.78
C ALA C 39 -10.50 -5.34 -48.62
N GLU C 40 -10.29 -4.23 -49.33
CA GLU C 40 -9.03 -3.51 -49.40
C GLU C 40 -8.64 -2.93 -48.03
N TYR C 41 -9.65 -2.50 -47.28
CA TYR C 41 -9.41 -1.91 -45.99
C TYR C 41 -8.90 -3.00 -45.04
N VAL C 42 -9.48 -4.19 -45.14
CA VAL C 42 -9.10 -5.29 -44.29
C VAL C 42 -7.62 -5.63 -44.53
N LEU C 43 -7.21 -5.64 -45.80
CA LEU C 43 -5.81 -6.02 -46.15
C LEU C 43 -4.81 -4.92 -45.78
N GLY C 44 -5.30 -3.71 -45.52
CA GLY C 44 -4.42 -2.63 -45.12
C GLY C 44 -3.93 -2.79 -43.70
N ARG C 45 -4.62 -3.64 -42.93
CA ARG C 45 -4.26 -3.87 -41.53
C ARG C 45 -2.99 -4.73 -41.43
N ILE C 46 -1.96 -4.16 -40.80
CA ILE C 46 -0.66 -4.78 -40.52
C ILE C 46 -0.69 -5.25 -39.06
N ARG C 47 -0.86 -6.55 -38.84
CA ARG C 47 -1.01 -7.04 -37.48
C ARG C 47 0.03 -8.14 -37.16
N ALA C 48 -0.47 -9.35 -36.89
CA ALA C 48 0.35 -10.46 -36.41
C ALA C 48 1.32 -10.96 -37.49
N GLY C 49 2.39 -11.62 -37.03
CA GLY C 49 3.39 -12.18 -37.94
C GLY C 49 3.79 -13.61 -37.58
N VAL C 50 3.58 -14.03 -36.32
CA VAL C 50 4.00 -15.36 -35.85
C VAL C 50 2.79 -16.29 -35.75
N LEU C 51 2.90 -17.43 -36.45
CA LEU C 51 1.84 -18.45 -36.47
C LEU C 51 2.34 -19.72 -35.80
N GLU C 52 1.52 -20.27 -34.91
CA GLU C 52 1.87 -21.55 -34.29
C GLU C 52 1.59 -22.66 -35.30
N GLN C 53 2.23 -23.82 -35.11
CA GLN C 53 2.05 -24.95 -36.00
C GLN C 53 0.56 -25.32 -36.10
N GLY C 54 -0.19 -25.12 -35.01
CA GLY C 54 -1.61 -25.42 -35.04
C GLY C 54 -2.36 -24.52 -36.01
N THR C 55 -1.90 -23.27 -36.15
CA THR C 55 -2.53 -22.33 -37.08
C THR C 55 -2.18 -22.74 -38.52
N VAL C 56 -0.88 -23.01 -38.73
CA VAL C 56 -0.36 -23.45 -40.04
C VAL C 56 -1.13 -24.70 -40.52
N ASP C 57 -1.32 -25.67 -39.62
CA ASP C 57 -1.99 -26.94 -39.96
C ASP C 57 -3.42 -26.64 -40.41
N LEU C 58 -4.04 -25.69 -39.72
CA LEU C 58 -5.43 -25.35 -39.94
C LEU C 58 -5.58 -24.70 -41.33
N LEU C 59 -4.59 -23.89 -41.70
CA LEU C 59 -4.55 -23.26 -43.01
C LEU C 59 -4.27 -24.33 -44.08
N ARG C 60 -3.40 -25.29 -43.74
CA ARG C 60 -3.13 -26.36 -44.69
C ARG C 60 -4.44 -27.10 -44.96
N GLU C 61 -5.14 -27.47 -43.88
CA GLU C 61 -6.41 -28.18 -43.99
C GLU C 61 -7.40 -27.37 -44.85
N ALA C 62 -7.39 -26.06 -44.64
CA ALA C 62 -8.31 -25.15 -45.34
C ALA C 62 -8.00 -25.05 -46.85
N GLY C 63 -6.82 -25.53 -47.25
CA GLY C 63 -6.41 -25.55 -48.67
C GLY C 63 -5.77 -24.24 -49.11
N VAL C 64 -5.25 -23.46 -48.17
CA VAL C 64 -4.68 -22.15 -48.50
C VAL C 64 -3.23 -22.05 -48.00
N ALA C 65 -2.47 -23.13 -48.15
CA ALA C 65 -1.10 -23.20 -47.67
C ALA C 65 -0.08 -22.97 -48.79
N GLU C 66 -0.52 -23.06 -50.05
CA GLU C 66 0.41 -23.01 -51.16
C GLU C 66 1.36 -21.81 -51.04
N ARG C 67 0.83 -20.59 -50.83
CA ARG C 67 1.73 -19.42 -50.77
C ARG C 67 2.45 -19.36 -49.40
N MET C 68 1.80 -19.86 -48.35
CA MET C 68 2.41 -19.86 -47.01
C MET C 68 3.69 -20.72 -47.01
N ASP C 69 3.58 -21.97 -47.49
CA ASP C 69 4.72 -22.92 -47.52
C ASP C 69 5.87 -22.41 -48.41
N ARG C 70 5.54 -21.58 -49.42
CA ARG C 70 6.53 -21.08 -50.36
C ARG C 70 7.29 -19.86 -49.80
N GLU C 71 6.56 -18.87 -49.27
CA GLU C 71 7.18 -17.60 -48.84
C GLU C 71 7.26 -17.47 -47.31
N GLY C 72 6.59 -18.39 -46.60
CA GLY C 72 6.66 -18.39 -45.14
C GLY C 72 8.02 -18.85 -44.66
N LEU C 73 8.54 -18.21 -43.61
CA LEU C 73 9.85 -18.52 -43.04
C LEU C 73 9.66 -19.28 -41.73
N VAL C 74 10.23 -20.49 -41.68
CA VAL C 74 10.22 -21.35 -40.51
C VAL C 74 11.32 -20.86 -39.56
N HIS C 75 10.93 -20.49 -38.33
CA HIS C 75 11.87 -20.02 -37.31
C HIS C 75 12.06 -21.11 -36.26
N GLU C 76 13.32 -21.45 -35.97
CA GLU C 76 13.68 -22.50 -35.00
C GLU C 76 14.09 -21.90 -33.65
N GLY C 77 14.14 -20.57 -33.59
CA GLY C 77 14.52 -19.90 -32.37
C GLY C 77 14.01 -18.47 -32.32
N VAL C 78 14.07 -17.90 -31.11
CA VAL C 78 13.69 -16.54 -30.83
C VAL C 78 14.63 -16.04 -29.74
N GLU C 79 14.92 -14.74 -29.74
CA GLU C 79 15.86 -14.22 -28.75
C GLU C 79 15.15 -13.30 -27.75
N LEU C 80 15.55 -13.47 -26.48
CA LEU C 80 15.15 -12.59 -25.41
C LEU C 80 16.40 -11.85 -24.94
N LEU C 81 16.29 -10.53 -24.98
CA LEU C 81 17.38 -9.64 -24.69
C LEU C 81 17.08 -8.88 -23.40
N VAL C 82 17.99 -9.01 -22.42
CA VAL C 82 17.87 -8.33 -21.13
C VAL C 82 19.24 -7.79 -20.71
N GLY C 83 19.25 -6.56 -20.15
CA GLY C 83 20.47 -5.91 -19.69
C GLY C 83 21.63 -6.06 -20.67
N GLY C 84 21.31 -6.00 -21.97
CA GLY C 84 22.31 -6.07 -23.05
C GLY C 84 22.76 -7.49 -23.40
N ARG C 85 22.35 -8.49 -22.61
CA ARG C 85 22.75 -9.89 -22.86
C ARG C 85 21.67 -10.57 -23.73
N ARG C 86 22.11 -11.16 -24.86
CA ARG C 86 21.24 -11.93 -25.77
C ARG C 86 21.15 -13.37 -25.25
N GLN C 87 19.92 -13.87 -25.12
CA GLN C 87 19.66 -15.25 -24.76
C GLN C 87 18.72 -15.84 -25.82
N ARG C 88 19.23 -16.83 -26.56
CA ARG C 88 18.44 -17.48 -27.57
C ARG C 88 17.74 -18.69 -26.99
N LEU C 89 16.45 -18.82 -27.34
CA LEU C 89 15.65 -19.97 -27.05
C LEU C 89 15.68 -20.83 -28.29
N ASP C 90 16.35 -21.99 -28.22
CA ASP C 90 16.33 -22.93 -29.34
C ASP C 90 14.99 -23.66 -29.18
N LEU C 91 13.95 -23.16 -29.84
CA LEU C 91 12.58 -23.68 -29.69
C LEU C 91 12.53 -25.17 -30.05
N LYS C 92 13.22 -25.52 -31.14
CA LYS C 92 13.22 -26.88 -31.64
C LYS C 92 13.81 -27.82 -30.58
N ALA C 93 14.87 -27.40 -29.90
CA ALA C 93 15.56 -28.25 -28.90
C ALA C 93 14.82 -28.25 -27.55
N LEU C 94 14.23 -27.12 -27.15
CA LEU C 94 13.57 -27.02 -25.84
C LEU C 94 12.17 -27.64 -25.85
N THR C 95 11.56 -27.80 -27.03
CA THR C 95 10.14 -28.25 -27.10
C THR C 95 9.96 -29.60 -27.79
N GLY C 96 11.08 -30.26 -28.13
CA GLY C 96 11.01 -31.56 -28.77
C GLY C 96 10.72 -31.49 -30.26
N GLY C 97 11.14 -30.41 -30.93
CA GLY C 97 11.05 -30.32 -32.40
C GLY C 97 10.07 -29.29 -32.94
N LYS C 98 9.39 -28.56 -32.05
CA LYS C 98 8.40 -27.56 -32.48
C LYS C 98 9.11 -26.28 -32.95
N THR C 99 8.47 -25.61 -33.91
CA THR C 99 8.93 -24.36 -34.51
C THR C 99 7.73 -23.45 -34.74
N VAL C 100 7.98 -22.22 -35.18
CA VAL C 100 6.95 -21.29 -35.55
C VAL C 100 7.23 -20.85 -36.99
N MET C 101 6.22 -20.23 -37.59
CA MET C 101 6.21 -19.78 -38.96
C MET C 101 5.98 -18.26 -38.99
N VAL C 102 6.94 -17.49 -39.53
CA VAL C 102 6.71 -16.05 -39.73
C VAL C 102 6.09 -15.86 -41.14
N TYR C 103 4.82 -15.45 -41.14
CA TYR C 103 4.05 -15.16 -42.35
C TYR C 103 2.96 -14.16 -41.96
N GLY C 104 2.98 -12.97 -42.56
CA GLY C 104 2.10 -11.83 -42.21
C GLY C 104 0.62 -12.17 -42.18
N GLN C 105 -0.07 -11.65 -41.15
CA GLN C 105 -1.51 -11.86 -41.04
C GLN C 105 -2.18 -11.36 -42.32
N THR C 106 -1.64 -10.28 -42.89
CA THR C 106 -2.18 -9.67 -44.10
C THR C 106 -2.13 -10.68 -45.24
N GLU C 107 -1.02 -11.41 -45.34
CA GLU C 107 -0.84 -12.40 -46.39
C GLU C 107 -1.83 -13.56 -46.18
N VAL C 108 -1.98 -14.00 -44.93
CA VAL C 108 -2.91 -15.09 -44.58
C VAL C 108 -4.33 -14.67 -45.00
N THR C 109 -4.68 -13.40 -44.71
CA THR C 109 -6.01 -12.90 -44.99
C THR C 109 -6.23 -12.82 -46.51
N ARG C 110 -5.23 -12.28 -47.22
CA ARG C 110 -5.23 -12.15 -48.68
C ARG C 110 -5.40 -13.56 -49.29
N ASP C 111 -4.59 -14.50 -48.79
CA ASP C 111 -4.66 -15.87 -49.29
C ASP C 111 -6.09 -16.41 -49.07
N LEU C 112 -6.71 -16.10 -47.92
CA LEU C 112 -8.05 -16.67 -47.63
C LEU C 112 -9.13 -16.04 -48.51
N MET C 113 -8.97 -14.75 -48.81
CA MET C 113 -9.90 -14.01 -49.64
C MET C 113 -9.77 -14.51 -51.09
N GLN C 114 -8.52 -14.67 -51.55
CA GLN C 114 -8.18 -15.17 -52.88
C GLN C 114 -8.91 -16.50 -53.07
N ALA C 115 -8.85 -17.35 -52.05
CA ALA C 115 -9.43 -18.69 -52.10
C ALA C 115 -10.97 -18.66 -52.01
N ARG C 116 -11.54 -17.71 -51.26
CA ARG C 116 -13.01 -17.70 -51.15
C ARG C 116 -13.61 -17.20 -52.48
N GLU C 117 -12.91 -16.31 -53.18
CA GLU C 117 -13.40 -15.84 -54.49
C GLU C 117 -13.45 -17.07 -55.41
N ALA C 118 -12.38 -17.89 -55.38
CA ALA C 118 -12.28 -19.10 -56.23
C ALA C 118 -13.45 -20.08 -55.99
N SER C 119 -13.86 -20.23 -54.72
CA SER C 119 -14.89 -21.21 -54.28
C SER C 119 -16.31 -20.70 -54.54
N GLY C 120 -16.51 -19.37 -54.60
CA GLY C 120 -17.86 -18.79 -54.82
C GLY C 120 -18.66 -18.60 -53.54
N ALA C 121 -18.18 -19.17 -52.42
CA ALA C 121 -18.89 -19.01 -51.14
C ALA C 121 -19.22 -17.53 -50.92
N PRO C 122 -20.50 -17.18 -50.60
CA PRO C 122 -20.91 -15.78 -50.50
C PRO C 122 -20.21 -14.95 -49.40
N ILE C 123 -19.69 -13.80 -49.82
CA ILE C 123 -19.09 -12.81 -48.93
C ILE C 123 -19.58 -11.43 -49.38
N ILE C 124 -20.03 -10.62 -48.41
CA ILE C 124 -20.57 -9.30 -48.65
C ILE C 124 -19.79 -8.26 -47.84
N TYR C 125 -19.13 -7.35 -48.55
CA TYR C 125 -18.37 -6.27 -47.98
C TYR C 125 -19.26 -5.02 -47.94
N SER C 126 -18.83 -4.01 -47.17
CA SER C 126 -19.55 -2.75 -47.02
C SER C 126 -20.97 -3.01 -46.49
N ALA C 127 -21.08 -4.00 -45.59
CA ALA C 127 -22.36 -4.34 -44.95
C ALA C 127 -22.48 -3.49 -43.68
N ALA C 128 -23.30 -2.45 -43.79
CA ALA C 128 -23.44 -1.48 -42.71
C ALA C 128 -24.48 -1.97 -41.71
N ASN C 129 -24.28 -1.56 -40.45
CA ASN C 129 -25.19 -1.79 -39.33
C ASN C 129 -25.67 -3.24 -39.30
N VAL C 130 -24.71 -4.18 -39.33
CA VAL C 130 -25.04 -5.59 -39.17
C VAL C 130 -25.64 -5.76 -37.76
N GLN C 131 -26.80 -6.42 -37.68
CA GLN C 131 -27.42 -6.66 -36.38
C GLN C 131 -27.94 -8.09 -36.31
N PRO C 132 -27.58 -8.88 -35.27
CA PRO C 132 -28.15 -10.21 -35.11
C PRO C 132 -29.47 -10.12 -34.35
N HIS C 133 -30.43 -10.96 -34.72
CA HIS C 133 -31.74 -11.02 -34.06
C HIS C 133 -32.04 -12.48 -33.68
N GLU C 134 -33.05 -12.66 -32.82
CA GLU C 134 -33.53 -14.01 -32.43
C GLU C 134 -32.36 -14.92 -32.04
N LEU C 135 -31.49 -14.43 -31.15
CA LEU C 135 -30.33 -15.22 -30.75
C LEU C 135 -30.76 -16.54 -30.09
N LYS C 136 -31.85 -16.49 -29.32
CA LYS C 136 -32.37 -17.70 -28.63
C LYS C 136 -33.73 -18.10 -29.20
N GLY C 137 -33.85 -17.98 -30.54
CA GLY C 137 -35.06 -18.31 -31.26
C GLY C 137 -34.86 -19.58 -32.09
N GLU C 138 -35.93 -19.96 -32.80
CA GLU C 138 -35.92 -21.15 -33.65
C GLU C 138 -35.00 -20.93 -34.84
N LYS C 139 -35.17 -19.76 -35.49
CA LYS C 139 -34.41 -19.36 -36.68
C LYS C 139 -33.78 -17.98 -36.45
N PRO C 140 -32.50 -17.92 -36.05
CA PRO C 140 -31.83 -16.63 -35.90
C PRO C 140 -31.58 -16.03 -37.29
N TYR C 141 -31.29 -14.73 -37.32
CA TYR C 141 -31.01 -14.09 -38.60
C TYR C 141 -30.22 -12.79 -38.38
N LEU C 142 -29.55 -12.31 -39.44
CA LEU C 142 -28.84 -11.05 -39.44
C LEU C 142 -29.60 -10.07 -40.35
N THR C 143 -29.54 -8.78 -40.02
CA THR C 143 -29.99 -7.71 -40.92
C THR C 143 -28.77 -6.81 -41.15
N PHE C 144 -28.71 -6.17 -42.32
CA PHE C 144 -27.64 -5.24 -42.61
C PHE C 144 -28.07 -4.34 -43.78
N GLU C 145 -27.36 -3.24 -43.96
CA GLU C 145 -27.69 -2.32 -45.01
C GLU C 145 -26.56 -2.19 -46.03
N LYS C 146 -26.95 -2.34 -47.29
CA LYS C 146 -26.05 -2.17 -48.40
C LYS C 146 -26.84 -1.57 -49.56
N ASP C 147 -26.19 -0.64 -50.28
CA ASP C 147 -26.78 0.05 -51.41
C ASP C 147 -28.08 0.73 -50.92
N GLY C 148 -28.07 1.12 -49.64
CA GLY C 148 -29.19 1.85 -49.00
C GLY C 148 -30.39 1.00 -48.60
N ARG C 149 -30.42 -0.27 -49.01
CA ARG C 149 -31.55 -1.19 -48.76
C ARG C 149 -31.21 -2.22 -47.67
N VAL C 150 -32.23 -2.61 -46.90
CA VAL C 150 -32.07 -3.59 -45.83
C VAL C 150 -32.04 -5.00 -46.45
N GLN C 151 -31.12 -5.83 -45.94
CA GLN C 151 -30.91 -7.19 -46.40
C GLN C 151 -30.96 -8.13 -45.19
N ARG C 152 -31.62 -9.27 -45.36
CA ARG C 152 -31.77 -10.25 -44.29
C ARG C 152 -31.10 -11.57 -44.69
N ILE C 153 -30.42 -12.19 -43.72
CA ILE C 153 -29.76 -13.49 -43.86
C ILE C 153 -30.35 -14.44 -42.81
N ASP C 154 -31.00 -15.51 -43.28
CA ASP C 154 -31.57 -16.55 -42.41
C ASP C 154 -30.52 -17.65 -42.23
N CYS C 155 -30.37 -18.14 -41.00
CA CYS C 155 -29.34 -19.13 -40.71
C CYS C 155 -29.70 -19.94 -39.46
N ASP C 156 -28.85 -20.91 -39.14
CA ASP C 156 -29.04 -21.77 -37.97
C ASP C 156 -28.15 -21.26 -36.84
N TYR C 157 -26.94 -20.85 -37.22
CA TYR C 157 -25.97 -20.40 -36.25
C TYR C 157 -25.29 -19.13 -36.77
N ILE C 158 -24.91 -18.27 -35.83
CA ILE C 158 -24.18 -17.07 -36.12
C ILE C 158 -22.82 -17.15 -35.43
N ALA C 159 -21.76 -16.98 -36.23
CA ALA C 159 -20.42 -16.93 -35.71
C ALA C 159 -20.02 -15.45 -35.62
N GLY C 160 -19.78 -14.97 -34.40
CA GLY C 160 -19.34 -13.60 -34.18
C GLY C 160 -17.82 -13.51 -34.26
N CYS C 161 -17.35 -13.14 -35.46
CA CYS C 161 -15.92 -13.02 -35.73
C CYS C 161 -15.60 -11.55 -36.05
N ASP C 162 -16.20 -10.65 -35.29
CA ASP C 162 -16.13 -9.20 -35.61
C ASP C 162 -15.14 -8.40 -34.73
N GLY C 163 -14.22 -9.09 -34.07
CA GLY C 163 -13.16 -8.39 -33.36
C GLY C 163 -13.62 -7.56 -32.16
N PHE C 164 -12.63 -6.85 -31.60
CA PHE C 164 -12.76 -6.05 -30.38
C PHE C 164 -13.92 -5.07 -30.46
N HIS C 165 -14.12 -4.44 -31.64
CA HIS C 165 -15.19 -3.42 -31.81
C HIS C 165 -16.40 -4.02 -32.51
N GLY C 166 -16.52 -5.34 -32.48
CA GLY C 166 -17.62 -6.04 -33.09
C GLY C 166 -18.96 -5.67 -32.48
N ILE C 167 -20.02 -6.17 -33.13
CA ILE C 167 -21.38 -5.98 -32.70
C ILE C 167 -21.88 -7.23 -31.95
N SER C 168 -21.28 -8.39 -32.25
N SER C 168 -21.28 -8.39 -32.25
CA SER C 168 -21.74 -9.67 -31.68
CA SER C 168 -21.74 -9.69 -31.69
C SER C 168 -21.72 -9.65 -30.16
C SER C 168 -21.72 -9.69 -30.16
N ARG C 169 -20.57 -9.34 -29.57
CA ARG C 169 -20.43 -9.33 -28.11
C ARG C 169 -21.46 -8.36 -27.50
N GLN C 170 -21.64 -7.20 -28.16
CA GLN C 170 -22.55 -6.13 -27.70
C GLN C 170 -24.02 -6.56 -27.78
N SER C 171 -24.32 -7.52 -28.66
CA SER C 171 -25.69 -7.94 -28.93
C SER C 171 -26.22 -8.92 -27.88
N ILE C 172 -25.34 -9.41 -26.99
CA ILE C 172 -25.78 -10.37 -25.99
C ILE C 172 -26.35 -9.59 -24.82
N PRO C 173 -27.50 -10.03 -24.24
CA PRO C 173 -28.15 -9.29 -23.16
C PRO C 173 -27.25 -9.09 -21.94
N GLU C 174 -27.45 -7.94 -21.28
CA GLU C 174 -26.74 -7.57 -20.09
C GLU C 174 -26.94 -8.65 -19.02
N GLY C 175 -25.90 -8.86 -18.20
CA GLY C 175 -25.94 -9.80 -17.07
C GLY C 175 -25.72 -11.26 -17.45
N VAL C 176 -25.32 -11.53 -18.69
CA VAL C 176 -25.08 -12.90 -19.16
C VAL C 176 -23.57 -13.16 -19.18
N LEU C 177 -22.83 -12.19 -19.74
CA LEU C 177 -21.40 -12.30 -19.88
C LEU C 177 -20.71 -11.70 -18.66
N LYS C 178 -19.58 -12.30 -18.27
CA LYS C 178 -18.73 -11.71 -17.25
C LYS C 178 -17.39 -11.39 -17.92
N GLN C 179 -16.88 -10.20 -17.64
CA GLN C 179 -15.67 -9.70 -18.27
C GLN C 179 -14.51 -9.67 -17.26
N TYR C 180 -13.30 -10.00 -17.76
CA TYR C 180 -12.05 -9.96 -17.00
C TYR C 180 -11.05 -9.16 -17.82
N GLU C 181 -10.46 -8.13 -17.21
CA GLU C 181 -9.65 -7.25 -18.01
C GLU C 181 -8.50 -6.66 -17.21
N ARG C 182 -7.41 -6.38 -17.93
CA ARG C 182 -6.28 -5.66 -17.43
C ARG C 182 -5.84 -4.77 -18.60
N VAL C 183 -5.87 -3.46 -18.37
CA VAL C 183 -5.46 -2.49 -19.36
C VAL C 183 -4.05 -2.05 -18.97
N TYR C 184 -3.11 -2.14 -19.92
CA TYR C 184 -1.70 -1.81 -19.63
C TYR C 184 -1.44 -0.34 -19.94
N PRO C 185 -0.50 0.31 -19.20
CA PRO C 185 -0.20 1.74 -19.36
C PRO C 185 0.69 2.06 -20.57
N PHE C 186 0.63 1.18 -21.57
CA PHE C 186 1.44 1.41 -22.75
C PHE C 186 0.80 0.76 -23.98
N GLY C 187 1.27 1.21 -25.13
CA GLY C 187 0.92 0.63 -26.42
C GLY C 187 2.19 0.25 -27.14
N TRP C 188 2.06 -0.41 -28.29
CA TRP C 188 3.15 -0.74 -29.16
C TRP C 188 3.09 0.14 -30.40
N LEU C 189 4.13 0.94 -30.59
CA LEU C 189 4.29 1.69 -31.80
C LEU C 189 5.05 0.77 -32.78
N GLY C 190 4.38 0.40 -33.89
CA GLY C 190 4.92 -0.48 -34.91
C GLY C 190 5.30 0.26 -36.20
N LEU C 191 6.37 -0.22 -36.83
CA LEU C 191 6.85 0.36 -38.07
C LEU C 191 7.28 -0.77 -39.01
N LEU C 192 6.54 -0.88 -40.13
CA LEU C 192 6.79 -1.81 -41.24
C LEU C 192 7.69 -1.07 -42.24
N SER C 193 8.81 -1.70 -42.61
N SER C 193 8.83 -1.68 -42.59
CA SER C 193 9.81 -1.08 -43.49
CA SER C 193 9.79 -1.05 -43.50
C SER C 193 10.26 -2.05 -44.58
C SER C 193 10.26 -2.04 -44.58
N ASP C 194 10.69 -1.49 -45.71
CA ASP C 194 11.17 -2.28 -46.84
C ASP C 194 12.70 -2.31 -46.73
N THR C 195 13.19 -3.10 -45.77
CA THR C 195 14.59 -3.21 -45.37
C THR C 195 14.84 -4.63 -44.84
N PRO C 196 16.08 -5.16 -44.95
CA PRO C 196 16.37 -6.50 -44.42
C PRO C 196 16.30 -6.51 -42.89
N PRO C 197 15.65 -7.53 -42.28
CA PRO C 197 15.58 -7.63 -40.82
C PRO C 197 16.98 -7.63 -40.23
N VAL C 198 17.13 -7.04 -39.05
CA VAL C 198 18.43 -6.92 -38.39
C VAL C 198 18.91 -8.30 -37.90
N ASN C 199 17.98 -9.27 -37.81
CA ASN C 199 18.31 -10.64 -37.37
C ASN C 199 17.29 -11.58 -38.01
N HIS C 200 17.69 -12.81 -38.35
CA HIS C 200 16.77 -13.71 -39.05
C HIS C 200 15.75 -14.31 -38.09
N GLU C 201 15.87 -14.02 -36.79
CA GLU C 201 14.95 -14.48 -35.76
C GLU C 201 14.46 -13.28 -34.97
N LEU C 202 13.30 -13.43 -34.34
CA LEU C 202 12.76 -12.34 -33.54
C LEU C 202 13.67 -12.08 -32.32
N ILE C 203 13.78 -10.80 -31.98
CA ILE C 203 14.50 -10.35 -30.81
C ILE C 203 13.55 -9.53 -29.93
N TYR C 204 13.11 -10.13 -28.80
CA TYR C 204 12.34 -9.47 -27.78
C TYR C 204 13.34 -8.82 -26.81
N ALA C 205 13.30 -7.48 -26.71
CA ALA C 205 14.28 -6.75 -25.91
C ALA C 205 13.65 -5.95 -24.76
N HIS C 206 14.19 -6.18 -23.56
CA HIS C 206 13.87 -5.35 -22.43
C HIS C 206 15.04 -4.38 -22.24
N HIS C 207 14.75 -3.09 -22.25
CA HIS C 207 15.76 -2.12 -22.03
C HIS C 207 15.24 -1.09 -21.02
N GLU C 208 16.19 -0.53 -20.26
CA GLU C 208 15.97 0.55 -19.30
C GLU C 208 14.93 1.53 -19.88
N ARG C 209 15.14 1.96 -21.12
CA ARG C 209 14.27 2.98 -21.76
C ARG C 209 12.93 2.39 -22.19
N GLY C 210 12.81 1.06 -22.16
CA GLY C 210 11.56 0.44 -22.58
C GLY C 210 11.79 -0.74 -23.51
N PHE C 211 10.70 -1.48 -23.72
CA PHE C 211 10.64 -2.67 -24.55
C PHE C 211 10.76 -2.32 -26.03
N ALA C 212 11.37 -3.25 -26.78
CA ALA C 212 11.50 -3.18 -28.22
C ALA C 212 11.42 -4.60 -28.77
N LEU C 213 10.87 -4.73 -29.98
CA LEU C 213 10.82 -6.03 -30.64
C LEU C 213 11.30 -5.86 -32.09
N CYS C 214 12.26 -6.71 -32.46
CA CYS C 214 12.75 -6.76 -33.82
C CYS C 214 12.10 -7.99 -34.47
N SER C 215 11.28 -7.73 -35.49
CA SER C 215 10.58 -8.78 -36.15
C SER C 215 10.69 -8.56 -37.67
N GLN C 216 9.89 -9.32 -38.42
CA GLN C 216 9.97 -9.32 -39.88
C GLN C 216 8.71 -9.94 -40.51
N ARG C 217 8.55 -9.71 -41.81
CA ARG C 217 7.42 -10.30 -42.56
C ARG C 217 7.97 -11.18 -43.69
N SER C 218 9.18 -10.86 -44.15
CA SER C 218 9.89 -11.66 -45.14
C SER C 218 11.38 -11.37 -45.00
N GLN C 219 12.20 -11.91 -45.91
CA GLN C 219 13.64 -11.70 -45.84
C GLN C 219 13.96 -10.26 -46.26
N THR C 220 13.00 -9.57 -46.88
CA THR C 220 13.27 -8.19 -47.31
C THR C 220 12.27 -7.23 -46.69
N ARG C 221 11.55 -7.65 -45.65
CA ARG C 221 10.57 -6.77 -45.01
C ARG C 221 10.63 -6.91 -43.49
N SER C 222 10.83 -5.79 -42.79
CA SER C 222 10.99 -5.77 -41.35
C SER C 222 9.78 -5.12 -40.67
N ARG C 223 9.49 -5.57 -39.45
CA ARG C 223 8.45 -5.00 -38.58
C ARG C 223 9.13 -4.80 -37.21
N TYR C 224 9.15 -3.56 -36.74
CA TYR C 224 9.77 -3.22 -35.45
C TYR C 224 8.75 -2.52 -34.55
N TYR C 225 8.88 -2.73 -33.23
CA TYR C 225 7.96 -2.13 -32.27
C TYR C 225 8.72 -1.53 -31.07
N LEU C 226 8.13 -0.47 -30.51
CA LEU C 226 8.61 0.20 -29.29
C LEU C 226 7.42 0.35 -28.35
N GLN C 227 7.59 0.07 -27.04
CA GLN C 227 6.50 0.41 -26.18
C GLN C 227 6.49 1.94 -26.11
N VAL C 228 5.31 2.54 -25.98
CA VAL C 228 5.19 4.00 -25.83
C VAL C 228 4.02 4.27 -24.90
N PRO C 229 4.03 5.37 -24.13
CA PRO C 229 2.88 5.71 -23.26
C PRO C 229 1.56 5.86 -24.04
N LEU C 230 0.45 5.66 -23.31
CA LEU C 230 -0.88 5.69 -23.88
C LEU C 230 -1.23 7.03 -24.51
N GLN C 231 -0.71 8.15 -23.98
CA GLN C 231 -1.11 9.41 -24.59
C GLN C 231 -0.35 9.68 -25.90
N ASP C 232 0.62 8.84 -26.24
CA ASP C 232 1.41 9.08 -27.47
C ASP C 232 0.53 8.93 -28.72
N ARG C 233 0.78 9.80 -29.70
CA ARG C 233 0.11 9.80 -30.98
C ARG C 233 1.16 9.51 -32.05
N VAL C 234 0.78 8.77 -33.08
CA VAL C 234 1.74 8.37 -34.12
C VAL C 234 2.39 9.60 -34.80
N GLU C 235 1.64 10.71 -34.91
N GLU C 235 1.63 10.69 -34.91
CA GLU C 235 2.16 11.92 -35.61
CA GLU C 235 2.10 11.92 -35.58
C GLU C 235 3.29 12.58 -34.81
C GLU C 235 3.28 12.55 -34.81
N GLU C 236 3.51 12.11 -33.56
CA GLU C 236 4.61 12.62 -32.71
C GLU C 236 5.89 11.81 -32.93
N TRP C 237 5.79 10.73 -33.74
CA TRP C 237 6.91 9.82 -33.98
C TRP C 237 7.28 9.78 -35.47
N SER C 238 8.21 10.65 -35.86
CA SER C 238 8.72 10.65 -37.18
C SER C 238 9.47 9.32 -37.38
N ASP C 239 9.80 8.99 -38.62
CA ASP C 239 10.57 7.76 -38.91
C ASP C 239 11.93 7.86 -38.21
N GLU C 240 12.55 9.06 -38.26
CA GLU C 240 13.86 9.32 -37.67
C GLU C 240 13.81 9.09 -36.16
N ARG C 241 12.73 9.54 -35.51
CA ARG C 241 12.61 9.42 -34.05
C ARG C 241 12.51 7.95 -33.69
N PHE C 242 11.65 7.24 -34.41
CA PHE C 242 11.48 5.83 -34.17
C PHE C 242 12.81 5.08 -34.28
N TRP C 243 13.53 5.27 -35.39
CA TRP C 243 14.78 4.53 -35.60
C TRP C 243 15.82 4.81 -34.51
N ASP C 244 15.96 6.09 -34.10
CA ASP C 244 16.98 6.42 -33.11
C ASP C 244 16.62 5.82 -31.74
N GLU C 245 15.34 5.73 -31.43
CA GLU C 245 14.90 5.17 -30.15
C GLU C 245 15.13 3.64 -30.15
N LEU C 246 14.78 2.99 -31.27
CA LEU C 246 14.98 1.54 -31.43
C LEU C 246 16.45 1.22 -31.20
N LYS C 247 17.33 2.01 -31.84
CA LYS C 247 18.79 1.81 -31.67
C LYS C 247 19.17 1.96 -30.20
N ALA C 248 18.61 2.99 -29.53
CA ALA C 248 18.92 3.28 -28.15
C ALA C 248 18.51 2.12 -27.22
N ARG C 249 17.63 1.22 -27.70
CA ARG C 249 17.13 0.11 -26.86
C ARG C 249 17.77 -1.21 -27.27
N LEU C 250 18.72 -1.17 -28.20
CA LEU C 250 19.42 -2.37 -28.67
C LEU C 250 20.91 -2.29 -28.36
N PRO C 251 21.63 -3.45 -28.29
CA PRO C 251 23.07 -3.44 -28.10
C PRO C 251 23.70 -2.68 -29.27
N ALA C 252 24.85 -2.04 -29.01
CA ALA C 252 25.57 -1.26 -29.99
C ALA C 252 25.79 -2.05 -31.29
N GLU C 253 26.18 -3.33 -31.19
CA GLU C 253 26.49 -4.11 -32.42
C GLU C 253 25.26 -4.28 -33.31
N VAL C 254 24.11 -4.54 -32.68
CA VAL C 254 22.86 -4.77 -33.41
C VAL C 254 22.36 -3.45 -34.02
N ALA C 255 22.43 -2.38 -33.22
CA ALA C 255 22.02 -1.07 -33.72
C ALA C 255 22.88 -0.69 -34.93
N ALA C 256 24.17 -1.05 -34.88
CA ALA C 256 25.12 -0.70 -35.94
C ALA C 256 24.82 -1.48 -37.23
N ASP C 257 24.24 -2.68 -37.12
CA ASP C 257 23.92 -3.52 -38.31
C ASP C 257 22.53 -3.20 -38.85
N LEU C 258 21.71 -2.55 -38.02
CA LEU C 258 20.36 -2.25 -38.43
C LEU C 258 20.35 -1.32 -39.64
N VAL C 259 19.66 -1.74 -40.68
CA VAL C 259 19.44 -0.93 -41.86
C VAL C 259 18.05 -0.29 -41.70
N THR C 260 18.02 1.04 -41.78
CA THR C 260 16.80 1.83 -41.63
C THR C 260 16.25 2.21 -43.01
N GLY C 261 14.98 2.62 -43.02
CA GLY C 261 14.26 3.04 -44.21
C GLY C 261 12.90 3.66 -43.86
N PRO C 262 12.28 4.41 -44.81
CA PRO C 262 10.99 5.06 -44.56
C PRO C 262 9.91 4.01 -44.27
N ALA C 263 8.89 4.40 -43.51
CA ALA C 263 7.83 3.49 -43.09
C ALA C 263 6.79 3.26 -44.21
N LEU C 264 6.42 1.99 -44.38
CA LEU C 264 5.34 1.54 -45.27
C LEU C 264 4.02 1.66 -44.50
N GLU C 265 4.10 1.41 -43.18
CA GLU C 265 2.96 1.51 -42.25
C GLU C 265 3.53 1.83 -40.87
N LYS C 266 2.83 2.69 -40.12
CA LYS C 266 3.28 3.12 -38.83
C LYS C 266 2.05 3.46 -37.99
N SER C 267 1.91 2.78 -36.84
CA SER C 267 0.77 3.00 -35.98
C SER C 267 1.03 2.46 -34.57
N ILE C 268 0.16 2.87 -33.65
CA ILE C 268 0.25 2.50 -32.26
C ILE C 268 -0.96 1.64 -31.90
N ALA C 269 -0.70 0.46 -31.33
CA ALA C 269 -1.78 -0.40 -30.85
C ALA C 269 -1.75 -0.45 -29.33
N PRO C 270 -2.86 -0.08 -28.63
CA PRO C 270 -2.90 -0.14 -27.17
C PRO C 270 -2.92 -1.61 -26.73
N LEU C 271 -2.30 -1.92 -25.58
CA LEU C 271 -2.18 -3.29 -25.11
C LEU C 271 -3.23 -3.57 -24.04
N ARG C 272 -3.91 -4.72 -24.17
CA ARG C 272 -4.85 -5.10 -23.14
C ARG C 272 -5.03 -6.62 -23.11
N SER C 273 -5.36 -7.13 -21.92
CA SER C 273 -5.76 -8.49 -21.68
C SER C 273 -7.27 -8.45 -21.40
N LEU C 274 -8.05 -9.22 -22.15
CA LEU C 274 -9.50 -9.25 -21.95
C LEU C 274 -10.01 -10.65 -22.28
N VAL C 275 -10.90 -11.15 -21.42
CA VAL C 275 -11.57 -12.42 -21.60
C VAL C 275 -13.03 -12.28 -21.17
N VAL C 276 -13.92 -12.81 -22.00
CA VAL C 276 -15.35 -12.83 -21.70
C VAL C 276 -15.76 -14.30 -21.49
N GLU C 277 -16.60 -14.52 -20.48
CA GLU C 277 -17.16 -15.83 -20.10
C GLU C 277 -18.66 -15.72 -19.92
N PRO C 278 -19.45 -16.57 -20.61
CA PRO C 278 -18.97 -17.57 -21.56
C PRO C 278 -18.68 -16.90 -22.92
N MET C 279 -18.42 -17.72 -23.95
CA MET C 279 -18.13 -17.19 -25.28
C MET C 279 -19.26 -17.55 -26.25
N GLN C 280 -20.48 -17.69 -25.71
CA GLN C 280 -21.64 -17.98 -26.55
C GLN C 280 -22.94 -17.66 -25.78
N TYR C 281 -23.99 -17.38 -26.55
CA TYR C 281 -25.32 -17.13 -26.04
C TYR C 281 -26.31 -17.57 -27.11
N GLY C 282 -26.98 -18.70 -26.85
CA GLY C 282 -27.97 -19.24 -27.77
C GLY C 282 -27.31 -19.81 -29.02
N HIS C 283 -27.64 -19.25 -30.18
CA HIS C 283 -27.07 -19.71 -31.45
C HIS C 283 -25.94 -18.76 -31.92
N LEU C 284 -25.50 -17.87 -31.01
CA LEU C 284 -24.41 -16.94 -31.30
C LEU C 284 -23.12 -17.44 -30.63
N PHE C 285 -22.04 -17.54 -31.42
CA PHE C 285 -20.76 -18.01 -30.89
C PHE C 285 -19.70 -16.94 -31.16
N LEU C 286 -19.05 -16.48 -30.08
CA LEU C 286 -18.02 -15.45 -30.20
C LEU C 286 -16.69 -16.15 -30.49
N VAL C 287 -15.97 -15.60 -31.47
CA VAL C 287 -14.71 -16.17 -31.98
C VAL C 287 -13.64 -15.08 -32.06
N GLY C 288 -12.42 -15.42 -31.62
CA GLY C 288 -11.30 -14.52 -31.76
C GLY C 288 -11.41 -13.28 -30.90
N ASP C 289 -10.94 -12.16 -31.44
CA ASP C 289 -10.87 -10.88 -30.72
C ASP C 289 -12.27 -10.43 -30.27
N ALA C 290 -13.32 -11.02 -30.83
CA ALA C 290 -14.67 -10.63 -30.43
C ALA C 290 -14.96 -11.11 -29.01
N ALA C 291 -14.19 -12.11 -28.57
CA ALA C 291 -14.37 -12.75 -27.26
C ALA C 291 -13.24 -12.37 -26.31
N HIS C 292 -12.00 -12.43 -26.80
CA HIS C 292 -10.82 -12.18 -25.97
C HIS C 292 -9.74 -11.38 -26.73
N ILE C 293 -8.92 -10.67 -25.94
CA ILE C 293 -7.80 -9.89 -26.44
C ILE C 293 -6.56 -10.25 -25.61
N VAL C 294 -5.38 -10.26 -26.24
CA VAL C 294 -4.14 -10.45 -25.52
C VAL C 294 -3.15 -9.38 -25.94
N PRO C 295 -2.20 -9.02 -25.04
CA PRO C 295 -1.07 -8.20 -25.44
C PRO C 295 -0.27 -9.07 -26.40
N PRO C 296 0.32 -8.51 -27.47
CA PRO C 296 1.02 -9.35 -28.45
C PRO C 296 2.41 -9.86 -28.04
N THR C 297 2.78 -9.66 -26.77
CA THR C 297 4.11 -9.99 -26.30
C THR C 297 4.42 -11.48 -26.48
N GLY C 298 3.39 -12.33 -26.45
CA GLY C 298 3.57 -13.77 -26.59
C GLY C 298 3.13 -14.30 -27.94
N ALA C 299 2.67 -13.40 -28.83
CA ALA C 299 2.19 -13.68 -30.20
C ALA C 299 1.07 -14.74 -30.19
N LYS C 300 0.02 -14.49 -29.40
CA LYS C 300 -1.03 -15.50 -29.20
C LYS C 300 -2.38 -15.12 -29.83
N GLY C 301 -2.58 -13.83 -30.10
CA GLY C 301 -3.87 -13.30 -30.60
C GLY C 301 -4.46 -14.07 -31.77
N LEU C 302 -3.75 -14.06 -32.89
CA LEU C 302 -4.19 -14.74 -34.11
C LEU C 302 -4.27 -16.24 -33.86
N ASN C 303 -3.36 -16.74 -33.02
CA ASN C 303 -3.28 -18.17 -32.73
C ASN C 303 -4.44 -18.61 -31.80
N LEU C 304 -4.88 -17.72 -30.91
CA LEU C 304 -6.04 -18.06 -30.04
C LEU C 304 -7.31 -18.04 -30.89
N ALA C 305 -7.36 -17.08 -31.82
CA ALA C 305 -8.49 -16.99 -32.73
C ALA C 305 -8.61 -18.31 -33.51
N ALA C 306 -7.48 -18.85 -33.96
CA ALA C 306 -7.45 -20.06 -34.77
C ALA C 306 -7.91 -21.29 -33.95
N SER C 307 -7.54 -21.34 -32.66
CA SER C 307 -8.00 -22.46 -31.86
C SER C 307 -9.50 -22.31 -31.61
N ASP C 308 -9.98 -21.06 -31.52
CA ASP C 308 -11.42 -20.83 -31.38
C ASP C 308 -12.11 -21.39 -32.62
N VAL C 309 -11.52 -21.08 -33.79
CA VAL C 309 -12.10 -21.52 -35.06
C VAL C 309 -12.05 -23.05 -35.11
N ASN C 310 -10.89 -23.59 -34.75
CA ASN C 310 -10.71 -25.01 -34.74
C ASN C 310 -11.87 -25.70 -34.01
N TYR C 311 -12.16 -25.28 -32.78
CA TYR C 311 -13.22 -25.91 -31.99
C TYR C 311 -14.59 -25.69 -32.65
N LEU C 312 -14.95 -24.45 -32.91
CA LEU C 312 -16.28 -24.21 -33.50
C LEU C 312 -16.44 -25.03 -34.80
N TYR C 313 -15.37 -25.12 -35.59
CA TYR C 313 -15.43 -25.81 -36.89
C TYR C 313 -15.64 -27.32 -36.72
N ARG C 314 -14.84 -27.95 -35.85
CA ARG C 314 -14.97 -29.41 -35.67
C ARG C 314 -16.31 -29.72 -34.98
N ILE C 315 -16.77 -28.82 -34.11
CA ILE C 315 -18.05 -29.07 -33.46
C ILE C 315 -19.15 -29.04 -34.53
N LEU C 316 -19.16 -27.99 -35.35
CA LEU C 316 -20.21 -27.84 -36.38
C LEU C 316 -20.14 -28.98 -37.41
N VAL C 317 -18.96 -29.57 -37.60
CA VAL C 317 -18.82 -30.70 -38.52
C VAL C 317 -19.63 -31.87 -37.94
N LYS C 318 -19.59 -32.00 -36.62
CA LYS C 318 -20.33 -33.09 -35.95
C LYS C 318 -21.81 -32.72 -35.80
N VAL C 319 -22.12 -31.43 -35.69
CA VAL C 319 -23.51 -30.99 -35.51
C VAL C 319 -24.34 -31.33 -36.75
N TYR C 320 -23.72 -31.26 -37.93
CA TYR C 320 -24.46 -31.43 -39.17
C TYR C 320 -24.36 -32.84 -39.74
N HIS C 321 -23.21 -33.50 -39.58
CA HIS C 321 -23.00 -34.82 -40.17
C HIS C 321 -23.48 -35.93 -39.25
N GLU C 322 -23.61 -35.63 -37.94
CA GLU C 322 -24.09 -36.60 -36.95
C GLU C 322 -25.39 -36.10 -36.29
N GLY C 323 -25.74 -34.83 -36.51
CA GLY C 323 -26.99 -34.26 -35.93
C GLY C 323 -26.91 -34.02 -34.43
N ARG C 324 -25.71 -33.90 -33.87
CA ARG C 324 -25.53 -33.69 -32.43
C ARG C 324 -25.45 -32.19 -32.11
N VAL C 325 -26.61 -31.58 -31.83
CA VAL C 325 -26.72 -30.15 -31.54
C VAL C 325 -26.17 -29.84 -30.14
N ASP C 326 -26.21 -30.84 -29.25
CA ASP C 326 -25.79 -30.66 -27.84
C ASP C 326 -24.28 -30.44 -27.72
N LEU C 327 -23.50 -30.72 -28.77
CA LEU C 327 -22.03 -30.49 -28.74
C LEU C 327 -21.69 -28.99 -28.68
N LEU C 328 -22.67 -28.13 -28.99
CA LEU C 328 -22.42 -26.69 -29.01
C LEU C 328 -22.23 -26.16 -27.58
N ALA C 329 -22.63 -26.95 -26.59
CA ALA C 329 -22.48 -26.53 -25.21
C ALA C 329 -21.00 -26.60 -24.81
N GLN C 330 -20.19 -27.32 -25.59
CA GLN C 330 -18.74 -27.53 -25.30
C GLN C 330 -17.87 -26.47 -25.97
N TYR C 331 -18.45 -25.58 -26.78
CA TYR C 331 -17.61 -24.60 -27.45
C TYR C 331 -16.87 -23.74 -26.41
N SER C 332 -17.62 -23.08 -25.51
CA SER C 332 -17.00 -22.19 -24.49
C SER C 332 -16.03 -22.94 -23.59
N PRO C 333 -16.40 -24.05 -22.92
CA PRO C 333 -15.45 -24.78 -22.07
C PRO C 333 -14.13 -25.07 -22.82
N LEU C 334 -14.21 -25.65 -24.02
CA LEU C 334 -13.01 -26.01 -24.79
C LEU C 334 -12.19 -24.76 -25.16
N ALA C 335 -12.88 -23.78 -25.74
CA ALA C 335 -12.22 -22.54 -26.21
C ALA C 335 -11.55 -21.80 -25.05
N LEU C 336 -12.25 -21.69 -23.92
CA LEU C 336 -11.75 -20.95 -22.74
C LEU C 336 -10.52 -21.62 -22.11
N ARG C 337 -10.49 -22.95 -22.06
CA ARG C 337 -9.34 -23.61 -21.44
C ARG C 337 -8.06 -23.17 -22.14
N ARG C 338 -8.13 -23.02 -23.48
CA ARG C 338 -6.94 -22.63 -24.22
C ARG C 338 -6.76 -21.11 -24.10
N VAL C 339 -7.87 -20.36 -24.13
CA VAL C 339 -7.77 -18.91 -24.04
C VAL C 339 -7.01 -18.53 -22.76
N TRP C 340 -7.40 -19.09 -21.62
CA TRP C 340 -6.76 -18.72 -20.36
C TRP C 340 -5.29 -19.06 -20.36
N LYS C 341 -4.90 -20.16 -21.04
CA LYS C 341 -3.50 -20.55 -21.06
C LYS C 341 -2.70 -19.51 -21.87
N GLY C 342 -3.26 -19.06 -22.99
CA GLY C 342 -2.60 -18.03 -23.79
C GLY C 342 -2.58 -16.67 -23.10
N GLU C 343 -3.63 -16.39 -22.33
CA GLU C 343 -3.76 -15.13 -21.63
C GLU C 343 -2.71 -15.10 -20.50
N ARG C 344 -2.57 -16.21 -19.77
CA ARG C 344 -1.59 -16.27 -18.70
C ARG C 344 -0.20 -15.99 -19.28
N PHE C 345 0.13 -16.68 -20.38
CA PHE C 345 1.45 -16.56 -20.98
C PHE C 345 1.68 -15.15 -21.53
N SER C 346 0.63 -14.55 -22.10
CA SER C 346 0.73 -13.23 -22.69
C SER C 346 0.99 -12.17 -21.60
N TRP C 347 0.26 -12.29 -20.49
CA TRP C 347 0.40 -11.42 -19.32
C TRP C 347 1.81 -11.60 -18.74
N PHE C 348 2.22 -12.87 -18.63
CA PHE C 348 3.52 -13.17 -18.11
C PHE C 348 4.62 -12.45 -18.91
N MET C 349 4.62 -12.63 -20.23
CA MET C 349 5.64 -12.04 -21.12
C MET C 349 5.56 -10.51 -21.08
N THR C 350 4.35 -9.98 -20.93
CA THR C 350 4.21 -8.54 -20.91
C THR C 350 4.88 -8.00 -19.63
N GLN C 351 4.58 -8.63 -18.49
CA GLN C 351 5.16 -8.28 -17.19
C GLN C 351 6.70 -8.41 -17.23
N LEU C 352 7.20 -9.47 -17.87
CA LEU C 352 8.64 -9.75 -17.90
C LEU C 352 9.42 -8.70 -18.70
N LEU C 353 8.85 -8.20 -19.81
CA LEU C 353 9.70 -7.44 -20.73
C LEU C 353 9.40 -5.94 -20.83
N HIS C 354 8.38 -5.42 -20.15
CA HIS C 354 8.04 -4.02 -20.30
C HIS C 354 8.44 -3.16 -19.10
N ASP C 355 8.55 -1.86 -19.36
CA ASP C 355 8.78 -0.84 -18.35
C ASP C 355 7.41 -0.29 -17.97
N PHE C 356 7.01 -0.51 -16.72
CA PHE C 356 5.72 -0.06 -16.22
C PHE C 356 5.81 1.30 -15.51
N GLY C 357 7.00 1.91 -15.44
CA GLY C 357 7.13 3.24 -14.80
C GLY C 357 6.63 3.23 -13.34
N SER C 358 5.74 4.16 -13.02
CA SER C 358 5.26 4.20 -11.62
C SER C 358 4.00 3.33 -11.47
N HIS C 359 3.63 2.59 -12.52
CA HIS C 359 2.43 1.74 -12.45
C HIS C 359 2.73 0.45 -11.66
N LYS C 360 4.00 0.18 -11.38
CA LYS C 360 4.39 -0.94 -10.50
C LYS C 360 5.20 -0.36 -9.33
N ASP C 361 4.98 -0.84 -8.11
CA ASP C 361 5.74 -0.32 -6.95
C ASP C 361 7.15 -0.92 -6.99
N ALA C 362 8.00 -0.48 -6.06
CA ALA C 362 9.40 -0.90 -6.05
C ALA C 362 9.54 -2.42 -5.94
N TRP C 363 8.61 -3.07 -5.25
CA TRP C 363 8.70 -4.51 -5.05
C TRP C 363 8.46 -5.29 -6.37
N ASP C 364 7.38 -4.94 -7.08
CA ASP C 364 7.05 -5.66 -8.32
C ASP C 364 8.17 -5.45 -9.33
N GLN C 365 8.81 -4.27 -9.28
CA GLN C 365 9.93 -3.97 -10.17
C GLN C 365 11.08 -4.95 -9.86
N LYS C 366 11.38 -5.15 -8.57
CA LYS C 366 12.44 -6.08 -8.20
C LYS C 366 12.06 -7.52 -8.59
N MET C 367 10.77 -7.86 -8.53
CA MET C 367 10.32 -9.20 -8.91
C MET C 367 10.44 -9.37 -10.43
N GLN C 368 10.11 -8.32 -11.21
CA GLN C 368 10.28 -8.43 -12.67
C GLN C 368 11.77 -8.70 -12.97
N GLU C 369 12.65 -7.99 -12.26
CA GLU C 369 14.08 -8.12 -12.50
C GLU C 369 14.56 -9.54 -12.18
N ALA C 370 14.04 -10.10 -11.08
CA ALA C 370 14.47 -11.44 -10.67
C ALA C 370 13.88 -12.49 -11.63
N ASP C 371 12.69 -12.23 -12.16
CA ASP C 371 12.09 -13.16 -13.13
C ASP C 371 12.97 -13.17 -14.39
N ARG C 372 13.48 -11.99 -14.75
CA ARG C 372 14.33 -11.87 -15.91
C ARG C 372 15.62 -12.65 -15.67
N GLU C 373 16.16 -12.61 -14.44
CA GLU C 373 17.38 -13.38 -14.12
C GLU C 373 17.08 -14.86 -14.16
N TYR C 374 15.98 -15.25 -13.51
CA TYR C 374 15.65 -16.63 -13.39
C TYR C 374 15.28 -17.27 -14.74
N PHE C 375 14.33 -16.69 -15.46
CA PHE C 375 13.82 -17.38 -16.65
C PHE C 375 14.85 -17.45 -17.78
N LEU C 376 15.76 -16.48 -17.89
CA LEU C 376 16.70 -16.49 -19.01
C LEU C 376 18.01 -17.21 -18.66
N THR C 377 18.14 -17.76 -17.45
CA THR C 377 19.39 -18.46 -17.07
C THR C 377 19.10 -19.90 -16.61
N SER C 378 17.85 -20.18 -16.24
CA SER C 378 17.45 -21.49 -15.79
C SER C 378 17.03 -22.33 -16.98
N PRO C 379 17.54 -23.57 -17.14
CA PRO C 379 17.13 -24.40 -18.27
C PRO C 379 15.63 -24.69 -18.21
N ALA C 380 15.09 -24.80 -16.99
CA ALA C 380 13.67 -25.12 -16.80
C ALA C 380 12.81 -23.90 -17.14
N GLY C 381 13.35 -22.70 -16.90
CA GLY C 381 12.62 -21.45 -17.21
C GLY C 381 12.50 -21.26 -18.72
N LEU C 382 13.60 -21.56 -19.42
CA LEU C 382 13.64 -21.44 -20.85
C LEU C 382 12.62 -22.42 -21.45
N VAL C 383 12.54 -23.64 -20.91
CA VAL C 383 11.57 -24.60 -21.40
C VAL C 383 10.18 -23.99 -21.19
N ASN C 384 9.93 -23.43 -19.99
CA ASN C 384 8.62 -22.80 -19.65
C ASN C 384 8.22 -21.79 -20.74
N ILE C 385 9.16 -20.94 -21.14
CA ILE C 385 8.87 -19.90 -22.12
C ILE C 385 8.69 -20.51 -23.53
N ALA C 386 9.59 -21.43 -23.92
CA ALA C 386 9.57 -22.00 -25.27
C ALA C 386 8.31 -22.81 -25.54
N GLU C 387 7.93 -23.70 -24.63
CA GLU C 387 6.77 -24.56 -24.88
C GLU C 387 5.49 -23.71 -24.92
N ASN C 388 5.44 -22.62 -24.16
CA ASN C 388 4.26 -21.76 -24.21
C ASN C 388 4.26 -21.02 -25.55
N TYR C 389 5.44 -20.57 -25.98
CA TYR C 389 5.60 -19.74 -27.18
C TYR C 389 5.22 -20.51 -28.44
N VAL C 390 5.61 -21.78 -28.52
CA VAL C 390 5.28 -22.53 -29.73
C VAL C 390 3.79 -22.82 -29.76
N GLY C 391 3.11 -22.68 -28.61
CA GLY C 391 1.70 -22.90 -28.57
C GLY C 391 1.38 -24.27 -28.04
N LEU C 392 0.49 -24.31 -27.04
CA LEU C 392 0.08 -25.55 -26.42
C LEU C 392 -0.87 -26.31 -27.35
N PRO C 393 -1.02 -27.64 -27.19
CA PRO C 393 -1.85 -28.44 -28.09
C PRO C 393 -3.35 -28.07 -28.12
N PHE C 394 -4.03 -28.46 -29.21
CA PHE C 394 -5.49 -28.31 -29.25
C PHE C 394 -6.06 -29.57 -28.61
N GLU C 395 -7.10 -29.47 -27.80
CA GLU C 395 -7.63 -30.74 -27.31
C GLU C 395 -8.67 -31.25 -28.32
N GLU C 396 -8.89 -32.57 -28.33
CA GLU C 396 -9.80 -33.21 -29.26
C GLU C 396 -11.25 -32.93 -28.87
N VAL C 397 -12.12 -32.87 -29.89
CA VAL C 397 -13.54 -32.65 -29.71
C VAL C 397 -14.21 -34.00 -29.48
N ALA C 398 -14.78 -34.19 -28.29
CA ALA C 398 -15.45 -35.45 -27.94
C ALA C 398 -16.78 -35.56 -28.70
N ASN D 2 38.03 -3.05 32.00
CA ASN D 2 38.84 -3.42 30.79
C ASN D 2 37.95 -4.04 29.70
N ALA D 3 38.30 -3.72 28.46
CA ALA D 3 37.57 -4.18 27.31
C ALA D 3 37.97 -5.60 26.95
N MET D 4 36.97 -6.40 26.55
CA MET D 4 37.21 -7.75 26.03
C MET D 4 37.76 -7.57 24.62
N LYS D 5 38.52 -8.55 24.15
CA LYS D 5 39.22 -8.47 22.88
C LYS D 5 38.89 -9.68 22.00
N THR D 6 38.51 -9.40 20.76
CA THR D 6 38.28 -10.49 19.83
C THR D 6 38.56 -9.98 18.42
N GLN D 7 38.32 -10.87 17.45
CA GLN D 7 38.50 -10.55 16.05
C GLN D 7 37.14 -10.18 15.47
N VAL D 8 36.15 -11.06 15.65
CA VAL D 8 34.81 -10.81 15.14
C VAL D 8 33.80 -10.83 16.30
N ALA D 9 33.14 -9.70 16.50
CA ALA D 9 32.06 -9.56 17.47
C ALA D 9 30.74 -9.89 16.75
N ILE D 10 29.94 -10.78 17.34
CA ILE D 10 28.68 -11.23 16.75
C ILE D 10 27.52 -10.82 17.66
N ILE D 11 26.56 -10.10 17.08
CA ILE D 11 25.35 -9.70 17.81
C ILE D 11 24.22 -10.69 17.43
N GLY D 12 23.81 -11.51 18.41
CA GLY D 12 22.71 -12.48 18.24
C GLY D 12 23.17 -13.93 18.32
N ALA D 13 22.47 -14.72 19.16
CA ALA D 13 22.79 -16.14 19.32
C ALA D 13 21.66 -16.99 18.72
N GLY D 14 21.11 -16.51 17.61
CA GLY D 14 20.19 -17.31 16.82
C GLY D 14 21.05 -18.23 15.94
N PRO D 15 20.46 -19.01 15.02
CA PRO D 15 21.24 -19.89 14.16
C PRO D 15 22.31 -19.11 13.37
N SER D 16 21.96 -17.93 12.86
CA SER D 16 22.93 -17.13 12.09
C SER D 16 24.24 -16.94 12.87
N GLY D 17 24.11 -16.27 14.02
CA GLY D 17 25.24 -15.93 14.87
C GLY D 17 26.01 -17.14 15.36
N LEU D 18 25.27 -18.19 15.75
CA LEU D 18 25.86 -19.44 16.24
C LEU D 18 26.60 -20.17 15.11
N LEU D 19 25.94 -20.35 13.97
CA LEU D 19 26.59 -21.06 12.88
C LEU D 19 27.86 -20.30 12.46
N LEU D 20 27.73 -18.97 12.32
CA LEU D 20 28.89 -18.15 11.92
C LEU D 20 30.01 -18.29 12.94
N GLY D 21 29.66 -18.15 14.23
CA GLY D 21 30.65 -18.22 15.32
C GLY D 21 31.34 -19.57 15.39
N GLN D 22 30.60 -20.65 15.10
CA GLN D 22 31.16 -22.00 15.13
C GLN D 22 32.12 -22.20 13.95
N LEU D 23 31.76 -21.68 12.75
CA LEU D 23 32.62 -21.85 11.58
C LEU D 23 33.91 -21.05 11.79
N LEU D 24 33.79 -19.81 12.25
CA LEU D 24 34.97 -18.96 12.46
C LEU D 24 35.89 -19.61 13.49
N HIS D 25 35.32 -20.03 14.62
CA HIS D 25 36.11 -20.60 15.68
C HIS D 25 36.88 -21.81 15.14
N LYS D 26 36.19 -22.65 14.37
CA LYS D 26 36.78 -23.88 13.86
C LYS D 26 37.93 -23.54 12.87
N ALA D 27 37.90 -22.34 12.29
CA ALA D 27 38.91 -21.92 11.31
C ALA D 27 40.04 -21.15 12.00
N GLY D 28 39.89 -20.90 13.31
CA GLY D 28 40.93 -20.22 14.12
C GLY D 28 40.73 -18.71 14.22
N ILE D 29 39.49 -18.26 14.00
CA ILE D 29 39.16 -16.86 14.08
C ILE D 29 38.31 -16.64 15.34
N ASP D 30 38.90 -15.96 16.32
CA ASP D 30 38.23 -15.71 17.58
C ASP D 30 36.98 -14.85 17.35
N ASN D 31 35.92 -15.18 18.10
CA ASN D 31 34.68 -14.48 18.04
C ASN D 31 33.99 -14.58 19.40
N ILE D 32 33.17 -13.57 19.69
CA ILE D 32 32.38 -13.50 20.88
C ILE D 32 30.96 -13.19 20.41
N ILE D 33 29.98 -13.90 20.97
CA ILE D 33 28.59 -13.69 20.65
C ILE D 33 27.90 -13.05 21.85
N VAL D 34 27.18 -11.95 21.57
CA VAL D 34 26.40 -11.24 22.56
C VAL D 34 24.94 -11.39 22.11
N GLU D 35 24.10 -11.85 23.04
CA GLU D 35 22.68 -12.14 22.83
C GLU D 35 21.84 -11.42 23.90
N ARG D 36 20.74 -10.82 23.44
CA ARG D 36 19.86 -9.99 24.24
C ARG D 36 19.04 -10.84 25.23
N GLN D 37 18.59 -12.01 24.79
CA GLN D 37 17.69 -12.82 25.61
C GLN D 37 18.49 -13.94 26.30
N THR D 38 17.79 -14.77 27.08
CA THR D 38 18.36 -15.96 27.76
C THR D 38 18.47 -17.12 26.76
N ALA D 39 19.20 -18.17 27.15
CA ALA D 39 19.40 -19.35 26.33
C ALA D 39 18.07 -20.08 26.11
N GLU D 40 17.33 -20.31 27.20
CA GLU D 40 16.04 -21.03 27.11
C GLU D 40 15.03 -20.24 26.28
N TYR D 41 15.14 -18.90 26.28
CA TYR D 41 14.20 -18.11 25.50
C TYR D 41 14.42 -18.37 24.01
N VAL D 42 15.69 -18.42 23.59
CA VAL D 42 16.04 -18.69 22.20
C VAL D 42 15.53 -20.08 21.80
N LEU D 43 15.67 -21.05 22.70
CA LEU D 43 15.24 -22.44 22.45
C LEU D 43 13.71 -22.59 22.52
N GLY D 44 13.01 -21.61 23.12
CA GLY D 44 11.54 -21.69 23.17
C GLY D 44 10.91 -21.34 21.81
N ARG D 45 11.74 -20.86 20.88
CA ARG D 45 11.25 -20.42 19.57
C ARG D 45 11.11 -21.64 18.63
N ILE D 46 9.91 -21.78 18.06
CA ILE D 46 9.54 -22.84 17.13
C ILE D 46 9.39 -22.23 15.74
N ARG D 47 10.38 -22.46 14.87
CA ARG D 47 10.34 -21.82 13.57
C ARG D 47 10.53 -22.84 12.42
N ALA D 48 11.63 -22.68 11.67
CA ALA D 48 11.88 -23.51 10.47
C ALA D 48 12.04 -25.00 10.81
N GLY D 49 11.87 -25.82 9.76
CA GLY D 49 12.05 -27.25 9.87
C GLY D 49 12.74 -27.83 8.63
N VAL D 50 12.73 -27.09 7.52
CA VAL D 50 13.28 -27.56 6.24
C VAL D 50 14.64 -26.92 5.95
N LEU D 51 15.67 -27.76 5.84
CA LEU D 51 17.03 -27.34 5.53
C LEU D 51 17.42 -27.81 4.13
N GLU D 52 17.99 -26.91 3.31
CA GLU D 52 18.55 -27.28 1.99
C GLU D 52 19.90 -27.97 2.22
N GLN D 53 20.40 -28.66 1.19
N GLN D 53 20.39 -28.67 1.20
CA GLN D 53 21.68 -29.39 1.30
CA GLN D 53 21.68 -29.37 1.28
C GLN D 53 22.82 -28.42 1.66
C GLN D 53 22.78 -28.40 1.70
N GLY D 54 22.72 -27.17 1.19
CA GLY D 54 23.75 -26.13 1.49
C GLY D 54 23.89 -25.90 2.99
N THR D 55 22.74 -25.83 3.68
CA THR D 55 22.67 -25.60 5.11
C THR D 55 23.19 -26.83 5.85
N VAL D 56 22.83 -28.02 5.34
CA VAL D 56 23.25 -29.27 5.92
C VAL D 56 24.78 -29.36 5.81
N ASP D 57 25.27 -29.05 4.62
CA ASP D 57 26.71 -29.06 4.35
C ASP D 57 27.44 -28.12 5.30
N LEU D 58 26.89 -26.90 5.54
CA LEU D 58 27.57 -25.96 6.43
C LEU D 58 27.66 -26.53 7.85
N LEU D 59 26.56 -27.10 8.32
CA LEU D 59 26.50 -27.67 9.66
C LEU D 59 27.51 -28.83 9.78
N ARG D 60 27.73 -29.58 8.70
CA ARG D 60 28.73 -30.66 8.75
C ARG D 60 30.13 -30.05 8.84
N GLU D 61 30.38 -29.03 8.01
CA GLU D 61 31.67 -28.37 8.00
C GLU D 61 31.91 -27.75 9.38
N ALA D 62 30.85 -27.35 10.06
CA ALA D 62 30.98 -26.72 11.39
C ALA D 62 31.18 -27.76 12.51
N GLY D 63 30.98 -29.04 12.16
CA GLY D 63 31.18 -30.18 13.10
C GLY D 63 29.97 -30.44 14.00
N VAL D 64 28.81 -29.88 13.66
CA VAL D 64 27.62 -30.00 14.50
C VAL D 64 26.50 -30.76 13.76
N ALA D 65 26.85 -31.83 13.07
CA ALA D 65 25.87 -32.57 12.26
C ALA D 65 25.56 -33.96 12.84
N GLU D 66 26.35 -34.42 13.81
CA GLU D 66 26.20 -35.77 14.35
C GLU D 66 24.71 -36.04 14.62
N ARG D 67 24.06 -35.18 15.40
CA ARG D 67 22.68 -35.37 15.83
C ARG D 67 21.70 -35.19 14.66
N MET D 68 21.96 -34.21 13.80
CA MET D 68 21.09 -33.98 12.65
C MET D 68 21.10 -35.21 11.74
N ASP D 69 22.27 -35.78 11.48
CA ASP D 69 22.37 -36.92 10.56
C ASP D 69 21.69 -38.16 11.16
N ARG D 70 21.47 -38.12 12.48
CA ARG D 70 20.92 -39.27 13.17
C ARG D 70 19.38 -39.16 13.26
N GLU D 71 18.88 -38.03 13.74
CA GLU D 71 17.41 -37.84 13.98
C GLU D 71 16.73 -37.12 12.82
N GLY D 72 17.51 -36.52 11.91
CA GLY D 72 16.96 -35.80 10.76
C GLY D 72 16.30 -36.74 9.76
N LEU D 73 15.35 -36.20 8.99
CA LEU D 73 14.61 -36.97 8.01
C LEU D 73 14.80 -36.38 6.61
N VAL D 74 15.43 -37.16 5.72
CA VAL D 74 15.64 -36.75 4.34
C VAL D 74 14.32 -36.95 3.58
N HIS D 75 13.75 -35.85 3.08
CA HIS D 75 12.54 -35.88 2.28
C HIS D 75 12.94 -35.81 0.79
N GLU D 76 12.46 -36.79 0.01
CA GLU D 76 12.77 -36.86 -1.42
C GLU D 76 11.69 -36.16 -2.26
N GLY D 77 10.66 -35.64 -1.57
CA GLY D 77 9.60 -35.00 -2.30
C GLY D 77 8.72 -34.18 -1.39
N VAL D 78 7.79 -33.46 -2.03
CA VAL D 78 6.85 -32.59 -1.36
C VAL D 78 5.59 -32.56 -2.22
N GLU D 79 4.46 -32.21 -1.60
CA GLU D 79 3.19 -32.18 -2.32
C GLU D 79 2.57 -30.77 -2.33
N LEU D 80 1.86 -30.49 -3.42
CA LEU D 80 1.12 -29.24 -3.61
C LEU D 80 -0.32 -29.63 -3.97
N LEU D 81 -1.29 -29.19 -3.15
CA LEU D 81 -2.70 -29.51 -3.36
C LEU D 81 -3.47 -28.30 -3.89
N VAL D 82 -4.04 -28.48 -5.08
CA VAL D 82 -4.88 -27.48 -5.73
C VAL D 82 -6.21 -28.15 -6.06
N GLY D 83 -7.30 -27.54 -5.59
CA GLY D 83 -8.69 -28.01 -5.82
C GLY D 83 -8.96 -29.42 -5.29
N GLY D 84 -8.15 -29.86 -4.31
CA GLY D 84 -8.30 -31.19 -3.70
C GLY D 84 -7.54 -32.26 -4.45
N ARG D 85 -6.64 -31.85 -5.35
CA ARG D 85 -5.82 -32.79 -6.13
C ARG D 85 -4.37 -32.74 -5.62
N ARG D 86 -3.87 -33.90 -5.18
CA ARG D 86 -2.50 -34.02 -4.66
C ARG D 86 -1.53 -34.21 -5.82
N GLN D 87 -0.60 -33.26 -5.99
CA GLN D 87 0.43 -33.35 -7.02
C GLN D 87 1.78 -33.43 -6.33
N ARG D 88 2.39 -34.63 -6.35
CA ARG D 88 3.67 -34.82 -5.70
C ARG D 88 4.80 -34.32 -6.60
N LEU D 89 5.71 -33.55 -6.01
CA LEU D 89 6.94 -33.15 -6.68
C LEU D 89 8.01 -34.13 -6.20
N ASP D 90 8.48 -35.00 -7.10
CA ASP D 90 9.58 -35.90 -6.74
C ASP D 90 10.86 -35.06 -6.86
N LEU D 91 11.27 -34.42 -5.75
CA LEU D 91 12.43 -33.52 -5.77
C LEU D 91 13.67 -34.23 -6.30
N LYS D 92 13.88 -35.50 -5.90
CA LYS D 92 15.11 -36.21 -6.31
C LYS D 92 15.16 -36.42 -7.82
N ALA D 93 14.04 -36.82 -8.42
CA ALA D 93 13.98 -37.12 -9.86
C ALA D 93 14.10 -35.82 -10.68
N LEU D 94 13.32 -34.81 -10.30
CA LEU D 94 13.25 -33.56 -11.04
C LEU D 94 14.55 -32.75 -10.92
N THR D 95 15.30 -32.90 -9.82
CA THR D 95 16.48 -32.03 -9.61
C THR D 95 17.80 -32.73 -9.93
N GLY D 96 17.75 -34.03 -10.21
CA GLY D 96 18.96 -34.77 -10.51
C GLY D 96 19.66 -35.27 -9.26
N GLY D 97 18.90 -35.49 -8.16
CA GLY D 97 19.49 -36.08 -6.97
C GLY D 97 19.28 -35.28 -5.68
N LYS D 98 19.00 -33.99 -5.80
CA LYS D 98 18.89 -33.16 -4.60
C LYS D 98 17.61 -33.50 -3.81
N THR D 99 17.72 -33.36 -2.48
CA THR D 99 16.65 -33.59 -1.52
C THR D 99 16.69 -32.48 -0.45
N VAL D 100 15.82 -32.58 0.55
CA VAL D 100 15.80 -31.62 1.66
C VAL D 100 15.77 -32.40 2.98
N MET D 101 16.29 -31.77 4.02
CA MET D 101 16.42 -32.32 5.37
C MET D 101 15.39 -31.67 6.29
N VAL D 102 14.51 -32.48 6.89
CA VAL D 102 13.54 -31.94 7.87
C VAL D 102 14.12 -32.18 9.26
N TYR D 103 14.50 -31.09 9.93
CA TYR D 103 15.14 -31.11 11.25
C TYR D 103 14.95 -29.72 11.83
N GLY D 104 14.24 -29.64 12.97
CA GLY D 104 13.82 -28.39 13.60
C GLY D 104 14.94 -27.37 13.80
N GLN D 105 14.61 -26.09 13.61
CA GLN D 105 15.56 -24.99 13.85
C GLN D 105 15.98 -24.98 15.32
N THR D 106 15.05 -25.41 16.19
CA THR D 106 15.33 -25.47 17.61
C THR D 106 16.43 -26.50 17.92
N GLU D 107 16.46 -27.60 17.15
CA GLU D 107 17.45 -28.66 17.36
C GLU D 107 18.82 -28.17 16.85
N VAL D 108 18.81 -27.62 15.63
CA VAL D 108 20.01 -27.05 15.01
C VAL D 108 20.61 -26.03 15.99
N THR D 109 19.74 -25.16 16.53
CA THR D 109 20.19 -24.11 17.47
C THR D 109 20.75 -24.78 18.73
N ARG D 110 20.01 -25.74 19.28
CA ARG D 110 20.48 -26.44 20.48
C ARG D 110 21.83 -27.12 20.19
N ASP D 111 21.96 -27.74 19.01
CA ASP D 111 23.21 -28.47 18.66
C ASP D 111 24.39 -27.49 18.63
N LEU D 112 24.16 -26.31 18.04
CA LEU D 112 25.20 -25.29 17.93
C LEU D 112 25.61 -24.76 19.31
N MET D 113 24.63 -24.59 20.19
CA MET D 113 24.88 -24.06 21.55
C MET D 113 25.73 -25.07 22.35
N GLN D 114 25.33 -26.35 22.32
CA GLN D 114 26.09 -27.37 23.07
C GLN D 114 27.51 -27.48 22.48
N ALA D 115 27.61 -27.34 21.16
CA ALA D 115 28.90 -27.40 20.50
C ALA D 115 29.77 -26.20 20.89
N ARG D 116 29.15 -25.02 21.04
N ARG D 116 29.15 -25.03 21.05
CA ARG D 116 29.91 -23.80 21.36
CA ARG D 116 29.91 -23.82 21.37
C ARG D 116 30.39 -23.86 22.82
C ARG D 116 30.40 -23.85 22.82
N GLU D 117 29.64 -24.52 23.69
CA GLU D 117 30.04 -24.62 25.09
C GLU D 117 31.24 -25.58 25.22
N ALA D 118 31.27 -26.65 24.41
CA ALA D 118 32.38 -27.61 24.45
C ALA D 118 33.68 -26.97 23.93
N SER D 119 33.56 -26.01 23.01
CA SER D 119 34.74 -25.34 22.39
C SER D 119 35.31 -24.25 23.30
N GLY D 120 34.44 -23.63 24.12
CA GLY D 120 34.85 -22.57 25.04
C GLY D 120 34.82 -21.18 24.42
N ALA D 121 34.33 -21.09 23.17
CA ALA D 121 34.19 -19.81 22.50
C ALA D 121 33.23 -18.94 23.32
N PRO D 122 33.64 -17.71 23.73
CA PRO D 122 32.84 -16.90 24.64
C PRO D 122 31.46 -16.49 24.11
N ILE D 123 30.43 -16.75 24.92
CA ILE D 123 29.08 -16.33 24.61
C ILE D 123 28.49 -15.69 25.88
N ILE D 124 27.82 -14.56 25.68
CA ILE D 124 27.20 -13.78 26.74
C ILE D 124 25.71 -13.60 26.40
N TYR D 125 24.86 -14.12 27.28
CA TYR D 125 23.42 -14.00 27.19
C TYR D 125 22.95 -12.85 28.10
N SER D 126 21.70 -12.42 27.88
CA SER D 126 21.07 -11.35 28.65
C SER D 126 21.92 -10.08 28.60
N ALA D 127 22.43 -9.75 27.41
CA ALA D 127 23.23 -8.54 27.19
C ALA D 127 22.31 -7.39 26.76
N ALA D 128 22.07 -6.45 27.66
CA ALA D 128 21.15 -5.35 27.46
C ALA D 128 21.81 -4.21 26.68
N ASN D 129 21.03 -3.62 25.76
CA ASN D 129 21.41 -2.42 25.01
C ASN D 129 22.76 -2.61 24.29
N VAL D 130 22.94 -3.76 23.61
CA VAL D 130 24.13 -3.90 22.78
C VAL D 130 24.12 -2.77 21.74
N GLN D 131 25.27 -2.13 21.55
CA GLN D 131 25.42 -1.02 20.60
C GLN D 131 26.77 -1.09 19.92
N PRO D 132 26.84 -0.99 18.56
CA PRO D 132 28.11 -0.96 17.85
C PRO D 132 28.64 0.49 17.72
N HIS D 133 29.96 0.64 17.68
CA HIS D 133 30.58 1.96 17.61
C HIS D 133 31.72 1.95 16.59
N GLU D 134 31.99 3.14 16.03
CA GLU D 134 33.04 3.39 15.05
C GLU D 134 33.00 2.29 13.98
N LEU D 135 31.92 2.27 13.21
CA LEU D 135 31.73 1.27 12.18
C LEU D 135 32.72 1.50 11.02
N LYS D 136 33.12 2.75 10.77
CA LYS D 136 34.05 3.00 9.68
C LYS D 136 35.49 3.04 10.23
N GLY D 137 35.62 3.03 11.56
CA GLY D 137 36.94 3.04 12.24
C GLY D 137 37.68 1.73 12.06
N GLU D 138 39.00 1.77 12.21
CA GLU D 138 39.83 0.58 12.04
C GLU D 138 39.68 -0.32 13.28
N LYS D 139 39.12 0.24 14.36
CA LYS D 139 38.89 -0.51 15.61
C LYS D 139 37.46 -0.30 16.11
N PRO D 140 36.45 -0.97 15.49
CA PRO D 140 35.07 -0.90 16.00
C PRO D 140 34.97 -1.65 17.33
N TYR D 141 33.86 -1.47 18.03
CA TYR D 141 33.67 -2.15 19.30
C TYR D 141 32.19 -2.13 19.68
N LEU D 142 31.79 -3.02 20.59
CA LEU D 142 30.43 -3.09 21.13
C LEU D 142 30.44 -2.63 22.58
N THR D 143 29.28 -2.18 23.04
CA THR D 143 29.02 -1.90 24.43
C THR D 143 27.66 -2.50 24.75
N PHE D 144 27.49 -2.95 26.00
CA PHE D 144 26.25 -3.52 26.48
C PHE D 144 26.28 -3.50 28.00
N GLU D 145 25.11 -3.73 28.61
CA GLU D 145 24.97 -3.76 30.05
C GLU D 145 24.59 -5.16 30.53
N LYS D 146 25.41 -5.70 31.42
CA LYS D 146 25.12 -6.96 32.09
C LYS D 146 25.75 -6.95 33.49
N ASP D 147 25.05 -7.62 34.42
CA ASP D 147 25.47 -7.82 35.80
C ASP D 147 25.77 -6.48 36.48
N GLY D 148 25.01 -5.44 36.10
CA GLY D 148 25.10 -4.12 36.73
C GLY D 148 26.28 -3.25 36.29
N ARG D 149 26.88 -3.54 35.13
CA ARG D 149 27.99 -2.69 34.66
C ARG D 149 28.03 -2.64 33.14
N VAL D 150 28.62 -1.56 32.60
CA VAL D 150 28.81 -1.37 31.17
C VAL D 150 30.06 -2.14 30.74
N GLN D 151 29.92 -2.98 29.71
CA GLN D 151 31.06 -3.77 29.21
C GLN D 151 31.35 -3.36 27.77
N ARG D 152 32.61 -3.56 27.34
N ARG D 152 32.61 -3.55 27.35
CA ARG D 152 33.05 -3.23 26.00
CA ARG D 152 33.08 -3.23 26.01
C ARG D 152 33.78 -4.44 25.39
C ARG D 152 33.75 -4.46 25.40
N ILE D 153 33.65 -4.58 24.07
CA ILE D 153 34.27 -5.64 23.30
C ILE D 153 34.96 -4.94 22.12
N ASP D 154 36.29 -5.01 22.10
CA ASP D 154 37.06 -4.46 21.00
C ASP D 154 37.15 -5.57 19.94
N CYS D 155 37.00 -5.20 18.66
CA CYS D 155 37.02 -6.18 17.58
C CYS D 155 37.47 -5.53 16.27
N ASP D 156 37.66 -6.38 15.24
CA ASP D 156 38.03 -5.93 13.89
C ASP D 156 36.76 -5.73 13.04
N TYR D 157 35.80 -6.65 13.23
CA TYR D 157 34.57 -6.65 12.46
C TYR D 157 33.40 -7.07 13.35
N ILE D 158 32.21 -6.60 12.99
CA ILE D 158 30.99 -6.88 13.71
C ILE D 158 30.02 -7.57 12.76
N ALA D 159 29.48 -8.71 13.19
CA ALA D 159 28.49 -9.43 12.41
C ALA D 159 27.12 -9.19 13.07
N GLY D 160 26.23 -8.56 12.32
CA GLY D 160 24.89 -8.28 12.82
C GLY D 160 23.95 -9.40 12.49
N CYS D 161 23.89 -10.40 13.38
CA CYS D 161 23.05 -11.59 13.24
C CYS D 161 21.86 -11.50 14.23
N ASP D 162 21.27 -10.29 14.38
CA ASP D 162 20.32 -10.03 15.46
C ASP D 162 18.84 -9.96 15.02
N GLY D 163 18.53 -10.54 13.86
CA GLY D 163 17.17 -10.71 13.39
C GLY D 163 16.41 -9.44 13.04
N PHE D 164 15.12 -9.65 12.79
CA PHE D 164 14.20 -8.64 12.31
C PHE D 164 14.12 -7.43 13.26
N HIS D 165 14.26 -7.67 14.57
CA HIS D 165 14.12 -6.57 15.56
C HIS D 165 15.47 -6.14 16.10
N GLY D 166 16.57 -6.61 15.49
CA GLY D 166 17.93 -6.35 15.95
C GLY D 166 18.32 -4.88 15.95
N ILE D 167 19.50 -4.61 16.50
CA ILE D 167 20.02 -3.24 16.62
C ILE D 167 20.97 -2.92 15.46
N SER D 168 21.67 -3.94 14.94
N SER D 168 21.56 -3.95 14.83
CA SER D 168 22.71 -3.74 13.93
CA SER D 168 22.57 -3.73 13.78
C SER D 168 22.24 -2.81 12.81
C SER D 168 21.98 -2.98 12.57
N ARG D 169 21.17 -3.20 12.14
N ARG D 169 20.79 -3.37 12.11
CA ARG D 169 20.69 -2.40 11.04
CA ARG D 169 20.27 -2.70 10.93
C ARG D 169 20.34 -0.98 11.52
C ARG D 169 20.07 -1.19 11.20
N GLN D 170 19.67 -0.87 12.68
N GLN D 170 19.63 -0.85 12.43
CA GLN D 170 19.25 0.44 13.24
CA GLN D 170 19.27 0.55 12.79
C GLN D 170 20.47 1.36 13.44
C GLN D 170 20.50 1.40 13.14
N SER D 171 21.66 0.76 13.38
CA SER D 171 22.91 1.48 13.72
C SER D 171 23.54 2.15 12.50
N ILE D 172 23.11 1.75 11.30
CA ILE D 172 23.68 2.27 10.06
C ILE D 172 23.06 3.62 9.77
N PRO D 173 23.87 4.67 9.50
CA PRO D 173 23.36 6.00 9.22
C PRO D 173 22.30 6.03 8.11
N GLU D 174 21.39 6.99 8.23
CA GLU D 174 20.30 7.18 7.30
C GLU D 174 20.85 7.40 5.89
N GLY D 175 20.09 6.97 4.88
CA GLY D 175 20.44 7.16 3.49
C GLY D 175 21.37 6.09 2.93
N VAL D 176 22.03 5.31 3.79
CA VAL D 176 22.97 4.30 3.31
C VAL D 176 22.22 3.06 2.75
N LEU D 177 21.21 2.60 3.48
CA LEU D 177 20.43 1.41 3.12
C LEU D 177 19.18 1.81 2.35
N LYS D 178 18.83 0.97 1.36
CA LYS D 178 17.61 1.10 0.59
C LYS D 178 16.78 -0.13 0.96
N GLN D 179 15.50 0.07 1.28
CA GLN D 179 14.66 -1.03 1.70
C GLN D 179 13.58 -1.38 0.66
N TYR D 180 13.42 -2.68 0.38
CA TYR D 180 12.38 -3.21 -0.52
C TYR D 180 11.47 -4.12 0.29
N GLU D 181 10.15 -3.88 0.22
CA GLU D 181 9.23 -4.62 1.06
C GLU D 181 7.85 -4.85 0.42
N ARG D 182 7.31 -6.06 0.66
CA ARG D 182 5.91 -6.40 0.36
C ARG D 182 5.32 -7.00 1.64
N VAL D 183 4.34 -6.30 2.22
CA VAL D 183 3.65 -6.78 3.41
C VAL D 183 2.41 -7.51 2.90
N TYR D 184 2.21 -8.74 3.37
CA TYR D 184 1.11 -9.58 2.95
C TYR D 184 -0.07 -9.34 3.89
N PRO D 185 -1.32 -9.53 3.41
CA PRO D 185 -2.52 -9.32 4.24
C PRO D 185 -2.97 -10.57 5.01
N PHE D 186 -1.99 -11.41 5.39
CA PHE D 186 -2.28 -12.60 6.17
C PHE D 186 -1.03 -13.06 6.92
N GLY D 187 -1.26 -13.83 7.97
CA GLY D 187 -0.22 -14.45 8.77
C GLY D 187 -0.40 -15.95 8.76
N TRP D 188 0.56 -16.68 9.32
CA TRP D 188 0.50 -18.14 9.46
C TRP D 188 0.28 -18.49 10.92
N LEU D 189 -0.88 -19.10 11.21
CA LEU D 189 -1.13 -19.61 12.54
C LEU D 189 -0.51 -21.00 12.61
N GLY D 190 0.52 -21.14 13.44
CA GLY D 190 1.22 -22.40 13.58
C GLY D 190 0.79 -23.13 14.82
N LEU D 191 0.79 -24.47 14.76
CA LEU D 191 0.44 -25.32 15.89
C LEU D 191 1.41 -26.52 15.88
N LEU D 192 2.18 -26.67 16.97
CA LEU D 192 3.09 -27.80 17.10
C LEU D 192 2.36 -28.87 17.92
N SER D 193 2.26 -30.07 17.36
CA SER D 193 1.47 -31.15 17.95
C SER D 193 2.34 -32.39 18.19
N ASP D 194 2.07 -33.07 19.32
CA ASP D 194 2.78 -34.30 19.73
C ASP D 194 1.99 -35.50 19.18
N THR D 195 1.82 -35.50 17.84
CA THR D 195 1.05 -36.51 17.11
C THR D 195 1.81 -36.94 15.85
N PRO D 196 1.51 -38.14 15.28
CA PRO D 196 2.15 -38.56 14.03
C PRO D 196 1.70 -37.65 12.89
N PRO D 197 2.58 -37.30 11.92
CA PRO D 197 2.20 -36.42 10.82
C PRO D 197 1.24 -37.15 9.87
N VAL D 198 0.35 -36.39 9.21
CA VAL D 198 -0.67 -36.98 8.33
C VAL D 198 -0.01 -37.55 7.05
N ASN D 199 1.19 -37.07 6.73
CA ASN D 199 1.94 -37.53 5.55
C ASN D 199 3.43 -37.54 5.90
N HIS D 200 4.22 -38.42 5.23
CA HIS D 200 5.67 -38.54 5.49
C HIS D 200 6.44 -37.42 4.76
N GLU D 201 5.72 -36.64 3.96
CA GLU D 201 6.25 -35.50 3.21
C GLU D 201 5.31 -34.31 3.44
N LEU D 202 5.84 -33.09 3.33
CA LEU D 202 5.03 -31.88 3.52
C LEU D 202 3.97 -31.75 2.42
N ILE D 203 2.83 -31.18 2.80
CA ILE D 203 1.74 -30.93 1.90
C ILE D 203 1.39 -29.44 1.96
N TYR D 204 1.72 -28.71 0.89
CA TYR D 204 1.33 -27.31 0.73
C TYR D 204 -0.04 -27.32 0.05
N ALA D 205 -1.06 -26.74 0.69
CA ALA D 205 -2.41 -26.84 0.13
C ALA D 205 -3.09 -25.49 -0.03
N HIS D 206 -3.59 -25.25 -1.27
CA HIS D 206 -4.44 -24.12 -1.55
C HIS D 206 -5.88 -24.59 -1.47
N HIS D 207 -6.72 -23.80 -0.80
CA HIS D 207 -8.15 -24.08 -0.72
C HIS D 207 -8.87 -22.73 -0.77
N GLU D 208 -10.15 -22.76 -1.15
CA GLU D 208 -10.97 -21.54 -1.28
C GLU D 208 -11.04 -20.86 0.09
N ARG D 209 -11.04 -21.67 1.15
CA ARG D 209 -11.07 -21.17 2.52
C ARG D 209 -9.71 -20.53 2.87
N GLY D 210 -8.66 -20.96 2.16
CA GLY D 210 -7.33 -20.42 2.40
C GLY D 210 -6.24 -21.48 2.36
N PHE D 211 -5.02 -21.04 2.61
CA PHE D 211 -3.85 -21.90 2.60
C PHE D 211 -3.72 -22.69 3.91
N ALA D 212 -3.16 -23.90 3.76
CA ALA D 212 -2.83 -24.77 4.86
C ALA D 212 -1.55 -25.53 4.48
N LEU D 213 -0.74 -25.83 5.50
CA LEU D 213 0.50 -26.60 5.32
C LEU D 213 0.54 -27.72 6.36
N CYS D 214 0.74 -28.95 5.85
CA CYS D 214 0.89 -30.12 6.69
C CYS D 214 2.39 -30.40 6.74
N SER D 215 3.00 -30.13 7.88
CA SER D 215 4.44 -30.32 8.03
C SER D 215 4.71 -31.21 9.26
N GLN D 216 5.97 -31.28 9.67
CA GLN D 216 6.36 -32.10 10.81
C GLN D 216 7.72 -31.62 11.30
N ARG D 217 8.21 -32.24 12.39
CA ARG D 217 9.52 -31.93 12.92
C ARG D 217 10.25 -33.25 13.18
N SER D 218 9.45 -34.32 13.27
CA SER D 218 9.92 -35.71 13.45
C SER D 218 8.72 -36.63 13.21
N GLN D 219 8.93 -37.95 13.30
CA GLN D 219 7.88 -38.94 13.06
C GLN D 219 6.84 -38.91 14.19
N THR D 220 7.08 -38.14 15.26
CA THR D 220 6.15 -38.08 16.39
C THR D 220 5.87 -36.62 16.78
N ARG D 221 6.37 -35.68 15.95
CA ARG D 221 6.16 -34.22 16.15
C ARG D 221 5.58 -33.62 14.87
N SER D 222 4.35 -33.11 14.96
CA SER D 222 3.70 -32.48 13.83
C SER D 222 3.69 -30.96 14.00
N ARG D 223 3.58 -30.26 12.86
CA ARG D 223 3.55 -28.82 12.76
C ARG D 223 2.63 -28.47 11.58
N TYR D 224 1.47 -27.87 11.92
CA TYR D 224 0.49 -27.47 10.91
C TYR D 224 0.34 -25.95 10.91
N TYR D 225 0.05 -25.39 9.73
CA TYR D 225 -0.16 -23.96 9.59
C TYR D 225 -1.43 -23.68 8.79
N LEU D 226 -2.06 -22.55 9.11
CA LEU D 226 -3.23 -22.01 8.44
C LEU D 226 -2.98 -20.52 8.15
N GLN D 227 -3.24 -20.08 6.92
CA GLN D 227 -3.17 -18.66 6.73
C GLN D 227 -4.34 -18.09 7.53
N VAL D 228 -4.13 -16.93 8.16
CA VAL D 228 -5.16 -16.25 8.92
C VAL D 228 -5.03 -14.75 8.65
N PRO D 229 -6.14 -13.97 8.71
CA PRO D 229 -6.04 -12.52 8.52
C PRO D 229 -5.14 -11.88 9.60
N LEU D 230 -4.66 -10.67 9.32
CA LEU D 230 -3.73 -9.95 10.20
C LEU D 230 -4.33 -9.59 11.57
N GLN D 231 -5.64 -9.32 11.61
CA GLN D 231 -6.35 -8.89 12.84
C GLN D 231 -6.36 -10.01 13.89
N ASP D 232 -6.49 -11.26 13.41
CA ASP D 232 -6.61 -12.42 14.30
C ASP D 232 -5.46 -12.47 15.32
N ARG D 233 -5.84 -12.71 16.59
CA ARG D 233 -4.89 -12.94 17.68
C ARG D 233 -5.02 -14.42 18.08
N VAL D 234 -3.94 -15.01 18.58
CA VAL D 234 -3.84 -16.46 18.87
C VAL D 234 -4.91 -16.92 19.87
N GLU D 235 -5.26 -16.06 20.85
CA GLU D 235 -6.23 -16.47 21.90
C GLU D 235 -7.67 -16.52 21.34
N GLU D 236 -7.85 -16.30 20.04
CA GLU D 236 -9.18 -16.41 19.39
C GLU D 236 -9.27 -17.77 18.69
N TRP D 237 -8.15 -18.50 18.69
CA TRP D 237 -8.02 -19.81 18.07
C TRP D 237 -7.73 -20.88 19.13
N SER D 238 -8.73 -21.71 19.39
CA SER D 238 -8.61 -22.84 20.29
C SER D 238 -8.08 -24.03 19.48
N ASP D 239 -7.56 -25.05 20.15
CA ASP D 239 -7.05 -26.26 19.45
C ASP D 239 -8.14 -26.78 18.50
N GLU D 240 -9.39 -26.88 19.02
CA GLU D 240 -10.55 -27.37 18.23
C GLU D 240 -10.69 -26.58 16.91
N ARG D 241 -10.93 -25.27 17.02
CA ARG D 241 -11.13 -24.40 15.85
C ARG D 241 -10.01 -24.63 14.83
N PHE D 242 -8.77 -24.67 15.33
CA PHE D 242 -7.63 -24.87 14.45
C PHE D 242 -7.77 -26.19 13.69
N TRP D 243 -8.06 -27.28 14.41
CA TRP D 243 -8.15 -28.60 13.78
C TRP D 243 -9.35 -28.67 12.83
N ASP D 244 -10.47 -28.06 13.23
CA ASP D 244 -11.70 -28.08 12.43
C ASP D 244 -11.46 -27.35 11.10
N GLU D 245 -10.73 -26.23 11.17
CA GLU D 245 -10.45 -25.43 9.98
C GLU D 245 -9.44 -26.14 9.07
N LEU D 246 -8.45 -26.83 9.68
CA LEU D 246 -7.45 -27.54 8.89
C LEU D 246 -8.10 -28.68 8.10
N LYS D 247 -9.03 -29.40 8.74
CA LYS D 247 -9.70 -30.52 8.08
C LYS D 247 -10.54 -30.01 6.91
N ALA D 248 -11.07 -28.80 7.06
CA ALA D 248 -11.93 -28.17 6.07
C ALA D 248 -11.13 -27.66 4.85
N ARG D 249 -9.79 -27.72 4.92
CA ARG D 249 -8.95 -27.24 3.80
C ARG D 249 -8.23 -28.42 3.12
N LEU D 250 -8.45 -29.62 3.65
CA LEU D 250 -7.79 -30.81 3.15
C LEU D 250 -8.80 -31.78 2.54
N PRO D 251 -8.39 -32.62 1.58
CA PRO D 251 -9.26 -33.65 1.01
C PRO D 251 -9.80 -34.61 2.10
N ALA D 252 -11.01 -35.11 1.89
CA ALA D 252 -11.71 -35.99 2.81
C ALA D 252 -10.81 -37.12 3.33
N GLU D 253 -10.12 -37.83 2.43
CA GLU D 253 -9.27 -38.98 2.83
C GLU D 253 -8.16 -38.54 3.80
N VAL D 254 -7.51 -37.42 3.49
CA VAL D 254 -6.39 -36.88 4.28
C VAL D 254 -6.90 -36.39 5.64
N ALA D 255 -8.09 -35.78 5.66
CA ALA D 255 -8.66 -35.24 6.90
C ALA D 255 -9.06 -36.36 7.86
N ALA D 256 -9.34 -37.55 7.32
CA ALA D 256 -9.77 -38.70 8.13
C ALA D 256 -8.56 -39.33 8.84
N ASP D 257 -7.45 -39.48 8.09
CA ASP D 257 -6.20 -40.04 8.60
C ASP D 257 -5.53 -39.08 9.59
N LEU D 258 -6.01 -37.84 9.65
CA LEU D 258 -5.38 -36.84 10.51
C LEU D 258 -5.58 -37.19 11.99
N VAL D 259 -4.46 -37.19 12.74
CA VAL D 259 -4.48 -37.43 14.16
C VAL D 259 -4.32 -36.06 14.84
N THR D 260 -5.40 -35.57 15.47
CA THR D 260 -5.35 -34.31 16.18
C THR D 260 -4.79 -34.56 17.59
N GLY D 261 -4.60 -33.47 18.35
CA GLY D 261 -4.05 -33.56 19.69
C GLY D 261 -3.75 -32.17 20.26
N PRO D 262 -3.32 -32.08 21.54
CA PRO D 262 -3.06 -30.79 22.18
C PRO D 262 -1.79 -30.09 21.65
N ALA D 263 -1.84 -28.76 21.65
CA ALA D 263 -0.77 -27.92 21.14
C ALA D 263 0.36 -27.78 22.17
N LEU D 264 1.61 -27.96 21.69
CA LEU D 264 2.80 -27.77 22.50
C LEU D 264 3.20 -26.29 22.44
N GLU D 265 2.91 -25.70 21.27
CA GLU D 265 3.16 -24.28 20.99
C GLU D 265 2.18 -23.86 19.90
N LYS D 266 1.70 -22.62 20.02
CA LYS D 266 0.74 -22.08 19.08
C LYS D 266 0.97 -20.57 18.97
N SER D 267 1.20 -20.07 17.75
CA SER D 267 1.45 -18.66 17.52
C SER D 267 1.20 -18.29 16.06
N ILE D 268 1.01 -16.98 15.84
CA ILE D 268 0.80 -16.37 14.54
C ILE D 268 2.03 -15.53 14.18
N ALA D 269 2.54 -15.75 12.96
CA ALA D 269 3.66 -15.03 12.38
C ALA D 269 3.16 -14.27 11.16
N PRO D 270 3.20 -12.92 11.11
CA PRO D 270 2.76 -12.17 9.93
C PRO D 270 3.78 -12.42 8.81
N LEU D 271 3.29 -12.56 7.57
CA LEU D 271 4.15 -12.81 6.40
C LEU D 271 4.64 -11.50 5.81
N ARG D 272 5.90 -11.53 5.38
CA ARG D 272 6.55 -10.38 4.85
C ARG D 272 7.73 -10.77 3.95
N SER D 273 7.92 -9.97 2.91
CA SER D 273 9.08 -10.01 2.03
C SER D 273 9.81 -8.68 2.29
N LEU D 274 11.10 -8.75 2.63
CA LEU D 274 11.86 -7.55 2.88
C LEU D 274 13.33 -7.79 2.52
N VAL D 275 13.98 -6.78 1.94
CA VAL D 275 15.38 -6.84 1.57
C VAL D 275 16.00 -5.44 1.74
N VAL D 276 17.20 -5.38 2.34
CA VAL D 276 17.94 -4.13 2.45
C VAL D 276 19.16 -4.27 1.55
N GLU D 277 19.54 -3.16 0.92
CA GLU D 277 20.70 -3.08 0.07
C GLU D 277 21.44 -1.79 0.39
N PRO D 278 22.76 -1.85 0.59
CA PRO D 278 23.55 -3.06 0.61
C PRO D 278 23.30 -3.79 1.95
N MET D 279 24.11 -4.83 2.22
CA MET D 279 23.93 -5.61 3.44
C MET D 279 25.14 -5.41 4.36
N GLN D 280 25.79 -4.26 4.23
CA GLN D 280 26.94 -3.99 5.03
C GLN D 280 27.17 -2.48 5.07
N TYR D 281 27.95 -2.04 6.06
CA TYR D 281 28.40 -0.66 6.23
C TYR D 281 29.70 -0.68 7.01
N GLY D 282 30.77 -0.21 6.39
CA GLY D 282 32.07 -0.20 7.04
C GLY D 282 32.45 -1.59 7.51
N HIS D 283 32.67 -1.74 8.83
CA HIS D 283 33.10 -3.02 9.40
C HIS D 283 31.93 -3.81 9.99
N LEU D 284 30.69 -3.43 9.65
CA LEU D 284 29.49 -4.15 10.11
C LEU D 284 28.85 -4.85 8.92
N PHE D 285 28.50 -6.13 9.11
CA PHE D 285 27.90 -6.97 8.08
C PHE D 285 26.59 -7.52 8.64
N LEU D 286 25.49 -7.31 7.90
CA LEU D 286 24.17 -7.79 8.29
C LEU D 286 24.01 -9.21 7.76
N VAL D 287 23.49 -10.10 8.60
CA VAL D 287 23.36 -11.50 8.28
C VAL D 287 21.96 -11.98 8.64
N GLY D 288 21.35 -12.72 7.71
CA GLY D 288 20.07 -13.34 7.94
C GLY D 288 18.94 -12.37 8.12
N ASP D 289 18.04 -12.70 9.07
CA ASP D 289 16.82 -11.91 9.30
C ASP D 289 17.15 -10.45 9.62
N ALA D 290 18.43 -10.13 9.90
CA ALA D 290 18.79 -8.71 10.16
C ALA D 290 18.81 -7.93 8.84
N ALA D 291 18.95 -8.65 7.72
CA ALA D 291 19.06 -8.02 6.39
C ALA D 291 17.83 -8.31 5.51
N HIS D 292 17.15 -9.44 5.72
CA HIS D 292 16.09 -9.80 4.80
C HIS D 292 15.13 -10.80 5.45
N ILE D 293 13.86 -10.70 5.05
CA ILE D 293 12.77 -11.56 5.50
C ILE D 293 12.06 -12.12 4.27
N VAL D 294 11.67 -13.39 4.38
CA VAL D 294 10.84 -13.99 3.36
C VAL D 294 9.62 -14.56 4.04
N PRO D 295 8.50 -14.72 3.30
CA PRO D 295 7.34 -15.43 3.82
C PRO D 295 7.81 -16.89 3.81
N PRO D 296 7.39 -17.73 4.77
CA PRO D 296 7.90 -19.12 4.83
C PRO D 296 7.38 -20.14 3.81
N THR D 297 6.61 -19.68 2.82
CA THR D 297 5.93 -20.51 1.84
C THR D 297 6.90 -21.33 0.99
N GLY D 298 8.13 -20.84 0.86
CA GLY D 298 9.14 -21.58 0.09
C GLY D 298 10.23 -22.18 0.97
N ALA D 299 10.08 -22.06 2.29
CA ALA D 299 11.04 -22.62 3.26
C ALA D 299 12.45 -22.05 3.04
N LYS D 300 12.58 -20.73 2.92
CA LYS D 300 13.89 -20.16 2.56
C LYS D 300 14.55 -19.33 3.66
N GLY D 301 13.81 -18.88 4.67
CA GLY D 301 14.40 -17.97 5.69
C GLY D 301 15.73 -18.47 6.26
N LEU D 302 15.68 -19.60 6.96
CA LEU D 302 16.87 -20.15 7.61
C LEU D 302 17.96 -20.45 6.59
N ASN D 303 17.55 -20.90 5.40
CA ASN D 303 18.49 -21.32 4.37
C ASN D 303 19.23 -20.11 3.77
N LEU D 304 18.55 -18.98 3.67
CA LEU D 304 19.19 -17.72 3.21
C LEU D 304 20.14 -17.21 4.29
N ALA D 305 19.72 -17.34 5.55
CA ALA D 305 20.59 -16.94 6.62
C ALA D 305 21.90 -17.75 6.50
N ALA D 306 21.76 -19.07 6.28
CA ALA D 306 22.93 -19.93 6.21
C ALA D 306 23.81 -19.56 5.02
N SER D 307 23.21 -19.04 3.94
CA SER D 307 24.04 -18.69 2.78
C SER D 307 24.77 -17.37 3.05
N ASP D 308 24.06 -16.42 3.67
CA ASP D 308 24.72 -15.20 4.14
C ASP D 308 25.94 -15.58 4.99
N VAL D 309 25.75 -16.52 5.92
CA VAL D 309 26.84 -16.97 6.80
C VAL D 309 27.98 -17.56 5.96
N ASN D 310 27.64 -18.41 5.00
CA ASN D 310 28.62 -19.01 4.13
C ASN D 310 29.57 -17.96 3.55
N TYR D 311 28.98 -16.91 2.95
CA TYR D 311 29.78 -15.88 2.27
C TYR D 311 30.63 -15.07 3.26
N LEU D 312 30.03 -14.68 4.39
CA LEU D 312 30.79 -13.89 5.33
C LEU D 312 31.96 -14.72 5.89
N TYR D 313 31.67 -16.01 6.15
CA TYR D 313 32.64 -16.95 6.69
C TYR D 313 33.81 -17.15 5.72
N ARG D 314 33.51 -17.48 4.45
CA ARG D 314 34.61 -17.75 3.50
C ARG D 314 35.42 -16.47 3.24
N ILE D 315 34.77 -15.31 3.28
CA ILE D 315 35.50 -14.08 3.06
C ILE D 315 36.40 -13.76 4.27
N LEU D 316 35.89 -13.92 5.50
CA LEU D 316 36.71 -13.58 6.65
C LEU D 316 37.94 -14.51 6.72
N VAL D 317 37.77 -15.77 6.30
CA VAL D 317 38.92 -16.69 6.40
C VAL D 317 40.04 -16.17 5.50
N LYS D 318 39.66 -15.65 4.33
CA LYS D 318 40.65 -15.18 3.37
C LYS D 318 41.21 -13.84 3.83
N VAL D 319 40.39 -13.06 4.54
CA VAL D 319 40.84 -11.77 5.02
C VAL D 319 41.95 -11.99 6.03
N TYR D 320 41.72 -12.90 6.98
CA TYR D 320 42.68 -13.12 8.04
C TYR D 320 43.90 -13.92 7.54
N HIS D 321 43.69 -14.92 6.67
CA HIS D 321 44.81 -15.80 6.26
C HIS D 321 45.65 -15.22 5.11
N GLU D 322 45.02 -14.42 4.23
CA GLU D 322 45.68 -13.90 3.03
C GLU D 322 45.77 -12.38 3.06
N GLY D 323 45.28 -11.76 4.13
CA GLY D 323 45.29 -10.29 4.27
C GLY D 323 44.41 -9.56 3.25
N ARG D 324 43.67 -10.30 2.42
CA ARG D 324 42.83 -9.69 1.37
C ARG D 324 41.61 -8.97 1.99
N VAL D 325 41.83 -7.74 2.47
CA VAL D 325 40.77 -6.92 3.08
C VAL D 325 39.72 -6.54 2.00
N ASP D 326 40.19 -6.43 0.75
CA ASP D 326 39.35 -6.03 -0.41
C ASP D 326 38.17 -6.97 -0.63
N LEU D 327 38.27 -8.22 -0.16
CA LEU D 327 37.19 -9.19 -0.41
C LEU D 327 35.91 -8.86 0.35
N LEU D 328 36.00 -8.12 1.45
CA LEU D 328 34.82 -7.82 2.25
C LEU D 328 33.79 -7.03 1.42
N ALA D 329 34.23 -6.30 0.39
CA ALA D 329 33.30 -5.54 -0.43
C ALA D 329 32.43 -6.49 -1.26
N GLN D 330 32.82 -7.76 -1.32
CA GLN D 330 32.05 -8.72 -2.15
C GLN D 330 30.95 -9.41 -1.33
N TYR D 331 30.89 -9.12 -0.02
CA TYR D 331 29.88 -9.74 0.84
C TYR D 331 28.48 -9.42 0.32
N SER D 332 28.12 -8.13 0.27
CA SER D 332 26.76 -7.73 -0.18
C SER D 332 26.47 -8.22 -1.60
N PRO D 333 27.35 -7.94 -2.58
CA PRO D 333 27.12 -8.46 -3.94
C PRO D 333 26.76 -9.96 -3.96
N LEU D 334 27.56 -10.80 -3.30
CA LEU D 334 27.34 -12.26 -3.28
C LEU D 334 26.04 -12.61 -2.54
N ALA D 335 25.86 -12.05 -1.34
CA ALA D 335 24.71 -12.42 -0.53
C ALA D 335 23.40 -12.02 -1.23
N LEU D 336 23.34 -10.80 -1.76
CA LEU D 336 22.12 -10.27 -2.37
C LEU D 336 21.72 -11.10 -3.58
N ARG D 337 22.72 -11.55 -4.36
CA ARG D 337 22.38 -12.35 -5.55
C ARG D 337 21.56 -13.58 -5.12
N ARG D 338 21.93 -14.20 -3.99
CA ARG D 338 21.17 -15.39 -3.61
C ARG D 338 19.88 -14.97 -2.88
N VAL D 339 19.93 -13.85 -2.17
CA VAL D 339 18.75 -13.39 -1.46
C VAL D 339 17.62 -13.13 -2.47
N TRP D 340 17.93 -12.46 -3.58
CA TRP D 340 16.86 -12.13 -4.54
C TRP D 340 16.25 -13.39 -5.16
N LYS D 341 17.06 -14.40 -5.45
CA LYS D 341 16.53 -15.64 -5.98
C LYS D 341 15.57 -16.27 -4.97
N GLY D 342 15.98 -16.32 -3.69
CA GLY D 342 15.15 -16.89 -2.67
C GLY D 342 13.90 -16.04 -2.43
N GLU D 343 14.06 -14.72 -2.49
CA GLU D 343 12.92 -13.79 -2.28
C GLU D 343 11.91 -13.97 -3.43
N ARG D 344 12.40 -14.06 -4.66
CA ARG D 344 11.54 -14.25 -5.84
C ARG D 344 10.68 -15.51 -5.68
N PHE D 345 11.32 -16.62 -5.26
CA PHE D 345 10.63 -17.90 -5.19
C PHE D 345 9.61 -17.92 -4.05
N SER D 346 9.98 -17.30 -2.91
CA SER D 346 9.11 -17.23 -1.74
C SER D 346 7.85 -16.44 -2.11
N TRP D 347 8.05 -15.36 -2.87
CA TRP D 347 6.97 -14.50 -3.33
C TRP D 347 6.08 -15.28 -4.30
N PHE D 348 6.71 -15.99 -5.24
CA PHE D 348 6.02 -16.79 -6.22
C PHE D 348 5.09 -17.80 -5.51
N MET D 349 5.64 -18.55 -4.56
CA MET D 349 4.88 -19.59 -3.85
C MET D 349 3.76 -18.96 -3.03
N THR D 350 4.03 -17.80 -2.42
CA THR D 350 3.00 -17.17 -1.60
C THR D 350 1.82 -16.78 -2.51
N GLN D 351 2.10 -16.07 -3.61
CA GLN D 351 1.08 -15.63 -4.60
C GLN D 351 0.37 -16.84 -5.22
N LEU D 352 1.07 -17.98 -5.32
CA LEU D 352 0.51 -19.16 -5.98
C LEU D 352 -0.47 -19.91 -5.08
N LEU D 353 -0.23 -19.87 -3.77
CA LEU D 353 -0.97 -20.77 -2.89
C LEU D 353 -1.90 -20.09 -1.87
N HIS D 354 -1.86 -18.75 -1.75
CA HIS D 354 -2.72 -18.12 -0.73
C HIS D 354 -4.00 -17.51 -1.34
N ASP D 355 -4.88 -17.12 -0.41
CA ASP D 355 -6.13 -16.37 -0.68
C ASP D 355 -5.88 -14.91 -0.27
N PHE D 356 -5.96 -13.99 -1.24
CA PHE D 356 -5.69 -12.58 -0.99
C PHE D 356 -7.00 -11.78 -0.80
N GLY D 357 -8.14 -12.46 -0.95
CA GLY D 357 -9.44 -11.78 -0.81
C GLY D 357 -9.57 -10.62 -1.78
N SER D 358 -9.95 -9.45 -1.28
CA SER D 358 -10.12 -8.29 -2.15
C SER D 358 -8.80 -7.52 -2.30
N HIS D 359 -7.69 -8.08 -1.81
CA HIS D 359 -6.39 -7.43 -1.95
C HIS D 359 -5.83 -7.66 -3.36
N LYS D 360 -6.45 -8.56 -4.13
CA LYS D 360 -6.06 -8.77 -5.54
C LYS D 360 -7.33 -8.61 -6.39
N ASP D 361 -7.21 -7.87 -7.50
CA ASP D 361 -8.35 -7.63 -8.39
C ASP D 361 -8.70 -8.94 -9.09
N ALA D 362 -9.79 -8.90 -9.85
CA ALA D 362 -10.32 -10.09 -10.51
C ALA D 362 -9.30 -10.68 -11.49
N TRP D 363 -8.51 -9.82 -12.15
CA TRP D 363 -7.50 -10.28 -13.13
C TRP D 363 -6.36 -11.05 -12.44
N ASP D 364 -5.84 -10.51 -11.33
CA ASP D 364 -4.74 -11.19 -10.62
C ASP D 364 -5.21 -12.55 -10.09
N GLN D 365 -6.51 -12.64 -9.73
CA GLN D 365 -7.08 -13.91 -9.24
C GLN D 365 -7.08 -14.94 -10.38
N LYS D 366 -7.51 -14.51 -11.57
CA LYS D 366 -7.51 -15.41 -12.71
C LYS D 366 -6.08 -15.85 -13.03
N MET D 367 -5.12 -14.92 -12.88
CA MET D 367 -3.74 -15.27 -13.21
C MET D 367 -3.19 -16.31 -12.23
N GLN D 368 -3.49 -16.12 -10.93
N GLN D 368 -3.48 -16.20 -10.93
CA GLN D 368 -3.15 -17.07 -9.83
CA GLN D 368 -2.91 -17.19 -9.99
C GLN D 368 -3.63 -18.48 -10.21
C GLN D 368 -3.64 -18.54 -10.13
N GLU D 369 -4.91 -18.54 -10.59
CA GLU D 369 -5.58 -19.82 -10.91
C GLU D 369 -4.88 -20.45 -12.13
N ALA D 370 -4.60 -19.59 -13.11
CA ALA D 370 -3.95 -20.04 -14.34
C ALA D 370 -2.53 -20.53 -14.00
N ASP D 371 -1.88 -19.82 -13.07
CA ASP D 371 -0.54 -20.21 -12.64
C ASP D 371 -0.62 -21.58 -11.97
N ARG D 372 -1.64 -21.74 -11.11
CA ARG D 372 -1.83 -22.99 -10.38
C ARG D 372 -2.08 -24.12 -11.38
N GLU D 373 -2.80 -23.81 -12.46
CA GLU D 373 -3.09 -24.82 -13.48
C GLU D 373 -1.81 -25.18 -14.24
N TYR D 374 -1.09 -24.16 -14.75
CA TYR D 374 0.11 -24.41 -15.57
C TYR D 374 1.25 -25.07 -14.79
N PHE D 375 1.61 -24.49 -13.63
CA PHE D 375 2.80 -24.96 -12.88
C PHE D 375 2.63 -26.37 -12.30
N LEU D 376 1.40 -26.77 -11.96
CA LEU D 376 1.22 -28.10 -11.34
C LEU D 376 0.78 -29.17 -12.36
N THR D 377 0.74 -28.78 -13.65
CA THR D 377 0.33 -29.68 -14.76
C THR D 377 1.52 -29.86 -15.72
N SER D 378 2.22 -28.78 -16.03
CA SER D 378 3.34 -28.80 -16.96
C SER D 378 4.57 -29.43 -16.30
N PRO D 379 5.17 -30.47 -16.91
CA PRO D 379 6.39 -31.09 -16.36
C PRO D 379 7.49 -30.05 -16.10
N ALA D 380 7.61 -29.07 -17.00
CA ALA D 380 8.65 -28.03 -16.86
C ALA D 380 8.29 -27.08 -15.71
N GLY D 381 7.00 -26.96 -15.43
CA GLY D 381 6.53 -26.15 -14.33
C GLY D 381 6.95 -26.76 -13.00
N LEU D 382 6.83 -28.08 -12.90
CA LEU D 382 7.17 -28.84 -11.69
C LEU D 382 8.69 -28.79 -11.48
N VAL D 383 9.47 -28.87 -12.56
CA VAL D 383 10.94 -28.81 -12.52
C VAL D 383 11.33 -27.44 -11.96
N ASN D 384 10.68 -26.41 -12.48
CA ASN D 384 10.91 -25.05 -12.05
C ASN D 384 10.82 -24.99 -10.52
N ILE D 385 9.67 -25.41 -9.99
CA ILE D 385 9.40 -25.34 -8.57
C ILE D 385 10.40 -26.19 -7.77
N ALA D 386 10.69 -27.40 -8.27
CA ALA D 386 11.54 -28.32 -7.54
C ALA D 386 12.97 -27.78 -7.42
N GLU D 387 13.53 -27.26 -8.52
CA GLU D 387 14.92 -26.78 -8.50
C GLU D 387 15.01 -25.58 -7.52
N ASN D 388 13.97 -24.74 -7.46
CA ASN D 388 13.97 -23.59 -6.54
C ASN D 388 13.79 -24.07 -5.10
N TYR D 389 12.99 -25.13 -4.92
CA TYR D 389 12.68 -25.59 -3.58
C TYR D 389 13.92 -26.21 -2.90
N VAL D 390 14.68 -27.04 -3.62
CA VAL D 390 15.84 -27.72 -3.02
C VAL D 390 16.96 -26.71 -2.75
N GLY D 391 16.89 -25.53 -3.37
CA GLY D 391 17.89 -24.50 -3.12
C GLY D 391 18.88 -24.38 -4.25
N LEU D 392 19.06 -23.14 -4.70
CA LEU D 392 19.97 -22.86 -5.80
C LEU D 392 21.39 -22.85 -5.23
N PRO D 393 22.43 -23.00 -6.08
CA PRO D 393 23.80 -23.19 -5.58
C PRO D 393 24.48 -21.99 -4.93
N PHE D 394 25.40 -22.26 -4.00
CA PHE D 394 26.24 -21.21 -3.46
C PHE D 394 27.30 -20.85 -4.51
N GLU D 395 27.52 -19.56 -4.75
CA GLU D 395 28.61 -19.16 -5.61
C GLU D 395 29.90 -19.35 -4.82
N GLU D 396 31.03 -19.42 -5.52
CA GLU D 396 32.32 -19.55 -4.90
C GLU D 396 32.84 -18.15 -4.54
N VAL D 397 33.65 -18.09 -3.48
CA VAL D 397 34.29 -16.84 -3.12
C VAL D 397 35.66 -16.85 -3.78
N ALA D 398 35.79 -16.08 -4.88
CA ALA D 398 37.05 -15.98 -5.63
C ALA D 398 38.06 -15.19 -4.80
#